data_3Q0B
# 
_entry.id   3Q0B 
# 
_audit_conform.dict_name       mmcif_pdbx.dic 
_audit_conform.dict_version    5.399 
_audit_conform.dict_location   http://mmcif.pdb.org/dictionaries/ascii/mmcif_pdbx.dic 
# 
loop_
_database_2.database_id 
_database_2.database_code 
_database_2.pdbx_database_accession 
_database_2.pdbx_DOI 
PDB   3Q0B         pdb_00003q0b 10.2210/pdb3q0b/pdb 
NDB   NA0901       ?            ?                   
RCSB  RCSB063033   ?            ?                   
WWPDB D_1000063033 ?            ?                   
# 
loop_
_pdbx_audit_revision_history.ordinal 
_pdbx_audit_revision_history.data_content_type 
_pdbx_audit_revision_history.major_revision 
_pdbx_audit_revision_history.minor_revision 
_pdbx_audit_revision_history.revision_date 
1 'Structure model' 1 0 2011-02-02 
2 'Structure model' 1 1 2011-07-13 
3 'Structure model' 1 2 2024-11-20 
# 
_pdbx_audit_revision_details.ordinal             1 
_pdbx_audit_revision_details.revision_ordinal    1 
_pdbx_audit_revision_details.data_content_type   'Structure model' 
_pdbx_audit_revision_details.provider            repository 
_pdbx_audit_revision_details.type                'Initial release' 
_pdbx_audit_revision_details.description         ? 
_pdbx_audit_revision_details.details             ? 
# 
loop_
_pdbx_audit_revision_group.ordinal 
_pdbx_audit_revision_group.revision_ordinal 
_pdbx_audit_revision_group.data_content_type 
_pdbx_audit_revision_group.group 
1 2 'Structure model' 'Version format compliance' 
2 3 'Structure model' 'Data collection'           
3 3 'Structure model' 'Database references'       
4 3 'Structure model' 'Derived calculations'      
5 3 'Structure model' 'Structure summary'         
# 
loop_
_pdbx_audit_revision_category.ordinal 
_pdbx_audit_revision_category.revision_ordinal 
_pdbx_audit_revision_category.data_content_type 
_pdbx_audit_revision_category.category 
1 3 'Structure model' chem_comp_atom            
2 3 'Structure model' chem_comp_bond            
3 3 'Structure model' database_2                
4 3 'Structure model' pdbx_entry_details        
5 3 'Structure model' pdbx_modification_feature 
6 3 'Structure model' struct_conn               
# 
loop_
_pdbx_audit_revision_item.ordinal 
_pdbx_audit_revision_item.revision_ordinal 
_pdbx_audit_revision_item.data_content_type 
_pdbx_audit_revision_item.item 
1 3 'Structure model' '_database_2.pdbx_DOI'                
2 3 'Structure model' '_database_2.pdbx_database_accession' 
3 3 'Structure model' '_struct_conn.pdbx_leaving_atom_flag' 
# 
_pdbx_database_status.status_code                     REL 
_pdbx_database_status.entry_id                        3Q0B 
_pdbx_database_status.recvd_initial_deposition_date   2010-12-15 
_pdbx_database_status.deposit_site                    RCSB 
_pdbx_database_status.process_site                    RCSB 
_pdbx_database_status.status_code_sf                  REL 
_pdbx_database_status.status_code_mr                  ? 
_pdbx_database_status.SG_entry                        ? 
_pdbx_database_status.status_code_cs                  ? 
_pdbx_database_status.pdb_format_compatible           Y 
_pdbx_database_status.status_code_nmr_data            ? 
_pdbx_database_status.methods_development_category    ? 
# 
loop_
_pdbx_database_related.db_name 
_pdbx_database_related.db_id 
_pdbx_database_related.details 
_pdbx_database_related.content_type 
PDB 3Q0C 'Crystal structure of SUVH5 SRA-fully methylated CG DNA in space group P6122' unspecified 
PDB 3Q0D 'Crystal structure of SUVH5 SRA-hemi methylated CG complex'                   unspecified 
PDB 3Q0F 'Crystal structure of SUVH5 SRA-methylated CHH DNA complex'                   unspecified 
# 
loop_
_audit_author.name 
_audit_author.pdbx_ordinal 
'Eerappa, R.'    1 
'Simanshu, D.K.' 2 
'Patel, D.J.'    3 
# 
_citation.id                        primary 
_citation.title                     
;A dual flip-out mechanism for 5mC recognition by the Arabidopsis SUVH5 SRA domain and its impact on DNA methylation and H3K9 dimethylation in vivo.
;
_citation.journal_abbrev            'Genes Dev.' 
_citation.journal_volume            25 
_citation.page_first                137 
_citation.page_last                 152 
_citation.year                      2011 
_citation.journal_id_ASTM           GEDEEP 
_citation.country                   US 
_citation.journal_id_ISSN           0890-9369 
_citation.journal_id_CSD            2056 
_citation.book_publisher            ? 
_citation.pdbx_database_id_PubMed   21245167 
_citation.pdbx_database_id_DOI      10.1101/gad.1980311 
# 
loop_
_citation_author.citation_id 
_citation_author.name 
_citation_author.ordinal 
_citation_author.identifier_ORCID 
primary 'Rajakumara, E.' 1 ? 
primary 'Law, J.A.'      2 ? 
primary 'Simanshu, D.K.' 3 ? 
primary 'Voigt, P.'      4 ? 
primary 'Johnson, L.M.'  5 ? 
primary 'Reinberg, D.'   6 ? 
primary 'Patel, D.J.'    7 ? 
primary 'Jacobsen, S.E.' 8 ? 
# 
loop_
_entity.id 
_entity.type 
_entity.src_method 
_entity.pdbx_description 
_entity.formula_weight 
_entity.pdbx_number_of_molecules 
_entity.pdbx_ec 
_entity.pdbx_mutation 
_entity.pdbx_fragment 
_entity.details 
1 polymer man 'Histone-lysine N-methyltransferase, H3 lysine-9 specific SUVH5' 18609.711 1  2.1.1.43 ? 
'SUVH5 SRA Domain (UNP Residues 362-528)' ?                                            
2 polymer syn 
;DNA (5'-D(*AP*CP*TP*AP*(5CM)P*GP*TP*AP*GP*T)-3')
;
3058.043  1  ?        ? ?                                         'Self complementary fully methylated CG DNA' 
3 water   nat water                                                            18.015    63 ?        ? ? ? 
# 
_entity_name_com.entity_id   1 
_entity_name_com.name        
;Histone H3-K9 methyltransferase 5, H3-K9-HMTase 5, Protein SET DOMAIN GROUP 9, Suppressor of variegation 3-9 homolog protein 5, Su(var)3-9 homolog protein 5
;
# 
loop_
_entity_poly.entity_id 
_entity_poly.type 
_entity_poly.nstd_linkage 
_entity_poly.nstd_monomer 
_entity_poly.pdbx_seq_one_letter_code 
_entity_poly.pdbx_seq_one_letter_code_can 
_entity_poly.pdbx_strand_id 
_entity_poly.pdbx_target_identifier 
1 'polypeptide(L)'        no yes 
;QIIGTVPGVEVGDEFQYR(MSE)ELNLLGIHRPSQSGIDY(MSE)KDDGGELVATSIVSSGGYNDVLDNSDVLIYTGQGG
NVGKKKNNEPPKDQQLVTGNLALKNSINKKNPVRVIRGIKNTTLQSSVVAKNYVYDGLYLVEEYWEETGSHGKLVFKFKL
RRIPGQPELPWKEVA
;
;QIIGTVPGVEVGDEFQYRMELNLLGIHRPSQSGIDYMKDDGGELVATSIVSSGGYNDVLDNSDVLIYTGQGGNVGKKKNN
EPPKDQQLVTGNLALKNSINKKNPVRVIRGIKNTTLQSSVVAKNYVYDGLYLVEEYWEETGSHGKLVFKFKLRRIPGQPE
LPWKEVA
;
X ? 
2 polydeoxyribonucleotide no yes '(DA)(DC)(DT)(DA)(5CM)(DG)(DT)(DA)(DG)(DT)' ACTACGTAGT A ? 
# 
_pdbx_entity_nonpoly.entity_id   3 
_pdbx_entity_nonpoly.name        water 
_pdbx_entity_nonpoly.comp_id     HOH 
# 
loop_
_entity_poly_seq.entity_id 
_entity_poly_seq.num 
_entity_poly_seq.mon_id 
_entity_poly_seq.hetero 
1 1   GLN n 
1 2   ILE n 
1 3   ILE n 
1 4   GLY n 
1 5   THR n 
1 6   VAL n 
1 7   PRO n 
1 8   GLY n 
1 9   VAL n 
1 10  GLU n 
1 11  VAL n 
1 12  GLY n 
1 13  ASP n 
1 14  GLU n 
1 15  PHE n 
1 16  GLN n 
1 17  TYR n 
1 18  ARG n 
1 19  MSE n 
1 20  GLU n 
1 21  LEU n 
1 22  ASN n 
1 23  LEU n 
1 24  LEU n 
1 25  GLY n 
1 26  ILE n 
1 27  HIS n 
1 28  ARG n 
1 29  PRO n 
1 30  SER n 
1 31  GLN n 
1 32  SER n 
1 33  GLY n 
1 34  ILE n 
1 35  ASP n 
1 36  TYR n 
1 37  MSE n 
1 38  LYS n 
1 39  ASP n 
1 40  ASP n 
1 41  GLY n 
1 42  GLY n 
1 43  GLU n 
1 44  LEU n 
1 45  VAL n 
1 46  ALA n 
1 47  THR n 
1 48  SER n 
1 49  ILE n 
1 50  VAL n 
1 51  SER n 
1 52  SER n 
1 53  GLY n 
1 54  GLY n 
1 55  TYR n 
1 56  ASN n 
1 57  ASP n 
1 58  VAL n 
1 59  LEU n 
1 60  ASP n 
1 61  ASN n 
1 62  SER n 
1 63  ASP n 
1 64  VAL n 
1 65  LEU n 
1 66  ILE n 
1 67  TYR n 
1 68  THR n 
1 69  GLY n 
1 70  GLN n 
1 71  GLY n 
1 72  GLY n 
1 73  ASN n 
1 74  VAL n 
1 75  GLY n 
1 76  LYS n 
1 77  LYS n 
1 78  LYS n 
1 79  ASN n 
1 80  ASN n 
1 81  GLU n 
1 82  PRO n 
1 83  PRO n 
1 84  LYS n 
1 85  ASP n 
1 86  GLN n 
1 87  GLN n 
1 88  LEU n 
1 89  VAL n 
1 90  THR n 
1 91  GLY n 
1 92  ASN n 
1 93  LEU n 
1 94  ALA n 
1 95  LEU n 
1 96  LYS n 
1 97  ASN n 
1 98  SER n 
1 99  ILE n 
1 100 ASN n 
1 101 LYS n 
1 102 LYS n 
1 103 ASN n 
1 104 PRO n 
1 105 VAL n 
1 106 ARG n 
1 107 VAL n 
1 108 ILE n 
1 109 ARG n 
1 110 GLY n 
1 111 ILE n 
1 112 LYS n 
1 113 ASN n 
1 114 THR n 
1 115 THR n 
1 116 LEU n 
1 117 GLN n 
1 118 SER n 
1 119 SER n 
1 120 VAL n 
1 121 VAL n 
1 122 ALA n 
1 123 LYS n 
1 124 ASN n 
1 125 TYR n 
1 126 VAL n 
1 127 TYR n 
1 128 ASP n 
1 129 GLY n 
1 130 LEU n 
1 131 TYR n 
1 132 LEU n 
1 133 VAL n 
1 134 GLU n 
1 135 GLU n 
1 136 TYR n 
1 137 TRP n 
1 138 GLU n 
1 139 GLU n 
1 140 THR n 
1 141 GLY n 
1 142 SER n 
1 143 HIS n 
1 144 GLY n 
1 145 LYS n 
1 146 LEU n 
1 147 VAL n 
1 148 PHE n 
1 149 LYS n 
1 150 PHE n 
1 151 LYS n 
1 152 LEU n 
1 153 ARG n 
1 154 ARG n 
1 155 ILE n 
1 156 PRO n 
1 157 GLY n 
1 158 GLN n 
1 159 PRO n 
1 160 GLU n 
1 161 LEU n 
1 162 PRO n 
1 163 TRP n 
1 164 LYS n 
1 165 GLU n 
1 166 VAL n 
1 167 ALA n 
2 1   DA  n 
2 2   DC  n 
2 3   DT  n 
2 4   DA  n 
2 5   5CM n 
2 6   DG  n 
2 7   DT  n 
2 8   DA  n 
2 9   DG  n 
2 10  DT  n 
# 
_entity_src_gen.entity_id                          1 
_entity_src_gen.pdbx_src_id                        1 
_entity_src_gen.pdbx_alt_source_flag               sample 
_entity_src_gen.pdbx_seq_type                      ? 
_entity_src_gen.pdbx_beg_seq_num                   ? 
_entity_src_gen.pdbx_end_seq_num                   ? 
_entity_src_gen.gene_src_common_name               'mouse-ear cress,thale-cress' 
_entity_src_gen.gene_src_genus                     ? 
_entity_src_gen.pdbx_gene_src_gene                 'At2g35160, SDG9, SET9, SUVH5, T4C15.17' 
_entity_src_gen.gene_src_species                   ? 
_entity_src_gen.gene_src_strain                    ? 
_entity_src_gen.gene_src_tissue                    ? 
_entity_src_gen.gene_src_tissue_fraction           ? 
_entity_src_gen.gene_src_details                   'Cleavable N-terminal His-Sumo Tag' 
_entity_src_gen.pdbx_gene_src_fragment             ? 
_entity_src_gen.pdbx_gene_src_scientific_name      'Arabidopsis thaliana' 
_entity_src_gen.pdbx_gene_src_ncbi_taxonomy_id     3702 
_entity_src_gen.pdbx_gene_src_variant              ? 
_entity_src_gen.pdbx_gene_src_cell_line            ? 
_entity_src_gen.pdbx_gene_src_atcc                 ? 
_entity_src_gen.pdbx_gene_src_organ                ? 
_entity_src_gen.pdbx_gene_src_organelle            ? 
_entity_src_gen.pdbx_gene_src_cell                 ? 
_entity_src_gen.pdbx_gene_src_cellular_location    ? 
_entity_src_gen.host_org_common_name               ? 
_entity_src_gen.pdbx_host_org_scientific_name      'Escherichia coli' 
_entity_src_gen.pdbx_host_org_ncbi_taxonomy_id     469008 
_entity_src_gen.host_org_genus                     ? 
_entity_src_gen.pdbx_host_org_gene                 ? 
_entity_src_gen.pdbx_host_org_organ                ? 
_entity_src_gen.host_org_species                   ? 
_entity_src_gen.pdbx_host_org_tissue               ? 
_entity_src_gen.pdbx_host_org_tissue_fraction      ? 
_entity_src_gen.pdbx_host_org_strain               'rosetta2 (DE3)' 
_entity_src_gen.pdbx_host_org_variant              ? 
_entity_src_gen.pdbx_host_org_cell_line            ? 
_entity_src_gen.pdbx_host_org_atcc                 ? 
_entity_src_gen.pdbx_host_org_culture_collection   ? 
_entity_src_gen.pdbx_host_org_cell                 ? 
_entity_src_gen.pdbx_host_org_organelle            ? 
_entity_src_gen.pdbx_host_org_cellular_location    ? 
_entity_src_gen.pdbx_host_org_vector_type          plasmid 
_entity_src_gen.pdbx_host_org_vector               ? 
_entity_src_gen.host_org_details                   ? 
_entity_src_gen.expression_system_id               ? 
_entity_src_gen.plasmid_name                       pETSumo 
_entity_src_gen.plasmid_details                    ? 
_entity_src_gen.pdbx_description                   ? 
# 
_pdbx_entity_src_syn.entity_id              2 
_pdbx_entity_src_syn.pdbx_src_id            1 
_pdbx_entity_src_syn.pdbx_alt_source_flag   sample 
_pdbx_entity_src_syn.pdbx_beg_seq_num       ? 
_pdbx_entity_src_syn.pdbx_end_seq_num       ? 
_pdbx_entity_src_syn.organism_scientific    ? 
_pdbx_entity_src_syn.organism_common_name   ? 
_pdbx_entity_src_syn.ncbi_taxonomy_id       ? 
_pdbx_entity_src_syn.details                'Chemically Synthesized' 
# 
loop_
_chem_comp.id 
_chem_comp.type 
_chem_comp.mon_nstd_flag 
_chem_comp.name 
_chem_comp.pdbx_synonyms 
_chem_comp.formula 
_chem_comp.formula_weight 
5CM 'DNA linking'       n "5-METHYL-2'-DEOXY-CYTIDINE-5'-MONOPHOSPHATE" ? 'C10 H16 N3 O7 P' 321.224 
ALA 'L-peptide linking' y ALANINE                                       ? 'C3 H7 N O2'      89.093  
ARG 'L-peptide linking' y ARGININE                                      ? 'C6 H15 N4 O2 1'  175.209 
ASN 'L-peptide linking' y ASPARAGINE                                    ? 'C4 H8 N2 O3'     132.118 
ASP 'L-peptide linking' y 'ASPARTIC ACID'                               ? 'C4 H7 N O4'      133.103 
DA  'DNA linking'       y "2'-DEOXYADENOSINE-5'-MONOPHOSPHATE"          ? 'C10 H14 N5 O6 P' 331.222 
DC  'DNA linking'       y "2'-DEOXYCYTIDINE-5'-MONOPHOSPHATE"           ? 'C9 H14 N3 O7 P'  307.197 
DG  'DNA linking'       y "2'-DEOXYGUANOSINE-5'-MONOPHOSPHATE"          ? 'C10 H14 N5 O7 P' 347.221 
DT  'DNA linking'       y "THYMIDINE-5'-MONOPHOSPHATE"                  ? 'C10 H15 N2 O8 P' 322.208 
GLN 'L-peptide linking' y GLUTAMINE                                     ? 'C5 H10 N2 O3'    146.144 
GLU 'L-peptide linking' y 'GLUTAMIC ACID'                               ? 'C5 H9 N O4'      147.129 
GLY 'peptide linking'   y GLYCINE                                       ? 'C2 H5 N O2'      75.067  
HIS 'L-peptide linking' y HISTIDINE                                     ? 'C6 H10 N3 O2 1'  156.162 
HOH non-polymer         . WATER                                         ? 'H2 O'            18.015  
ILE 'L-peptide linking' y ISOLEUCINE                                    ? 'C6 H13 N O2'     131.173 
LEU 'L-peptide linking' y LEUCINE                                       ? 'C6 H13 N O2'     131.173 
LYS 'L-peptide linking' y LYSINE                                        ? 'C6 H15 N2 O2 1'  147.195 
MSE 'L-peptide linking' n SELENOMETHIONINE                              ? 'C5 H11 N O2 Se'  196.106 
PHE 'L-peptide linking' y PHENYLALANINE                                 ? 'C9 H11 N O2'     165.189 
PRO 'L-peptide linking' y PROLINE                                       ? 'C5 H9 N O2'      115.130 
SER 'L-peptide linking' y SERINE                                        ? 'C3 H7 N O3'      105.093 
THR 'L-peptide linking' y THREONINE                                     ? 'C4 H9 N O3'      119.119 
TRP 'L-peptide linking' y TRYPTOPHAN                                    ? 'C11 H12 N2 O2'   204.225 
TYR 'L-peptide linking' y TYROSINE                                      ? 'C9 H11 N O3'     181.189 
VAL 'L-peptide linking' y VALINE                                        ? 'C5 H11 N O2'     117.146 
# 
loop_
_pdbx_poly_seq_scheme.asym_id 
_pdbx_poly_seq_scheme.entity_id 
_pdbx_poly_seq_scheme.seq_id 
_pdbx_poly_seq_scheme.mon_id 
_pdbx_poly_seq_scheme.ndb_seq_num 
_pdbx_poly_seq_scheme.pdb_seq_num 
_pdbx_poly_seq_scheme.auth_seq_num 
_pdbx_poly_seq_scheme.pdb_mon_id 
_pdbx_poly_seq_scheme.auth_mon_id 
_pdbx_poly_seq_scheme.pdb_strand_id 
_pdbx_poly_seq_scheme.pdb_ins_code 
_pdbx_poly_seq_scheme.hetero 
A 1 1   GLN 1   362 362 GLN GLN X . n 
A 1 2   ILE 2   363 363 ILE ILE X . n 
A 1 3   ILE 3   364 364 ILE ILE X . n 
A 1 4   GLY 4   365 365 GLY GLY X . n 
A 1 5   THR 5   366 366 THR THR X . n 
A 1 6   VAL 6   367 367 VAL VAL X . n 
A 1 7   PRO 7   368 368 PRO PRO X . n 
A 1 8   GLY 8   369 369 GLY GLY X . n 
A 1 9   VAL 9   370 370 VAL VAL X . n 
A 1 10  GLU 10  371 371 GLU GLU X . n 
A 1 11  VAL 11  372 372 VAL VAL X . n 
A 1 12  GLY 12  373 373 GLY GLY X . n 
A 1 13  ASP 13  374 374 ASP ASP X . n 
A 1 14  GLU 14  375 375 GLU GLU X . n 
A 1 15  PHE 15  376 376 PHE PHE X . n 
A 1 16  GLN 16  377 377 GLN GLN X . n 
A 1 17  TYR 17  378 378 TYR TYR X . n 
A 1 18  ARG 18  379 379 ARG ARG X . n 
A 1 19  MSE 19  380 380 MSE MSE X . n 
A 1 20  GLU 20  381 381 GLU GLU X . n 
A 1 21  LEU 21  382 382 LEU LEU X . n 
A 1 22  ASN 22  383 383 ASN ASN X . n 
A 1 23  LEU 23  384 384 LEU LEU X . n 
A 1 24  LEU 24  385 385 LEU LEU X . n 
A 1 25  GLY 25  386 386 GLY GLY X . n 
A 1 26  ILE 26  387 387 ILE ILE X . n 
A 1 27  HIS 27  388 388 HIS HIS X . n 
A 1 28  ARG 28  389 389 ARG ARG X . n 
A 1 29  PRO 29  390 390 PRO PRO X . n 
A 1 30  SER 30  391 391 SER SER X . n 
A 1 31  GLN 31  392 392 GLN GLN X . n 
A 1 32  SER 32  393 393 SER SER X . n 
A 1 33  GLY 33  394 394 GLY GLY X . n 
A 1 34  ILE 34  395 395 ILE ILE X . n 
A 1 35  ASP 35  396 396 ASP ASP X . n 
A 1 36  TYR 36  397 397 TYR TYR X . n 
A 1 37  MSE 37  398 398 MSE MSE X . n 
A 1 38  LYS 38  399 399 LYS LYS X . n 
A 1 39  ASP 39  400 400 ASP ASP X . n 
A 1 40  ASP 40  401 401 ASP ASP X . n 
A 1 41  GLY 41  402 402 GLY GLY X . n 
A 1 42  GLY 42  403 403 GLY GLY X . n 
A 1 43  GLU 43  404 404 GLU GLU X . n 
A 1 44  LEU 44  405 405 LEU LEU X . n 
A 1 45  VAL 45  406 406 VAL VAL X . n 
A 1 46  ALA 46  407 407 ALA ALA X . n 
A 1 47  THR 47  408 408 THR THR X . n 
A 1 48  SER 48  409 409 SER SER X . n 
A 1 49  ILE 49  410 410 ILE ILE X . n 
A 1 50  VAL 50  411 411 VAL VAL X . n 
A 1 51  SER 51  412 412 SER SER X . n 
A 1 52  SER 52  413 413 SER SER X . n 
A 1 53  GLY 53  414 414 GLY GLY X . n 
A 1 54  GLY 54  415 415 GLY GLY X . n 
A 1 55  TYR 55  416 416 TYR TYR X . n 
A 1 56  ASN 56  417 417 ASN ASN X . n 
A 1 57  ASP 57  418 418 ASP ASP X . n 
A 1 58  VAL 58  419 419 VAL VAL X . n 
A 1 59  LEU 59  420 420 LEU LEU X . n 
A 1 60  ASP 60  421 421 ASP ASP X . n 
A 1 61  ASN 61  422 422 ASN ASN X . n 
A 1 62  SER 62  423 423 SER SER X . n 
A 1 63  ASP 63  424 424 ASP ASP X . n 
A 1 64  VAL 64  425 425 VAL VAL X . n 
A 1 65  LEU 65  426 426 LEU LEU X . n 
A 1 66  ILE 66  427 427 ILE ILE X . n 
A 1 67  TYR 67  428 428 TYR TYR X . n 
A 1 68  THR 68  429 429 THR THR X . n 
A 1 69  GLY 69  430 430 GLY GLY X . n 
A 1 70  GLN 70  431 431 GLN GLN X . n 
A 1 71  GLY 71  432 432 GLY GLY X . n 
A 1 72  GLY 72  433 433 GLY GLY X . n 
A 1 73  ASN 73  434 434 ASN ASN X . n 
A 1 74  VAL 74  435 435 VAL VAL X . n 
A 1 75  GLY 75  436 436 GLY GLY X . n 
A 1 76  LYS 76  437 ?   ?   ?   X . n 
A 1 77  LYS 77  438 ?   ?   ?   X . n 
A 1 78  LYS 78  439 ?   ?   ?   X . n 
A 1 79  ASN 79  440 ?   ?   ?   X . n 
A 1 80  ASN 80  441 ?   ?   ?   X . n 
A 1 81  GLU 81  442 442 GLU ALA X . n 
A 1 82  PRO 82  443 443 PRO PRO X . n 
A 1 83  PRO 83  444 444 PRO PRO X . n 
A 1 84  LYS 84  445 445 LYS LYS X . n 
A 1 85  ASP 85  446 446 ASP ASP X . n 
A 1 86  GLN 86  447 447 GLN GLN X . n 
A 1 87  GLN 87  448 448 GLN GLN X . n 
A 1 88  LEU 88  449 449 LEU LEU X . n 
A 1 89  VAL 89  450 450 VAL VAL X . n 
A 1 90  THR 90  451 451 THR THR X . n 
A 1 91  GLY 91  452 452 GLY GLY X . n 
A 1 92  ASN 92  453 453 ASN ASN X . n 
A 1 93  LEU 93  454 454 LEU LEU X . n 
A 1 94  ALA 94  455 455 ALA ALA X . n 
A 1 95  LEU 95  456 456 LEU LEU X . n 
A 1 96  LYS 96  457 457 LYS LYS X . n 
A 1 97  ASN 97  458 458 ASN ASN X . n 
A 1 98  SER 98  459 459 SER SER X . n 
A 1 99  ILE 99  460 460 ILE ILE X . n 
A 1 100 ASN 100 461 461 ASN ASN X . n 
A 1 101 LYS 101 462 462 LYS LYS X . n 
A 1 102 LYS 102 463 463 LYS LYS X . n 
A 1 103 ASN 103 464 464 ASN ASN X . n 
A 1 104 PRO 104 465 465 PRO PRO X . n 
A 1 105 VAL 105 466 466 VAL VAL X . n 
A 1 106 ARG 106 467 467 ARG ARG X . n 
A 1 107 VAL 107 468 468 VAL VAL X . n 
A 1 108 ILE 108 469 469 ILE ILE X . n 
A 1 109 ARG 109 470 470 ARG ARG X . n 
A 1 110 GLY 110 471 471 GLY GLY X . n 
A 1 111 ILE 111 472 472 ILE ILE X . n 
A 1 112 LYS 112 473 473 LYS LYS X . n 
A 1 113 ASN 113 474 ?   ?   ?   X . n 
A 1 114 THR 114 475 ?   ?   ?   X . n 
A 1 115 THR 115 476 ?   ?   ?   X . n 
A 1 116 LEU 116 477 ?   ?   ?   X . n 
A 1 117 GLN 117 478 ?   ?   ?   X . n 
A 1 118 SER 118 479 ?   ?   ?   X . n 
A 1 119 SER 119 480 ?   ?   ?   X . n 
A 1 120 VAL 120 481 ?   ?   ?   X . n 
A 1 121 VAL 121 482 ?   ?   ?   X . n 
A 1 122 ALA 122 483 ?   ?   ?   X . n 
A 1 123 LYS 123 484 484 LYS LYS X . n 
A 1 124 ASN 124 485 485 ASN ASN X . n 
A 1 125 TYR 125 486 486 TYR TYR X . n 
A 1 126 VAL 126 487 487 VAL VAL X . n 
A 1 127 TYR 127 488 488 TYR TYR X . n 
A 1 128 ASP 128 489 489 ASP ASP X . n 
A 1 129 GLY 129 490 490 GLY GLY X . n 
A 1 130 LEU 130 491 491 LEU LEU X . n 
A 1 131 TYR 131 492 492 TYR TYR X . n 
A 1 132 LEU 132 493 493 LEU LEU X . n 
A 1 133 VAL 133 494 494 VAL VAL X . n 
A 1 134 GLU 134 495 495 GLU GLU X . n 
A 1 135 GLU 135 496 496 GLU GLU X . n 
A 1 136 TYR 136 497 497 TYR TYR X . n 
A 1 137 TRP 137 498 498 TRP TRP X . n 
A 1 138 GLU 138 499 499 GLU GLU X . n 
A 1 139 GLU 139 500 500 GLU GLU X . n 
A 1 140 THR 140 501 501 THR THR X . n 
A 1 141 GLY 141 502 502 GLY GLY X . n 
A 1 142 SER 142 503 503 SER SER X . n 
A 1 143 HIS 143 504 504 HIS HIS X . n 
A 1 144 GLY 144 505 505 GLY GLY X . n 
A 1 145 LYS 145 506 506 LYS LYS X . n 
A 1 146 LEU 146 507 507 LEU LEU X . n 
A 1 147 VAL 147 508 508 VAL VAL X . n 
A 1 148 PHE 148 509 509 PHE PHE X . n 
A 1 149 LYS 149 510 510 LYS LYS X . n 
A 1 150 PHE 150 511 511 PHE PHE X . n 
A 1 151 LYS 151 512 512 LYS LYS X . n 
A 1 152 LEU 152 513 513 LEU LEU X . n 
A 1 153 ARG 153 514 514 ARG ARG X . n 
A 1 154 ARG 154 515 515 ARG ARG X . n 
A 1 155 ILE 155 516 516 ILE ILE X . n 
A 1 156 PRO 156 517 517 PRO PRO X . n 
A 1 157 GLY 157 518 518 GLY GLY X . n 
A 1 158 GLN 158 519 519 GLN GLN X . n 
A 1 159 PRO 159 520 520 PRO PRO X . n 
A 1 160 GLU 160 521 521 GLU GLU X . n 
A 1 161 LEU 161 522 522 LEU LEU X . n 
A 1 162 PRO 162 523 523 PRO PRO X . n 
A 1 163 TRP 163 524 524 TRP TRP X . n 
A 1 164 LYS 164 525 ?   ?   ?   X . n 
A 1 165 GLU 165 526 ?   ?   ?   X . n 
A 1 166 VAL 166 527 ?   ?   ?   X . n 
A 1 167 ALA 167 528 ?   ?   ?   X . n 
B 2 1   DA  1   1   1   DA  DA  A . n 
B 2 2   DC  2   2   2   DC  DC  A . n 
B 2 3   DT  3   3   3   DT  DT  A . n 
B 2 4   DA  4   4   4   DA  DA  A . n 
B 2 5   5CM 5   5   5   5CM 5CM A . n 
B 2 6   DG  6   6   6   DG  DG  A . n 
B 2 7   DT  7   7   7   DT  DT  A . n 
B 2 8   DA  8   8   8   DA  DA  A . n 
B 2 9   DG  9   9   9   DG  DG  A . n 
B 2 10  DT  10  10  10  DT  DT  A . n 
# 
loop_
_pdbx_nonpoly_scheme.asym_id 
_pdbx_nonpoly_scheme.entity_id 
_pdbx_nonpoly_scheme.mon_id 
_pdbx_nonpoly_scheme.ndb_seq_num 
_pdbx_nonpoly_scheme.pdb_seq_num 
_pdbx_nonpoly_scheme.auth_seq_num 
_pdbx_nonpoly_scheme.pdb_mon_id 
_pdbx_nonpoly_scheme.auth_mon_id 
_pdbx_nonpoly_scheme.pdb_strand_id 
_pdbx_nonpoly_scheme.pdb_ins_code 
C 3 HOH 1  2  2  HOH HOH X . 
C 3 HOH 2  3  3  HOH HOH X . 
C 3 HOH 3  4  4  HOH HOH X . 
C 3 HOH 4  6  6  HOH HOH X . 
C 3 HOH 5  7  7  HOH HOH X . 
C 3 HOH 6  8  8  HOH HOH X . 
C 3 HOH 7  10 10 HOH HOH X . 
C 3 HOH 8  12 12 HOH HOH X . 
C 3 HOH 9  14 14 HOH HOH X . 
C 3 HOH 10 15 15 HOH HOH X . 
C 3 HOH 11 17 17 HOH HOH X . 
C 3 HOH 12 18 18 HOH HOH X . 
C 3 HOH 13 20 20 HOH HOH X . 
C 3 HOH 14 21 21 HOH HOH X . 
C 3 HOH 15 22 22 HOH HOH X . 
C 3 HOH 16 23 23 HOH HOH X . 
C 3 HOH 17 24 24 HOH HOH X . 
C 3 HOH 18 25 25 HOH HOH X . 
C 3 HOH 19 26 26 HOH HOH X . 
C 3 HOH 20 27 27 HOH HOH X . 
C 3 HOH 21 28 28 HOH HOH X . 
C 3 HOH 22 29 29 HOH HOH X . 
C 3 HOH 23 30 30 HOH HOH X . 
C 3 HOH 24 34 34 HOH HOH X . 
C 3 HOH 25 35 35 HOH HOH X . 
C 3 HOH 26 36 36 HOH HOH X . 
C 3 HOH 27 38 38 HOH HOH X . 
C 3 HOH 28 40 40 HOH HOH X . 
C 3 HOH 29 41 41 HOH HOH X . 
C 3 HOH 30 42 42 HOH HOH X . 
C 3 HOH 31 43 43 HOH HOH X . 
C 3 HOH 32 44 44 HOH HOH X . 
C 3 HOH 33 45 45 HOH HOH X . 
C 3 HOH 34 46 46 HOH HOH X . 
C 3 HOH 35 47 47 HOH HOH X . 
C 3 HOH 36 48 48 HOH HOH X . 
C 3 HOH 37 50 50 HOH HOH X . 
C 3 HOH 38 52 52 HOH HOH X . 
C 3 HOH 39 53 53 HOH HOH X . 
C 3 HOH 40 54 54 HOH HOH X . 
C 3 HOH 41 55 55 HOH HOH X . 
C 3 HOH 42 58 58 HOH HOH X . 
C 3 HOH 43 59 59 HOH HOH X . 
C 3 HOH 44 62 62 HOH HOH X . 
D 3 HOH 1  11 11 HOH HOH A . 
D 3 HOH 2  12 1  HOH HOH A . 
D 3 HOH 3  13 13 HOH HOH A . 
D 3 HOH 4  14 5  HOH HOH A . 
D 3 HOH 5  15 9  HOH HOH A . 
D 3 HOH 6  16 16 HOH HOH A . 
D 3 HOH 7  19 19 HOH HOH A . 
D 3 HOH 8  31 31 HOH HOH A . 
D 3 HOH 9  32 32 HOH HOH A . 
D 3 HOH 10 33 33 HOH HOH A . 
D 3 HOH 11 37 37 HOH HOH A . 
D 3 HOH 12 39 39 HOH HOH A . 
D 3 HOH 13 49 49 HOH HOH A . 
D 3 HOH 14 51 51 HOH HOH A . 
D 3 HOH 15 56 56 HOH HOH A . 
D 3 HOH 16 57 57 HOH HOH A . 
D 3 HOH 17 60 60 HOH HOH A . 
D 3 HOH 18 61 61 HOH HOH A . 
D 3 HOH 19 63 63 HOH HOH A . 
# 
loop_
_pdbx_unobs_or_zero_occ_atoms.id 
_pdbx_unobs_or_zero_occ_atoms.PDB_model_num 
_pdbx_unobs_or_zero_occ_atoms.polymer_flag 
_pdbx_unobs_or_zero_occ_atoms.occupancy_flag 
_pdbx_unobs_or_zero_occ_atoms.auth_asym_id 
_pdbx_unobs_or_zero_occ_atoms.auth_comp_id 
_pdbx_unobs_or_zero_occ_atoms.auth_seq_id 
_pdbx_unobs_or_zero_occ_atoms.PDB_ins_code 
_pdbx_unobs_or_zero_occ_atoms.auth_atom_id 
_pdbx_unobs_or_zero_occ_atoms.label_alt_id 
_pdbx_unobs_or_zero_occ_atoms.label_asym_id 
_pdbx_unobs_or_zero_occ_atoms.label_comp_id 
_pdbx_unobs_or_zero_occ_atoms.label_seq_id 
_pdbx_unobs_or_zero_occ_atoms.label_atom_id 
1  1 Y 1 X ASP 401 ? CB  ? A ASP 40  CB  
2  1 Y 1 X ASP 401 ? CG  ? A ASP 40  CG  
3  1 Y 1 X ASP 401 ? OD1 ? A ASP 40  OD1 
4  1 Y 1 X ASP 401 ? OD2 ? A ASP 40  OD2 
5  1 Y 1 X GLU 404 ? CG  ? A GLU 43  CG  
6  1 Y 1 X GLU 404 ? CD  ? A GLU 43  CD  
7  1 Y 1 X GLU 404 ? OE1 ? A GLU 43  OE1 
8  1 Y 1 X GLU 404 ? OE2 ? A GLU 43  OE2 
9  1 Y 1 X GLU 442 ? CG  ? A GLU 81  CG  
10 1 Y 1 X GLU 442 ? CD  ? A GLU 81  CD  
11 1 Y 1 X GLU 442 ? OE1 ? A GLU 81  OE1 
12 1 Y 1 X GLU 442 ? OE2 ? A GLU 81  OE2 
13 1 Y 1 X LYS 473 ? CG  ? A LYS 112 CG  
14 1 Y 1 X LYS 473 ? CD  ? A LYS 112 CD  
15 1 Y 1 X LYS 473 ? CE  ? A LYS 112 CE  
16 1 Y 1 X LYS 473 ? NZ  ? A LYS 112 NZ  
17 1 Y 1 X TRP 524 ? CG  ? A TRP 163 CG  
18 1 Y 1 X TRP 524 ? CD1 ? A TRP 163 CD1 
19 1 Y 1 X TRP 524 ? CD2 ? A TRP 163 CD2 
20 1 Y 1 X TRP 524 ? NE1 ? A TRP 163 NE1 
21 1 Y 1 X TRP 524 ? CE2 ? A TRP 163 CE2 
22 1 Y 1 X TRP 524 ? CE3 ? A TRP 163 CE3 
23 1 Y 1 X TRP 524 ? CZ2 ? A TRP 163 CZ2 
24 1 Y 1 X TRP 524 ? CZ3 ? A TRP 163 CZ3 
25 1 Y 1 X TRP 524 ? CH2 ? A TRP 163 CH2 
# 
loop_
_software.name 
_software.classification 
_software.version 
_software.citation_id 
_software.pdbx_ordinal 
ADSC     'data collection' Quantum           ? 1 
SHARP    phasing           .                 ? 2 
PHENIX   refinement        '(phenix.refine)' ? 3 
HKL-2000 'data reduction'  .                 ? 4 
HKL-2000 'data scaling'    .                 ? 5 
# 
_cell.entry_id           3Q0B 
_cell.length_a           76.566 
_cell.length_b           76.566 
_cell.length_c           73.904 
_cell.angle_alpha        90.00 
_cell.angle_beta         90.00 
_cell.angle_gamma        90.00 
_cell.Z_PDB              8 
_cell.pdbx_unique_axis   ? 
_cell.length_a_esd       ? 
_cell.length_b_esd       ? 
_cell.length_c_esd       ? 
_cell.angle_alpha_esd    ? 
_cell.angle_beta_esd     ? 
_cell.angle_gamma_esd    ? 
# 
_symmetry.entry_id                         3Q0B 
_symmetry.space_group_name_H-M             'P 42 21 2' 
_symmetry.pdbx_full_space_group_name_H-M   ? 
_symmetry.cell_setting                     ? 
_symmetry.Int_Tables_number                94 
_symmetry.space_group_name_Hall            ? 
# 
_exptl.entry_id          3Q0B 
_exptl.method            'X-RAY DIFFRACTION' 
_exptl.crystals_number   1 
# 
_exptl_crystal.id                    1 
_exptl_crystal.density_meas          ? 
_exptl_crystal.density_Matthews      2.50 
_exptl_crystal.density_percent_sol   50.79 
_exptl_crystal.description           ? 
_exptl_crystal.F_000                 ? 
_exptl_crystal.preparation           ? 
# 
_exptl_crystal_grow.crystal_id      1 
_exptl_crystal_grow.method          'VAPOR DIFFUSION, SITTING DROP' 
_exptl_crystal_grow.temp            291 
_exptl_crystal_grow.temp_details    ? 
_exptl_crystal_grow.pH              7.5 
_exptl_crystal_grow.pdbx_details    
'19% PEG 4000, 100 mM Tris-HCl, pH 7.5 and 40 mM CaCl2, VAPOR DIFFUSION, SITTING DROP, temperature 291K' 
_exptl_crystal_grow.pdbx_pH_range   ? 
# 
loop_
_diffrn.id 
_diffrn.ambient_temp 
_diffrn.ambient_temp_details 
_diffrn.crystal_id 
1 100 ? 1 
2 ?   ? 1 
3 ?   ? 1 
# 
_diffrn_detector.diffrn_id              1 
_diffrn_detector.detector               CCD 
_diffrn_detector.type                   'ADSC QUANTUM 315' 
_diffrn_detector.pdbx_collection_date   ? 
_diffrn_detector.details                'cryogenecally-cooled double crystal Si(111) monochromoter' 
# 
_diffrn_radiation.diffrn_id                        1 
_diffrn_radiation.wavelength_id                    1 
_diffrn_radiation.pdbx_monochromatic_or_laue_m_l   M 
_diffrn_radiation.monochromator                    'Cryo-cooled Si(111) double crystal' 
_diffrn_radiation.pdbx_diffrn_protocol             MAD 
_diffrn_radiation.pdbx_scattering_type             x-ray 
# 
loop_
_diffrn_radiation_wavelength.id 
_diffrn_radiation_wavelength.wavelength 
_diffrn_radiation_wavelength.wt 
1 0.97918 1.0 
2 0.97929 1.0 
3 0.9900  1.0 
# 
_diffrn_source.diffrn_id                   1 
_diffrn_source.source                      SYNCHROTRON 
_diffrn_source.type                        'APS BEAMLINE 24-ID-C' 
_diffrn_source.pdbx_synchrotron_site       APS 
_diffrn_source.pdbx_synchrotron_beamline   24-ID-C 
_diffrn_source.pdbx_wavelength             ? 
_diffrn_source.pdbx_wavelength_list        0.97918,0.97929,0.9900 
# 
_reflns.entry_id                     3Q0B 
_reflns.observed_criterion_sigma_I   ? 
_reflns.observed_criterion_sigma_F   ? 
_reflns.d_resolution_low             30 
_reflns.d_resolution_high            2.2 
_reflns.number_obs                   11770 
_reflns.number_all                   11805 
_reflns.percent_possible_obs         99.7 
_reflns.pdbx_Rmerge_I_obs            0.047 
_reflns.pdbx_Rsym_value              0.051 
_reflns.pdbx_netI_over_sigmaI        49.4 
_reflns.B_iso_Wilson_estimate        ? 
_reflns.pdbx_redundancy              11.4 
_reflns.R_free_details               ? 
_reflns.limit_h_max                  ? 
_reflns.limit_h_min                  ? 
_reflns.limit_k_max                  ? 
_reflns.limit_k_min                  ? 
_reflns.limit_l_max                  ? 
_reflns.limit_l_min                  ? 
_reflns.observed_criterion_F_max     ? 
_reflns.observed_criterion_F_min     ? 
_reflns.pdbx_chi_squared             ? 
_reflns.pdbx_scaling_rejects         ? 
_reflns.pdbx_diffrn_id               1 
_reflns.pdbx_ordinal                 1 
# 
_reflns_shell.d_res_high             2.2 
_reflns_shell.d_res_low              2.28 
_reflns_shell.percent_possible_all   99.9 
_reflns_shell.Rmerge_I_obs           0.51 
_reflns_shell.pdbx_Rsym_value        0.52 
_reflns_shell.meanI_over_sigI_obs    4.2 
_reflns_shell.pdbx_redundancy        11.4 
_reflns_shell.percent_possible_obs   ? 
_reflns_shell.number_unique_all      ? 
_reflns_shell.number_measured_all    ? 
_reflns_shell.number_measured_obs    ? 
_reflns_shell.number_unique_obs      ? 
_reflns_shell.pdbx_chi_squared       ? 
_reflns_shell.pdbx_diffrn_id         ? 
_reflns_shell.pdbx_ordinal           1 
# 
_refine.entry_id                                 3Q0B 
_refine.ls_number_reflns_obs                     11770 
_refine.ls_number_reflns_all                     11800 
_refine.pdbx_ls_sigma_I                          ? 
_refine.pdbx_ls_sigma_F                          1.89 
_refine.pdbx_data_cutoff_high_absF               ? 
_refine.pdbx_data_cutoff_low_absF                ? 
_refine.pdbx_data_cutoff_high_rms_absF           ? 
_refine.ls_d_res_low                             26.587 
_refine.ls_d_res_high                            2.200 
_refine.ls_percent_reflns_obs                    99.67 
_refine.ls_R_factor_obs                          0.2184 
_refine.ls_R_factor_all                          0.22 
_refine.ls_R_factor_R_work                       0.2167 
_refine.ls_R_factor_R_free                       0.2518 
_refine.ls_R_factor_R_free_error                 ? 
_refine.ls_R_factor_R_free_error_details         ? 
_refine.ls_percent_reflns_R_free                 4.96 
_refine.ls_number_reflns_R_free                  1055 
_refine.ls_number_parameters                     ? 
_refine.ls_number_restraints                     ? 
_refine.occupancy_min                            ? 
_refine.occupancy_max                            ? 
_refine.correlation_coeff_Fo_to_Fc               ? 
_refine.correlation_coeff_Fo_to_Fc_free          ? 
_refine.B_iso_mean                               ? 
_refine.aniso_B[1][1]                            -1.0718 
_refine.aniso_B[2][2]                            -1.0718 
_refine.aniso_B[3][3]                            2.1437 
_refine.aniso_B[1][2]                            -0.0000 
_refine.aniso_B[1][3]                            0.0000 
_refine.aniso_B[2][3]                            -0.0000 
_refine.solvent_model_details                    'FLAT BULK SOLVENT MODEL' 
_refine.solvent_model_param_ksol                 0.351 
_refine.solvent_model_param_bsol                 65.015 
_refine.pdbx_solvent_vdw_probe_radii             1.11 
_refine.pdbx_solvent_ion_probe_radii             ? 
_refine.pdbx_solvent_shrinkage_radii             0.90 
_refine.pdbx_ls_cross_valid_method               ? 
_refine.details                                  ? 
_refine.pdbx_starting_model                      ? 
_refine.pdbx_method_to_determine_struct          MAD 
_refine.pdbx_isotropic_thermal_model             ? 
_refine.pdbx_stereochemistry_target_values       ML 
_refine.pdbx_stereochem_target_val_spec_case     ? 
_refine.pdbx_R_Free_selection_details            Random 
_refine.pdbx_overall_ESU_R_Free                  ? 
_refine.overall_SU_ML                            0.59 
_refine.overall_SU_B                             ? 
_refine.overall_SU_R_Cruickshank_DPI             ? 
_refine.ls_redundancy_reflns_obs                 ? 
_refine.B_iso_min                                ? 
_refine.B_iso_max                                ? 
_refine.overall_SU_R_free                        ? 
_refine.ls_wR_factor_R_free                      ? 
_refine.ls_wR_factor_R_work                      ? 
_refine.overall_FOM_free_R_set                   ? 
_refine.overall_FOM_work_R_set                   ? 
_refine.pdbx_overall_phase_error                 26.74 
_refine.pdbx_refine_id                           'X-RAY DIFFRACTION' 
_refine.pdbx_overall_ESU_R                       ? 
_refine.pdbx_diffrn_id                           1 
_refine.pdbx_TLS_residual_ADP_flag               ? 
_refine.pdbx_overall_SU_R_free_Cruickshank_DPI   ? 
_refine.pdbx_overall_SU_R_Blow_DPI               ? 
_refine.pdbx_overall_SU_R_free_Blow_DPI          ? 
# 
_refine_hist.pdbx_refine_id                   'X-RAY DIFFRACTION' 
_refine_hist.cycle_id                         LAST 
_refine_hist.pdbx_number_atoms_protein        1136 
_refine_hist.pdbx_number_atoms_nucleic_acid   203 
_refine_hist.pdbx_number_atoms_ligand         0 
_refine_hist.number_atoms_solvent             63 
_refine_hist.number_atoms_total               1402 
_refine_hist.d_res_high                       2.200 
_refine_hist.d_res_low                        26.587 
# 
loop_
_refine_ls_restr.type 
_refine_ls_restr.dev_ideal 
_refine_ls_restr.dev_ideal_target 
_refine_ls_restr.weight 
_refine_ls_restr.number 
_refine_ls_restr.pdbx_refine_id 
_refine_ls_restr.pdbx_restraint_function 
f_bond_d           0.007  ? ? 1383 'X-RAY DIFFRACTION' ? 
f_angle_d          1.198  ? ? 1911 'X-RAY DIFFRACTION' ? 
f_dihedral_angle_d 19.052 ? ? 528  'X-RAY DIFFRACTION' ? 
f_chiral_restr     0.065  ? ? 206  'X-RAY DIFFRACTION' ? 
f_plane_restr      0.006  ? ? 215  'X-RAY DIFFRACTION' ? 
# 
loop_
_refine_ls_shell.pdbx_total_number_of_bins_used 
_refine_ls_shell.d_res_high 
_refine_ls_shell.d_res_low 
_refine_ls_shell.number_reflns_R_work 
_refine_ls_shell.R_factor_R_work 
_refine_ls_shell.percent_reflns_obs 
_refine_ls_shell.R_factor_R_free 
_refine_ls_shell.R_factor_R_free_error 
_refine_ls_shell.percent_reflns_R_free 
_refine_ls_shell.number_reflns_R_free 
_refine_ls_shell.number_reflns_all 
_refine_ls_shell.R_factor_all 
_refine_ls_shell.number_reflns_obs 
_refine_ls_shell.redundancy_reflns_obs 
_refine_ls_shell.pdbx_refine_id 
. 2.2000 2.3001  2498 0.2952 99.00  0.3632 . . 145 . . . . 'X-RAY DIFFRACTION' 
. 2.3001 2.4213  2539 0.2464 100.00 0.2937 . . 130 . . . . 'X-RAY DIFFRACTION' 
. 2.4213 2.5729  2513 0.2343 100.00 0.3138 . . 142 . . . . 'X-RAY DIFFRACTION' 
. 2.5729 2.7713  2532 0.2366 100.00 0.2550 . . 133 . . . . 'X-RAY DIFFRACTION' 
. 2.7713 3.0499  2561 0.2420 100.00 0.3417 . . 112 . . . . 'X-RAY DIFFRACTION' 
. 3.0499 3.4904  2504 0.2110 100.00 0.2342 . . 146 . . . . 'X-RAY DIFFRACTION' 
. 3.4904 4.3943  2532 0.1780 100.00 0.2198 . . 126 . . . . 'X-RAY DIFFRACTION' 
. 4.3943 26.5890 2515 0.1978 99.00  0.2013 . . 121 . . . . 'X-RAY DIFFRACTION' 
# 
_struct.entry_id                  3Q0B 
_struct.title                     'Crystal structure of SUVH5 SRA- fully methylated CG DNA complex in space group P42212' 
_struct.pdbx_model_details        ? 
_struct.pdbx_CASP_flag            ? 
_struct.pdbx_model_type_details   ? 
# 
_struct_keywords.entry_id        3Q0B 
_struct_keywords.pdbx_keywords   TRANSFERASE/DNA 
_struct_keywords.text            
'SRA, fully methylated CG, SUVH5, 5mC binding protein, Fully methylated CG duplex DNA, TRANSFERASE-DNA complex' 
# 
loop_
_struct_asym.id 
_struct_asym.pdbx_blank_PDB_chainid_flag 
_struct_asym.pdbx_modified 
_struct_asym.entity_id 
_struct_asym.details 
A N N 1 ? 
B N N 2 ? 
C N N 3 ? 
D N N 3 ? 
# 
loop_
_struct_ref.id 
_struct_ref.db_name 
_struct_ref.db_code 
_struct_ref.pdbx_db_accession 
_struct_ref.entity_id 
_struct_ref.pdbx_seq_one_letter_code 
_struct_ref.pdbx_align_begin 
_struct_ref.pdbx_db_isoform 
1 UNP SUVH5_ARATH O82175 1 
;QIIGTVPGVEVGDEFQYRMELNLLGIHRPSQSGIDYMKDDGGELVATSIVSSGGYNDVLDNSDVLIYTGQGGNVGKKKNN
EPPKDQQLVTGNLALKNSINKKNPVRVIRGIKNTTLQSSVVAKNYVYDGLYLVEEYWEETGSHGKLVFKFKLRRIPGQPE
LPWKEVA
;
362 ? 
2 PDB 3Q0B        3Q0B   2 ACTACGTAGT 1   ? 
# 
loop_
_struct_ref_seq.align_id 
_struct_ref_seq.ref_id 
_struct_ref_seq.pdbx_PDB_id_code 
_struct_ref_seq.pdbx_strand_id 
_struct_ref_seq.seq_align_beg 
_struct_ref_seq.pdbx_seq_align_beg_ins_code 
_struct_ref_seq.seq_align_end 
_struct_ref_seq.pdbx_seq_align_end_ins_code 
_struct_ref_seq.pdbx_db_accession 
_struct_ref_seq.db_align_beg 
_struct_ref_seq.pdbx_db_align_beg_ins_code 
_struct_ref_seq.db_align_end 
_struct_ref_seq.pdbx_db_align_end_ins_code 
_struct_ref_seq.pdbx_auth_seq_align_beg 
_struct_ref_seq.pdbx_auth_seq_align_end 
1 1 3Q0B X 1 ? 167 ? O82175 362 ? 528 ? 362 528 
2 2 3Q0B A 1 ? 10  ? 3Q0B   1   ? 10  ? 1   10  
# 
_pdbx_struct_assembly.id                   1 
_pdbx_struct_assembly.details              author_and_software_defined_assembly 
_pdbx_struct_assembly.method_details       PISA 
_pdbx_struct_assembly.oligomeric_details   tetrameric 
_pdbx_struct_assembly.oligomeric_count     4 
# 
loop_
_pdbx_struct_assembly_prop.biol_id 
_pdbx_struct_assembly_prop.type 
_pdbx_struct_assembly_prop.value 
_pdbx_struct_assembly_prop.details 
1 'ABSA (A^2)' 5150  ? 
1 MORE         -8    ? 
1 'SSA (A^2)'  16150 ? 
# 
_pdbx_struct_assembly_gen.assembly_id       1 
_pdbx_struct_assembly_gen.oper_expression   1,2 
_pdbx_struct_assembly_gen.asym_id_list      A,B,C,D 
# 
loop_
_pdbx_struct_oper_list.id 
_pdbx_struct_oper_list.type 
_pdbx_struct_oper_list.name 
_pdbx_struct_oper_list.symmetry_operation 
_pdbx_struct_oper_list.matrix[1][1] 
_pdbx_struct_oper_list.matrix[1][2] 
_pdbx_struct_oper_list.matrix[1][3] 
_pdbx_struct_oper_list.vector[1] 
_pdbx_struct_oper_list.matrix[2][1] 
_pdbx_struct_oper_list.matrix[2][2] 
_pdbx_struct_oper_list.matrix[2][3] 
_pdbx_struct_oper_list.vector[2] 
_pdbx_struct_oper_list.matrix[3][1] 
_pdbx_struct_oper_list.matrix[3][2] 
_pdbx_struct_oper_list.matrix[3][3] 
_pdbx_struct_oper_list.vector[3] 
1 'identity operation'         1_555 x,y,z  1.0000000000 0.0000000000  0.0000000000  0.0000000000   0.0000000000  1.0000000000  0.0000000000 0.0000000000  0.0000000000  0.0000000000 1.0000000000  0.0000000000   
2 'crystal symmetry operation' 7_555 y,x,-z 0.6767957578 -0.2426543433 -0.6950297633 -10.0020868856 -0.2426543433 -0.9648847333 0.1005799245 21.0281171094 -0.6950297633 0.1005799245 -0.7119110245 -31.4720634423 
# 
_struct_biol.id        1 
_struct_biol.details   ? 
# 
loop_
_struct_conf.conf_type_id 
_struct_conf.id 
_struct_conf.pdbx_PDB_helix_id 
_struct_conf.beg_label_comp_id 
_struct_conf.beg_label_asym_id 
_struct_conf.beg_label_seq_id 
_struct_conf.pdbx_beg_PDB_ins_code 
_struct_conf.end_label_comp_id 
_struct_conf.end_label_asym_id 
_struct_conf.end_label_seq_id 
_struct_conf.pdbx_end_PDB_ins_code 
_struct_conf.beg_auth_comp_id 
_struct_conf.beg_auth_asym_id 
_struct_conf.beg_auth_seq_id 
_struct_conf.end_auth_comp_id 
_struct_conf.end_auth_asym_id 
_struct_conf.end_auth_seq_id 
_struct_conf.pdbx_PDB_helix_class 
_struct_conf.details 
_struct_conf.pdbx_PDB_helix_length 
HELX_P HELX_P1 1 TYR A 17 ? LEU A 24  ? TYR X 378 LEU X 385 1 ? 8  
HELX_P HELX_P2 2 VAL A 89 ? LYS A 102 ? VAL X 450 LYS X 463 1 ? 14 
# 
_struct_conf_type.id          HELX_P 
_struct_conf_type.criteria    ? 
_struct_conf_type.reference   ? 
# 
loop_
_struct_conn.id 
_struct_conn.conn_type_id 
_struct_conn.pdbx_leaving_atom_flag 
_struct_conn.pdbx_PDB_id 
_struct_conn.ptnr1_label_asym_id 
_struct_conn.ptnr1_label_comp_id 
_struct_conn.ptnr1_label_seq_id 
_struct_conn.ptnr1_label_atom_id 
_struct_conn.pdbx_ptnr1_label_alt_id 
_struct_conn.pdbx_ptnr1_PDB_ins_code 
_struct_conn.pdbx_ptnr1_standard_comp_id 
_struct_conn.ptnr1_symmetry 
_struct_conn.ptnr2_label_asym_id 
_struct_conn.ptnr2_label_comp_id 
_struct_conn.ptnr2_label_seq_id 
_struct_conn.ptnr2_label_atom_id 
_struct_conn.pdbx_ptnr2_label_alt_id 
_struct_conn.pdbx_ptnr2_PDB_ins_code 
_struct_conn.ptnr1_auth_asym_id 
_struct_conn.ptnr1_auth_comp_id 
_struct_conn.ptnr1_auth_seq_id 
_struct_conn.ptnr2_auth_asym_id 
_struct_conn.ptnr2_auth_comp_id 
_struct_conn.ptnr2_auth_seq_id 
_struct_conn.ptnr2_symmetry 
_struct_conn.pdbx_ptnr3_label_atom_id 
_struct_conn.pdbx_ptnr3_label_seq_id 
_struct_conn.pdbx_ptnr3_label_comp_id 
_struct_conn.pdbx_ptnr3_label_asym_id 
_struct_conn.pdbx_ptnr3_label_alt_id 
_struct_conn.pdbx_ptnr3_PDB_ins_code 
_struct_conn.details 
_struct_conn.pdbx_dist_value 
_struct_conn.pdbx_value_order 
_struct_conn.pdbx_role 
covale1  covale both ? A ARG 18 C     ? ? ? 1_555 A MSE 19 N  ? ? X ARG 379 X MSE 380 1_555 ? ? ? ? ? ? ?            1.327 ? ? 
covale2  covale both ? A MSE 19 C     ? ? ? 1_555 A GLU 20 N  ? ? X MSE 380 X GLU 381 1_555 ? ? ? ? ? ? ?            1.331 ? ? 
covale3  covale both ? A TYR 36 C     ? ? ? 1_555 A MSE 37 N  ? ? X TYR 397 X MSE 398 1_555 ? ? ? ? ? ? ?            1.329 ? ? 
covale4  covale both ? A MSE 37 C     ? ? ? 1_555 A LYS 38 N  ? ? X MSE 398 X LYS 399 1_555 ? ? ? ? ? ? ?            1.330 ? ? 
covale5  covale both ? B DA  4  "O3'" ? ? ? 1_555 B 5CM 5  P  ? ? A DA  4   A 5CM 5   1_555 ? ? ? ? ? ? ?            1.612 ? ? 
covale6  covale both ? B 5CM 5  "O3'" ? ? ? 1_555 B DG  6  P  ? ? A 5CM 5   A DG  6   1_555 ? ? ? ? ? ? ?            1.612 ? ? 
hydrog1  hydrog ?    ? B DA  1  N1    ? ? ? 1_555 B DT  10 N3 ? ? A DA  1   A DT  10  7_555 ? ? ? ? ? ? WATSON-CRICK ?     ? ? 
hydrog2  hydrog ?    ? B DA  1  N6    ? ? ? 1_555 B DT  10 O4 ? ? A DA  1   A DT  10  7_555 ? ? ? ? ? ? WATSON-CRICK ?     ? ? 
hydrog3  hydrog ?    ? B DC  2  N3    ? ? ? 1_555 B DG  9  N1 ? ? A DC  2   A DG  9   7_555 ? ? ? ? ? ? WATSON-CRICK ?     ? ? 
hydrog4  hydrog ?    ? B DC  2  N4    ? ? ? 1_555 B DG  9  O6 ? ? A DC  2   A DG  9   7_555 ? ? ? ? ? ? WATSON-CRICK ?     ? ? 
hydrog5  hydrog ?    ? B DC  2  O2    ? ? ? 1_555 B DG  9  N2 ? ? A DC  2   A DG  9   7_555 ? ? ? ? ? ? WATSON-CRICK ?     ? ? 
hydrog6  hydrog ?    ? B DT  3  N3    ? ? ? 1_555 B DA  8  N1 ? ? A DT  3   A DA  8   7_555 ? ? ? ? ? ? WATSON-CRICK ?     ? ? 
hydrog7  hydrog ?    ? B DT  3  O4    ? ? ? 1_555 B DA  8  N6 ? ? A DT  3   A DA  8   7_555 ? ? ? ? ? ? WATSON-CRICK ?     ? ? 
hydrog8  hydrog ?    ? B DA  4  N1    ? ? ? 1_555 B DT  7  N3 ? ? A DA  4   A DT  7   7_555 ? ? ? ? ? ? WATSON-CRICK ?     ? ? 
hydrog9  hydrog ?    ? B DA  4  N6    ? ? ? 1_555 B DT  7  O4 ? ? A DA  4   A DT  7   7_555 ? ? ? ? ? ? WATSON-CRICK ?     ? ? 
hydrog10 hydrog ?    ? B DT  7  N3    ? ? ? 1_555 B DA  4  N1 ? ? A DT  7   A DA  4   7_555 ? ? ? ? ? ? WATSON-CRICK ?     ? ? 
hydrog11 hydrog ?    ? B DT  7  O4    ? ? ? 1_555 B DA  4  N6 ? ? A DT  7   A DA  4   7_555 ? ? ? ? ? ? WATSON-CRICK ?     ? ? 
hydrog12 hydrog ?    ? B DA  8  N1    ? ? ? 1_555 B DT  3  N3 ? ? A DA  8   A DT  3   7_555 ? ? ? ? ? ? WATSON-CRICK ?     ? ? 
hydrog13 hydrog ?    ? B DA  8  N6    ? ? ? 1_555 B DT  3  O4 ? ? A DA  8   A DT  3   7_555 ? ? ? ? ? ? WATSON-CRICK ?     ? ? 
hydrog14 hydrog ?    ? B DG  9  N1    ? ? ? 1_555 B DC  2  N3 ? ? A DG  9   A DC  2   7_555 ? ? ? ? ? ? WATSON-CRICK ?     ? ? 
hydrog15 hydrog ?    ? B DG  9  N2    ? ? ? 1_555 B DC  2  O2 ? ? A DG  9   A DC  2   7_555 ? ? ? ? ? ? WATSON-CRICK ?     ? ? 
hydrog16 hydrog ?    ? B DG  9  O6    ? ? ? 1_555 B DC  2  N4 ? ? A DG  9   A DC  2   7_555 ? ? ? ? ? ? WATSON-CRICK ?     ? ? 
hydrog17 hydrog ?    ? B DT  10 N3    ? ? ? 1_555 B DA  1  N1 ? ? A DT  10  A DA  1   7_555 ? ? ? ? ? ? WATSON-CRICK ?     ? ? 
hydrog18 hydrog ?    ? B DT  10 O4    ? ? ? 1_555 B DA  1  N6 ? ? A DT  10  A DA  1   7_555 ? ? ? ? ? ? WATSON-CRICK ?     ? ? 
# 
loop_
_struct_conn_type.id 
_struct_conn_type.criteria 
_struct_conn_type.reference 
covale ? ? 
hydrog ? ? 
# 
loop_
_pdbx_modification_feature.ordinal 
_pdbx_modification_feature.label_comp_id 
_pdbx_modification_feature.label_asym_id 
_pdbx_modification_feature.label_seq_id 
_pdbx_modification_feature.label_alt_id 
_pdbx_modification_feature.modified_residue_label_comp_id 
_pdbx_modification_feature.modified_residue_label_asym_id 
_pdbx_modification_feature.modified_residue_label_seq_id 
_pdbx_modification_feature.modified_residue_label_alt_id 
_pdbx_modification_feature.auth_comp_id 
_pdbx_modification_feature.auth_asym_id 
_pdbx_modification_feature.auth_seq_id 
_pdbx_modification_feature.PDB_ins_code 
_pdbx_modification_feature.symmetry 
_pdbx_modification_feature.modified_residue_auth_comp_id 
_pdbx_modification_feature.modified_residue_auth_asym_id 
_pdbx_modification_feature.modified_residue_auth_seq_id 
_pdbx_modification_feature.modified_residue_PDB_ins_code 
_pdbx_modification_feature.modified_residue_symmetry 
_pdbx_modification_feature.comp_id_linking_atom 
_pdbx_modification_feature.modified_residue_id_linking_atom 
_pdbx_modification_feature.modified_residue_id 
_pdbx_modification_feature.ref_pcm_id 
_pdbx_modification_feature.ref_comp_id 
_pdbx_modification_feature.type 
_pdbx_modification_feature.category 
1 MSE A 19 ? . . . . MSE X 380 ? 1_555 . . . . . . . MET 1 MSE Selenomethionine 'Named protein modification' 
2 MSE A 37 ? . . . . MSE X 398 ? 1_555 . . . . . . . MET 1 MSE Selenomethionine 'Named protein modification' 
# 
loop_
_struct_sheet.id 
_struct_sheet.type 
_struct_sheet.number_strands 
_struct_sheet.details 
A ? 5 ? 
B ? 5 ? 
# 
loop_
_struct_sheet_order.sheet_id 
_struct_sheet_order.range_id_1 
_struct_sheet_order.range_id_2 
_struct_sheet_order.offset 
_struct_sheet_order.sense 
A 1 2 ? anti-parallel 
A 2 3 ? anti-parallel 
A 3 4 ? parallel      
A 4 5 ? anti-parallel 
B 1 2 ? anti-parallel 
B 2 3 ? anti-parallel 
B 3 4 ? anti-parallel 
B 4 5 ? anti-parallel 
# 
loop_
_struct_sheet_range.sheet_id 
_struct_sheet_range.id 
_struct_sheet_range.beg_label_comp_id 
_struct_sheet_range.beg_label_asym_id 
_struct_sheet_range.beg_label_seq_id 
_struct_sheet_range.pdbx_beg_PDB_ins_code 
_struct_sheet_range.end_label_comp_id 
_struct_sheet_range.end_label_asym_id 
_struct_sheet_range.end_label_seq_id 
_struct_sheet_range.pdbx_end_PDB_ins_code 
_struct_sheet_range.beg_auth_comp_id 
_struct_sheet_range.beg_auth_asym_id 
_struct_sheet_range.beg_auth_seq_id 
_struct_sheet_range.end_auth_comp_id 
_struct_sheet_range.end_auth_asym_id 
_struct_sheet_range.end_auth_seq_id 
A 1 GLU A 14  ? PHE A 15  ? GLU X 375 PHE X 376 
A 2 TYR A 125 ? THR A 140 ? TYR X 486 THR X 501 
A 3 VAL A 105 ? GLY A 110 ? VAL X 466 GLY X 471 
A 4 LEU A 44  ? SER A 51  ? LEU X 405 SER X 412 
A 5 ILE A 34  ? LYS A 38  ? ILE X 395 LYS X 399 
B 1 GLU A 14  ? PHE A 15  ? GLU X 375 PHE X 376 
B 2 TYR A 125 ? THR A 140 ? TYR X 486 THR X 501 
B 3 LEU A 146 ? ARG A 154 ? LEU X 507 ARG X 515 
B 4 VAL A 64  ? THR A 68  ? VAL X 425 THR X 429 
B 5 VAL A 58  ? LEU A 59  ? VAL X 419 LEU X 420 
# 
loop_
_pdbx_struct_sheet_hbond.sheet_id 
_pdbx_struct_sheet_hbond.range_id_1 
_pdbx_struct_sheet_hbond.range_id_2 
_pdbx_struct_sheet_hbond.range_1_label_atom_id 
_pdbx_struct_sheet_hbond.range_1_label_comp_id 
_pdbx_struct_sheet_hbond.range_1_label_asym_id 
_pdbx_struct_sheet_hbond.range_1_label_seq_id 
_pdbx_struct_sheet_hbond.range_1_PDB_ins_code 
_pdbx_struct_sheet_hbond.range_1_auth_atom_id 
_pdbx_struct_sheet_hbond.range_1_auth_comp_id 
_pdbx_struct_sheet_hbond.range_1_auth_asym_id 
_pdbx_struct_sheet_hbond.range_1_auth_seq_id 
_pdbx_struct_sheet_hbond.range_2_label_atom_id 
_pdbx_struct_sheet_hbond.range_2_label_comp_id 
_pdbx_struct_sheet_hbond.range_2_label_asym_id 
_pdbx_struct_sheet_hbond.range_2_label_seq_id 
_pdbx_struct_sheet_hbond.range_2_PDB_ins_code 
_pdbx_struct_sheet_hbond.range_2_auth_atom_id 
_pdbx_struct_sheet_hbond.range_2_auth_comp_id 
_pdbx_struct_sheet_hbond.range_2_auth_asym_id 
_pdbx_struct_sheet_hbond.range_2_auth_seq_id 
A 1 2 N PHE A 15  ? N PHE X 376 O TYR A 125 ? O TYR X 486 
A 2 3 O ASP A 128 ? O ASP X 489 N VAL A 107 ? N VAL X 468 
A 3 4 O GLY A 110 ? O GLY X 471 N SER A 51  ? N SER X 412 
A 4 5 O THR A 47  ? O THR X 408 N ASP A 35  ? N ASP X 396 
B 1 2 N PHE A 15  ? N PHE X 376 O TYR A 125 ? O TYR X 486 
B 2 3 N GLU A 134 ? N GLU X 495 O LYS A 151 ? O LYS X 512 
B 3 4 O LEU A 152 ? O LEU X 513 N LEU A 65  ? N LEU X 426 
B 4 5 O ILE A 66  ? O ILE X 427 N VAL A 58  ? N VAL X 419 
# 
_pdbx_entry_details.entry_id                   3Q0B 
_pdbx_entry_details.compound_details           ? 
_pdbx_entry_details.source_details             ? 
_pdbx_entry_details.nonpolymer_details         ? 
_pdbx_entry_details.sequence_details           ? 
_pdbx_entry_details.has_ligand_of_interest     ? 
_pdbx_entry_details.has_protein_modification   Y 
# 
_pdbx_validate_close_contact.id               1 
_pdbx_validate_close_contact.PDB_model_num    1 
_pdbx_validate_close_contact.auth_atom_id_1   O 
_pdbx_validate_close_contact.auth_asym_id_1   A 
_pdbx_validate_close_contact.auth_comp_id_1   HOH 
_pdbx_validate_close_contact.auth_seq_id_1    12 
_pdbx_validate_close_contact.PDB_ins_code_1   ? 
_pdbx_validate_close_contact.label_alt_id_1   ? 
_pdbx_validate_close_contact.auth_atom_id_2   O 
_pdbx_validate_close_contact.auth_asym_id_2   A 
_pdbx_validate_close_contact.auth_comp_id_2   HOH 
_pdbx_validate_close_contact.auth_seq_id_2    61 
_pdbx_validate_close_contact.PDB_ins_code_2   ? 
_pdbx_validate_close_contact.label_alt_id_2   ? 
_pdbx_validate_close_contact.dist             2.15 
# 
_pdbx_validate_symm_contact.id                1 
_pdbx_validate_symm_contact.PDB_model_num     1 
_pdbx_validate_symm_contact.auth_atom_id_1    OE1 
_pdbx_validate_symm_contact.auth_asym_id_1    X 
_pdbx_validate_symm_contact.auth_comp_id_1    GLU 
_pdbx_validate_symm_contact.auth_seq_id_1     496 
_pdbx_validate_symm_contact.PDB_ins_code_1    ? 
_pdbx_validate_symm_contact.label_alt_id_1    ? 
_pdbx_validate_symm_contact.site_symmetry_1   1_555 
_pdbx_validate_symm_contact.auth_atom_id_2    OE1 
_pdbx_validate_symm_contact.auth_asym_id_2    X 
_pdbx_validate_symm_contact.auth_comp_id_2    GLU 
_pdbx_validate_symm_contact.auth_seq_id_2     496 
_pdbx_validate_symm_contact.PDB_ins_code_2    ? 
_pdbx_validate_symm_contact.label_alt_id_2    ? 
_pdbx_validate_symm_contact.site_symmetry_2   2_565 
_pdbx_validate_symm_contact.dist              2.16 
# 
loop_
_pdbx_validate_rmsd_angle.id 
_pdbx_validate_rmsd_angle.PDB_model_num 
_pdbx_validate_rmsd_angle.auth_atom_id_1 
_pdbx_validate_rmsd_angle.auth_asym_id_1 
_pdbx_validate_rmsd_angle.auth_comp_id_1 
_pdbx_validate_rmsd_angle.auth_seq_id_1 
_pdbx_validate_rmsd_angle.PDB_ins_code_1 
_pdbx_validate_rmsd_angle.label_alt_id_1 
_pdbx_validate_rmsd_angle.auth_atom_id_2 
_pdbx_validate_rmsd_angle.auth_asym_id_2 
_pdbx_validate_rmsd_angle.auth_comp_id_2 
_pdbx_validate_rmsd_angle.auth_seq_id_2 
_pdbx_validate_rmsd_angle.PDB_ins_code_2 
_pdbx_validate_rmsd_angle.label_alt_id_2 
_pdbx_validate_rmsd_angle.auth_atom_id_3 
_pdbx_validate_rmsd_angle.auth_asym_id_3 
_pdbx_validate_rmsd_angle.auth_comp_id_3 
_pdbx_validate_rmsd_angle.auth_seq_id_3 
_pdbx_validate_rmsd_angle.PDB_ins_code_3 
_pdbx_validate_rmsd_angle.label_alt_id_3 
_pdbx_validate_rmsd_angle.angle_value 
_pdbx_validate_rmsd_angle.angle_target_value 
_pdbx_validate_rmsd_angle.angle_deviation 
_pdbx_validate_rmsd_angle.angle_standard_deviation 
_pdbx_validate_rmsd_angle.linker_flag 
1 1 "O4'" A DA 1 ? ? "C1'" A DA 1 ? ? N9 A DA 1 ? ? 110.61 108.30 2.31 0.30 N 
2 1 "O4'" A DC 2 ? ? "C1'" A DC 2 ? ? N1 A DC 2 ? ? 111.50 108.30 3.20 0.30 N 
# 
loop_
_pdbx_validate_torsion.id 
_pdbx_validate_torsion.PDB_model_num 
_pdbx_validate_torsion.auth_comp_id 
_pdbx_validate_torsion.auth_asym_id 
_pdbx_validate_torsion.auth_seq_id 
_pdbx_validate_torsion.PDB_ins_code 
_pdbx_validate_torsion.label_alt_id 
_pdbx_validate_torsion.phi 
_pdbx_validate_torsion.psi 
1 1 GLN X 392 ? ? -130.73 -35.77  
2 1 ASP X 401 ? ? -59.57  97.42   
3 1 SER X 409 ? ? -172.68 146.38  
4 1 SER X 413 ? ? -142.38 31.06   
5 1 THR X 451 ? ? 51.99   -132.86 
6 1 SER X 503 ? ? -68.06  17.01   
# 
loop_
_pdbx_struct_mod_residue.id 
_pdbx_struct_mod_residue.label_asym_id 
_pdbx_struct_mod_residue.label_comp_id 
_pdbx_struct_mod_residue.label_seq_id 
_pdbx_struct_mod_residue.auth_asym_id 
_pdbx_struct_mod_residue.auth_comp_id 
_pdbx_struct_mod_residue.auth_seq_id 
_pdbx_struct_mod_residue.PDB_ins_code 
_pdbx_struct_mod_residue.parent_comp_id 
_pdbx_struct_mod_residue.details 
1 A MSE 19 X MSE 380 ? MET SELENOMETHIONINE 
2 A MSE 37 X MSE 398 ? MET SELENOMETHIONINE 
3 B 5CM 5  A 5CM 5   ? DC  ?                
# 
loop_
_pdbx_unobs_or_zero_occ_residues.id 
_pdbx_unobs_or_zero_occ_residues.PDB_model_num 
_pdbx_unobs_or_zero_occ_residues.polymer_flag 
_pdbx_unobs_or_zero_occ_residues.occupancy_flag 
_pdbx_unobs_or_zero_occ_residues.auth_asym_id 
_pdbx_unobs_or_zero_occ_residues.auth_comp_id 
_pdbx_unobs_or_zero_occ_residues.auth_seq_id 
_pdbx_unobs_or_zero_occ_residues.PDB_ins_code 
_pdbx_unobs_or_zero_occ_residues.label_asym_id 
_pdbx_unobs_or_zero_occ_residues.label_comp_id 
_pdbx_unobs_or_zero_occ_residues.label_seq_id 
1  1 Y 1 X LYS 437 ? A LYS 76  
2  1 Y 1 X LYS 438 ? A LYS 77  
3  1 Y 1 X LYS 439 ? A LYS 78  
4  1 Y 1 X ASN 440 ? A ASN 79  
5  1 Y 1 X ASN 441 ? A ASN 80  
6  1 Y 1 X ASN 474 ? A ASN 113 
7  1 Y 1 X THR 475 ? A THR 114 
8  1 Y 1 X THR 476 ? A THR 115 
9  1 Y 1 X LEU 477 ? A LEU 116 
10 1 Y 1 X GLN 478 ? A GLN 117 
11 1 Y 1 X SER 479 ? A SER 118 
12 1 Y 1 X SER 480 ? A SER 119 
13 1 Y 1 X VAL 481 ? A VAL 120 
14 1 Y 1 X VAL 482 ? A VAL 121 
15 1 Y 1 X ALA 483 ? A ALA 122 
16 1 Y 1 X LYS 525 ? A LYS 164 
17 1 Y 1 X GLU 526 ? A GLU 165 
18 1 Y 1 X VAL 527 ? A VAL 166 
19 1 Y 1 X ALA 528 ? A ALA 167 
# 
loop_
_chem_comp_atom.comp_id 
_chem_comp_atom.atom_id 
_chem_comp_atom.type_symbol 
_chem_comp_atom.pdbx_aromatic_flag 
_chem_comp_atom.pdbx_stereo_config 
_chem_comp_atom.pdbx_ordinal 
5CM N1     N  N N 1   
5CM C2     C  N N 2   
5CM N3     N  N N 3   
5CM C4     C  N N 4   
5CM C5     C  N N 5   
5CM C5A    C  N N 6   
5CM C6     C  N N 7   
5CM O2     O  N N 8   
5CM N4     N  N N 9   
5CM "C1'"  C  N R 10  
5CM "C2'"  C  N N 11  
5CM "C3'"  C  N S 12  
5CM "C4'"  C  N R 13  
5CM "O4'"  O  N N 14  
5CM "O3'"  O  N N 15  
5CM "C5'"  C  N N 16  
5CM "O5'"  O  N N 17  
5CM P      P  N N 18  
5CM OP1    O  N N 19  
5CM OP2    O  N N 20  
5CM OP3    O  N N 21  
5CM H5A1   H  N N 22  
5CM H5A2   H  N N 23  
5CM H5A3   H  N N 24  
5CM H6     H  N N 25  
5CM HN41   H  N N 26  
5CM HN42   H  N N 27  
5CM "H1'"  H  N N 28  
5CM "H2'"  H  N N 29  
5CM "H2''" H  N N 30  
5CM "H3'"  H  N N 31  
5CM "H4'"  H  N N 32  
5CM "HO3'" H  N N 33  
5CM "H5'"  H  N N 34  
5CM "H5''" H  N N 35  
5CM HOP2   H  N N 36  
5CM HOP3   H  N N 37  
ALA N      N  N N 38  
ALA CA     C  N S 39  
ALA C      C  N N 40  
ALA O      O  N N 41  
ALA CB     C  N N 42  
ALA OXT    O  N N 43  
ALA H      H  N N 44  
ALA H2     H  N N 45  
ALA HA     H  N N 46  
ALA HB1    H  N N 47  
ALA HB2    H  N N 48  
ALA HB3    H  N N 49  
ALA HXT    H  N N 50  
ARG N      N  N N 51  
ARG CA     C  N S 52  
ARG C      C  N N 53  
ARG O      O  N N 54  
ARG CB     C  N N 55  
ARG CG     C  N N 56  
ARG CD     C  N N 57  
ARG NE     N  N N 58  
ARG CZ     C  N N 59  
ARG NH1    N  N N 60  
ARG NH2    N  N N 61  
ARG OXT    O  N N 62  
ARG H      H  N N 63  
ARG H2     H  N N 64  
ARG HA     H  N N 65  
ARG HB2    H  N N 66  
ARG HB3    H  N N 67  
ARG HG2    H  N N 68  
ARG HG3    H  N N 69  
ARG HD2    H  N N 70  
ARG HD3    H  N N 71  
ARG HE     H  N N 72  
ARG HH11   H  N N 73  
ARG HH12   H  N N 74  
ARG HH21   H  N N 75  
ARG HH22   H  N N 76  
ARG HXT    H  N N 77  
ASN N      N  N N 78  
ASN CA     C  N S 79  
ASN C      C  N N 80  
ASN O      O  N N 81  
ASN CB     C  N N 82  
ASN CG     C  N N 83  
ASN OD1    O  N N 84  
ASN ND2    N  N N 85  
ASN OXT    O  N N 86  
ASN H      H  N N 87  
ASN H2     H  N N 88  
ASN HA     H  N N 89  
ASN HB2    H  N N 90  
ASN HB3    H  N N 91  
ASN HD21   H  N N 92  
ASN HD22   H  N N 93  
ASN HXT    H  N N 94  
ASP N      N  N N 95  
ASP CA     C  N S 96  
ASP C      C  N N 97  
ASP O      O  N N 98  
ASP CB     C  N N 99  
ASP CG     C  N N 100 
ASP OD1    O  N N 101 
ASP OD2    O  N N 102 
ASP OXT    O  N N 103 
ASP H      H  N N 104 
ASP H2     H  N N 105 
ASP HA     H  N N 106 
ASP HB2    H  N N 107 
ASP HB3    H  N N 108 
ASP HD2    H  N N 109 
ASP HXT    H  N N 110 
DA  OP3    O  N N 111 
DA  P      P  N N 112 
DA  OP1    O  N N 113 
DA  OP2    O  N N 114 
DA  "O5'"  O  N N 115 
DA  "C5'"  C  N N 116 
DA  "C4'"  C  N R 117 
DA  "O4'"  O  N N 118 
DA  "C3'"  C  N S 119 
DA  "O3'"  O  N N 120 
DA  "C2'"  C  N N 121 
DA  "C1'"  C  N R 122 
DA  N9     N  Y N 123 
DA  C8     C  Y N 124 
DA  N7     N  Y N 125 
DA  C5     C  Y N 126 
DA  C6     C  Y N 127 
DA  N6     N  N N 128 
DA  N1     N  Y N 129 
DA  C2     C  Y N 130 
DA  N3     N  Y N 131 
DA  C4     C  Y N 132 
DA  HOP3   H  N N 133 
DA  HOP2   H  N N 134 
DA  "H5'"  H  N N 135 
DA  "H5''" H  N N 136 
DA  "H4'"  H  N N 137 
DA  "H3'"  H  N N 138 
DA  "HO3'" H  N N 139 
DA  "H2'"  H  N N 140 
DA  "H2''" H  N N 141 
DA  "H1'"  H  N N 142 
DA  H8     H  N N 143 
DA  H61    H  N N 144 
DA  H62    H  N N 145 
DA  H2     H  N N 146 
DC  OP3    O  N N 147 
DC  P      P  N N 148 
DC  OP1    O  N N 149 
DC  OP2    O  N N 150 
DC  "O5'"  O  N N 151 
DC  "C5'"  C  N N 152 
DC  "C4'"  C  N R 153 
DC  "O4'"  O  N N 154 
DC  "C3'"  C  N S 155 
DC  "O3'"  O  N N 156 
DC  "C2'"  C  N N 157 
DC  "C1'"  C  N R 158 
DC  N1     N  N N 159 
DC  C2     C  N N 160 
DC  O2     O  N N 161 
DC  N3     N  N N 162 
DC  C4     C  N N 163 
DC  N4     N  N N 164 
DC  C5     C  N N 165 
DC  C6     C  N N 166 
DC  HOP3   H  N N 167 
DC  HOP2   H  N N 168 
DC  "H5'"  H  N N 169 
DC  "H5''" H  N N 170 
DC  "H4'"  H  N N 171 
DC  "H3'"  H  N N 172 
DC  "HO3'" H  N N 173 
DC  "H2'"  H  N N 174 
DC  "H2''" H  N N 175 
DC  "H1'"  H  N N 176 
DC  H41    H  N N 177 
DC  H42    H  N N 178 
DC  H5     H  N N 179 
DC  H6     H  N N 180 
DG  OP3    O  N N 181 
DG  P      P  N N 182 
DG  OP1    O  N N 183 
DG  OP2    O  N N 184 
DG  "O5'"  O  N N 185 
DG  "C5'"  C  N N 186 
DG  "C4'"  C  N R 187 
DG  "O4'"  O  N N 188 
DG  "C3'"  C  N S 189 
DG  "O3'"  O  N N 190 
DG  "C2'"  C  N N 191 
DG  "C1'"  C  N R 192 
DG  N9     N  Y N 193 
DG  C8     C  Y N 194 
DG  N7     N  Y N 195 
DG  C5     C  Y N 196 
DG  C6     C  N N 197 
DG  O6     O  N N 198 
DG  N1     N  N N 199 
DG  C2     C  N N 200 
DG  N2     N  N N 201 
DG  N3     N  N N 202 
DG  C4     C  Y N 203 
DG  HOP3   H  N N 204 
DG  HOP2   H  N N 205 
DG  "H5'"  H  N N 206 
DG  "H5''" H  N N 207 
DG  "H4'"  H  N N 208 
DG  "H3'"  H  N N 209 
DG  "HO3'" H  N N 210 
DG  "H2'"  H  N N 211 
DG  "H2''" H  N N 212 
DG  "H1'"  H  N N 213 
DG  H8     H  N N 214 
DG  H1     H  N N 215 
DG  H21    H  N N 216 
DG  H22    H  N N 217 
DT  OP3    O  N N 218 
DT  P      P  N N 219 
DT  OP1    O  N N 220 
DT  OP2    O  N N 221 
DT  "O5'"  O  N N 222 
DT  "C5'"  C  N N 223 
DT  "C4'"  C  N R 224 
DT  "O4'"  O  N N 225 
DT  "C3'"  C  N S 226 
DT  "O3'"  O  N N 227 
DT  "C2'"  C  N N 228 
DT  "C1'"  C  N R 229 
DT  N1     N  N N 230 
DT  C2     C  N N 231 
DT  O2     O  N N 232 
DT  N3     N  N N 233 
DT  C4     C  N N 234 
DT  O4     O  N N 235 
DT  C5     C  N N 236 
DT  C7     C  N N 237 
DT  C6     C  N N 238 
DT  HOP3   H  N N 239 
DT  HOP2   H  N N 240 
DT  "H5'"  H  N N 241 
DT  "H5''" H  N N 242 
DT  "H4'"  H  N N 243 
DT  "H3'"  H  N N 244 
DT  "HO3'" H  N N 245 
DT  "H2'"  H  N N 246 
DT  "H2''" H  N N 247 
DT  "H1'"  H  N N 248 
DT  H3     H  N N 249 
DT  H71    H  N N 250 
DT  H72    H  N N 251 
DT  H73    H  N N 252 
DT  H6     H  N N 253 
GLN N      N  N N 254 
GLN CA     C  N S 255 
GLN C      C  N N 256 
GLN O      O  N N 257 
GLN CB     C  N N 258 
GLN CG     C  N N 259 
GLN CD     C  N N 260 
GLN OE1    O  N N 261 
GLN NE2    N  N N 262 
GLN OXT    O  N N 263 
GLN H      H  N N 264 
GLN H2     H  N N 265 
GLN HA     H  N N 266 
GLN HB2    H  N N 267 
GLN HB3    H  N N 268 
GLN HG2    H  N N 269 
GLN HG3    H  N N 270 
GLN HE21   H  N N 271 
GLN HE22   H  N N 272 
GLN HXT    H  N N 273 
GLU N      N  N N 274 
GLU CA     C  N S 275 
GLU C      C  N N 276 
GLU O      O  N N 277 
GLU CB     C  N N 278 
GLU CG     C  N N 279 
GLU CD     C  N N 280 
GLU OE1    O  N N 281 
GLU OE2    O  N N 282 
GLU OXT    O  N N 283 
GLU H      H  N N 284 
GLU H2     H  N N 285 
GLU HA     H  N N 286 
GLU HB2    H  N N 287 
GLU HB3    H  N N 288 
GLU HG2    H  N N 289 
GLU HG3    H  N N 290 
GLU HE2    H  N N 291 
GLU HXT    H  N N 292 
GLY N      N  N N 293 
GLY CA     C  N N 294 
GLY C      C  N N 295 
GLY O      O  N N 296 
GLY OXT    O  N N 297 
GLY H      H  N N 298 
GLY H2     H  N N 299 
GLY HA2    H  N N 300 
GLY HA3    H  N N 301 
GLY HXT    H  N N 302 
HIS N      N  N N 303 
HIS CA     C  N S 304 
HIS C      C  N N 305 
HIS O      O  N N 306 
HIS CB     C  N N 307 
HIS CG     C  Y N 308 
HIS ND1    N  Y N 309 
HIS CD2    C  Y N 310 
HIS CE1    C  Y N 311 
HIS NE2    N  Y N 312 
HIS OXT    O  N N 313 
HIS H      H  N N 314 
HIS H2     H  N N 315 
HIS HA     H  N N 316 
HIS HB2    H  N N 317 
HIS HB3    H  N N 318 
HIS HD1    H  N N 319 
HIS HD2    H  N N 320 
HIS HE1    H  N N 321 
HIS HE2    H  N N 322 
HIS HXT    H  N N 323 
HOH O      O  N N 324 
HOH H1     H  N N 325 
HOH H2     H  N N 326 
ILE N      N  N N 327 
ILE CA     C  N S 328 
ILE C      C  N N 329 
ILE O      O  N N 330 
ILE CB     C  N S 331 
ILE CG1    C  N N 332 
ILE CG2    C  N N 333 
ILE CD1    C  N N 334 
ILE OXT    O  N N 335 
ILE H      H  N N 336 
ILE H2     H  N N 337 
ILE HA     H  N N 338 
ILE HB     H  N N 339 
ILE HG12   H  N N 340 
ILE HG13   H  N N 341 
ILE HG21   H  N N 342 
ILE HG22   H  N N 343 
ILE HG23   H  N N 344 
ILE HD11   H  N N 345 
ILE HD12   H  N N 346 
ILE HD13   H  N N 347 
ILE HXT    H  N N 348 
LEU N      N  N N 349 
LEU CA     C  N S 350 
LEU C      C  N N 351 
LEU O      O  N N 352 
LEU CB     C  N N 353 
LEU CG     C  N N 354 
LEU CD1    C  N N 355 
LEU CD2    C  N N 356 
LEU OXT    O  N N 357 
LEU H      H  N N 358 
LEU H2     H  N N 359 
LEU HA     H  N N 360 
LEU HB2    H  N N 361 
LEU HB3    H  N N 362 
LEU HG     H  N N 363 
LEU HD11   H  N N 364 
LEU HD12   H  N N 365 
LEU HD13   H  N N 366 
LEU HD21   H  N N 367 
LEU HD22   H  N N 368 
LEU HD23   H  N N 369 
LEU HXT    H  N N 370 
LYS N      N  N N 371 
LYS CA     C  N S 372 
LYS C      C  N N 373 
LYS O      O  N N 374 
LYS CB     C  N N 375 
LYS CG     C  N N 376 
LYS CD     C  N N 377 
LYS CE     C  N N 378 
LYS NZ     N  N N 379 
LYS OXT    O  N N 380 
LYS H      H  N N 381 
LYS H2     H  N N 382 
LYS HA     H  N N 383 
LYS HB2    H  N N 384 
LYS HB3    H  N N 385 
LYS HG2    H  N N 386 
LYS HG3    H  N N 387 
LYS HD2    H  N N 388 
LYS HD3    H  N N 389 
LYS HE2    H  N N 390 
LYS HE3    H  N N 391 
LYS HZ1    H  N N 392 
LYS HZ2    H  N N 393 
LYS HZ3    H  N N 394 
LYS HXT    H  N N 395 
MSE N      N  N N 396 
MSE CA     C  N S 397 
MSE C      C  N N 398 
MSE O      O  N N 399 
MSE OXT    O  N N 400 
MSE CB     C  N N 401 
MSE CG     C  N N 402 
MSE SE     SE N N 403 
MSE CE     C  N N 404 
MSE H      H  N N 405 
MSE H2     H  N N 406 
MSE HA     H  N N 407 
MSE HXT    H  N N 408 
MSE HB2    H  N N 409 
MSE HB3    H  N N 410 
MSE HG2    H  N N 411 
MSE HG3    H  N N 412 
MSE HE1    H  N N 413 
MSE HE2    H  N N 414 
MSE HE3    H  N N 415 
PHE N      N  N N 416 
PHE CA     C  N S 417 
PHE C      C  N N 418 
PHE O      O  N N 419 
PHE CB     C  N N 420 
PHE CG     C  Y N 421 
PHE CD1    C  Y N 422 
PHE CD2    C  Y N 423 
PHE CE1    C  Y N 424 
PHE CE2    C  Y N 425 
PHE CZ     C  Y N 426 
PHE OXT    O  N N 427 
PHE H      H  N N 428 
PHE H2     H  N N 429 
PHE HA     H  N N 430 
PHE HB2    H  N N 431 
PHE HB3    H  N N 432 
PHE HD1    H  N N 433 
PHE HD2    H  N N 434 
PHE HE1    H  N N 435 
PHE HE2    H  N N 436 
PHE HZ     H  N N 437 
PHE HXT    H  N N 438 
PRO N      N  N N 439 
PRO CA     C  N S 440 
PRO C      C  N N 441 
PRO O      O  N N 442 
PRO CB     C  N N 443 
PRO CG     C  N N 444 
PRO CD     C  N N 445 
PRO OXT    O  N N 446 
PRO H      H  N N 447 
PRO HA     H  N N 448 
PRO HB2    H  N N 449 
PRO HB3    H  N N 450 
PRO HG2    H  N N 451 
PRO HG3    H  N N 452 
PRO HD2    H  N N 453 
PRO HD3    H  N N 454 
PRO HXT    H  N N 455 
SER N      N  N N 456 
SER CA     C  N S 457 
SER C      C  N N 458 
SER O      O  N N 459 
SER CB     C  N N 460 
SER OG     O  N N 461 
SER OXT    O  N N 462 
SER H      H  N N 463 
SER H2     H  N N 464 
SER HA     H  N N 465 
SER HB2    H  N N 466 
SER HB3    H  N N 467 
SER HG     H  N N 468 
SER HXT    H  N N 469 
THR N      N  N N 470 
THR CA     C  N S 471 
THR C      C  N N 472 
THR O      O  N N 473 
THR CB     C  N R 474 
THR OG1    O  N N 475 
THR CG2    C  N N 476 
THR OXT    O  N N 477 
THR H      H  N N 478 
THR H2     H  N N 479 
THR HA     H  N N 480 
THR HB     H  N N 481 
THR HG1    H  N N 482 
THR HG21   H  N N 483 
THR HG22   H  N N 484 
THR HG23   H  N N 485 
THR HXT    H  N N 486 
TRP N      N  N N 487 
TRP CA     C  N S 488 
TRP C      C  N N 489 
TRP O      O  N N 490 
TRP CB     C  N N 491 
TRP CG     C  Y N 492 
TRP CD1    C  Y N 493 
TRP CD2    C  Y N 494 
TRP NE1    N  Y N 495 
TRP CE2    C  Y N 496 
TRP CE3    C  Y N 497 
TRP CZ2    C  Y N 498 
TRP CZ3    C  Y N 499 
TRP CH2    C  Y N 500 
TRP OXT    O  N N 501 
TRP H      H  N N 502 
TRP H2     H  N N 503 
TRP HA     H  N N 504 
TRP HB2    H  N N 505 
TRP HB3    H  N N 506 
TRP HD1    H  N N 507 
TRP HE1    H  N N 508 
TRP HE3    H  N N 509 
TRP HZ2    H  N N 510 
TRP HZ3    H  N N 511 
TRP HH2    H  N N 512 
TRP HXT    H  N N 513 
TYR N      N  N N 514 
TYR CA     C  N S 515 
TYR C      C  N N 516 
TYR O      O  N N 517 
TYR CB     C  N N 518 
TYR CG     C  Y N 519 
TYR CD1    C  Y N 520 
TYR CD2    C  Y N 521 
TYR CE1    C  Y N 522 
TYR CE2    C  Y N 523 
TYR CZ     C  Y N 524 
TYR OH     O  N N 525 
TYR OXT    O  N N 526 
TYR H      H  N N 527 
TYR H2     H  N N 528 
TYR HA     H  N N 529 
TYR HB2    H  N N 530 
TYR HB3    H  N N 531 
TYR HD1    H  N N 532 
TYR HD2    H  N N 533 
TYR HE1    H  N N 534 
TYR HE2    H  N N 535 
TYR HH     H  N N 536 
TYR HXT    H  N N 537 
VAL N      N  N N 538 
VAL CA     C  N S 539 
VAL C      C  N N 540 
VAL O      O  N N 541 
VAL CB     C  N N 542 
VAL CG1    C  N N 543 
VAL CG2    C  N N 544 
VAL OXT    O  N N 545 
VAL H      H  N N 546 
VAL H2     H  N N 547 
VAL HA     H  N N 548 
VAL HB     H  N N 549 
VAL HG11   H  N N 550 
VAL HG12   H  N N 551 
VAL HG13   H  N N 552 
VAL HG21   H  N N 553 
VAL HG22   H  N N 554 
VAL HG23   H  N N 555 
VAL HXT    H  N N 556 
# 
loop_
_chem_comp_bond.comp_id 
_chem_comp_bond.atom_id_1 
_chem_comp_bond.atom_id_2 
_chem_comp_bond.value_order 
_chem_comp_bond.pdbx_aromatic_flag 
_chem_comp_bond.pdbx_stereo_config 
_chem_comp_bond.pdbx_ordinal 
5CM N1    C2     sing N N 1   
5CM N1    C6     sing N N 2   
5CM N1    "C1'"  sing N N 3   
5CM C2    N3     sing N N 4   
5CM C2    O2     doub N N 5   
5CM N3    C4     doub N N 6   
5CM C4    C5     sing N N 7   
5CM C4    N4     sing N N 8   
5CM C5    C5A    sing N N 9   
5CM C5    C6     doub N N 10  
5CM C5A   H5A1   sing N N 11  
5CM C5A   H5A2   sing N N 12  
5CM C5A   H5A3   sing N N 13  
5CM C6    H6     sing N N 14  
5CM N4    HN41   sing N N 15  
5CM N4    HN42   sing N N 16  
5CM "C1'" "C2'"  sing N N 17  
5CM "C1'" "O4'"  sing N N 18  
5CM "C1'" "H1'"  sing N N 19  
5CM "C2'" "C3'"  sing N N 20  
5CM "C2'" "H2'"  sing N N 21  
5CM "C2'" "H2''" sing N N 22  
5CM "C3'" "C4'"  sing N N 23  
5CM "C3'" "O3'"  sing N N 24  
5CM "C3'" "H3'"  sing N N 25  
5CM "C4'" "O4'"  sing N N 26  
5CM "C4'" "C5'"  sing N N 27  
5CM "C4'" "H4'"  sing N N 28  
5CM "O3'" "HO3'" sing N N 29  
5CM "C5'" "O5'"  sing N N 30  
5CM "C5'" "H5'"  sing N N 31  
5CM "C5'" "H5''" sing N N 32  
5CM "O5'" P      sing N N 33  
5CM P     OP1    doub N N 34  
5CM P     OP2    sing N N 35  
5CM P     OP3    sing N N 36  
5CM OP2   HOP2   sing N N 37  
5CM OP3   HOP3   sing N N 38  
ALA N     CA     sing N N 39  
ALA N     H      sing N N 40  
ALA N     H2     sing N N 41  
ALA CA    C      sing N N 42  
ALA CA    CB     sing N N 43  
ALA CA    HA     sing N N 44  
ALA C     O      doub N N 45  
ALA C     OXT    sing N N 46  
ALA CB    HB1    sing N N 47  
ALA CB    HB2    sing N N 48  
ALA CB    HB3    sing N N 49  
ALA OXT   HXT    sing N N 50  
ARG N     CA     sing N N 51  
ARG N     H      sing N N 52  
ARG N     H2     sing N N 53  
ARG CA    C      sing N N 54  
ARG CA    CB     sing N N 55  
ARG CA    HA     sing N N 56  
ARG C     O      doub N N 57  
ARG C     OXT    sing N N 58  
ARG CB    CG     sing N N 59  
ARG CB    HB2    sing N N 60  
ARG CB    HB3    sing N N 61  
ARG CG    CD     sing N N 62  
ARG CG    HG2    sing N N 63  
ARG CG    HG3    sing N N 64  
ARG CD    NE     sing N N 65  
ARG CD    HD2    sing N N 66  
ARG CD    HD3    sing N N 67  
ARG NE    CZ     sing N N 68  
ARG NE    HE     sing N N 69  
ARG CZ    NH1    sing N N 70  
ARG CZ    NH2    doub N N 71  
ARG NH1   HH11   sing N N 72  
ARG NH1   HH12   sing N N 73  
ARG NH2   HH21   sing N N 74  
ARG NH2   HH22   sing N N 75  
ARG OXT   HXT    sing N N 76  
ASN N     CA     sing N N 77  
ASN N     H      sing N N 78  
ASN N     H2     sing N N 79  
ASN CA    C      sing N N 80  
ASN CA    CB     sing N N 81  
ASN CA    HA     sing N N 82  
ASN C     O      doub N N 83  
ASN C     OXT    sing N N 84  
ASN CB    CG     sing N N 85  
ASN CB    HB2    sing N N 86  
ASN CB    HB3    sing N N 87  
ASN CG    OD1    doub N N 88  
ASN CG    ND2    sing N N 89  
ASN ND2   HD21   sing N N 90  
ASN ND2   HD22   sing N N 91  
ASN OXT   HXT    sing N N 92  
ASP N     CA     sing N N 93  
ASP N     H      sing N N 94  
ASP N     H2     sing N N 95  
ASP CA    C      sing N N 96  
ASP CA    CB     sing N N 97  
ASP CA    HA     sing N N 98  
ASP C     O      doub N N 99  
ASP C     OXT    sing N N 100 
ASP CB    CG     sing N N 101 
ASP CB    HB2    sing N N 102 
ASP CB    HB3    sing N N 103 
ASP CG    OD1    doub N N 104 
ASP CG    OD2    sing N N 105 
ASP OD2   HD2    sing N N 106 
ASP OXT   HXT    sing N N 107 
DA  OP3   P      sing N N 108 
DA  OP3   HOP3   sing N N 109 
DA  P     OP1    doub N N 110 
DA  P     OP2    sing N N 111 
DA  P     "O5'"  sing N N 112 
DA  OP2   HOP2   sing N N 113 
DA  "O5'" "C5'"  sing N N 114 
DA  "C5'" "C4'"  sing N N 115 
DA  "C5'" "H5'"  sing N N 116 
DA  "C5'" "H5''" sing N N 117 
DA  "C4'" "O4'"  sing N N 118 
DA  "C4'" "C3'"  sing N N 119 
DA  "C4'" "H4'"  sing N N 120 
DA  "O4'" "C1'"  sing N N 121 
DA  "C3'" "O3'"  sing N N 122 
DA  "C3'" "C2'"  sing N N 123 
DA  "C3'" "H3'"  sing N N 124 
DA  "O3'" "HO3'" sing N N 125 
DA  "C2'" "C1'"  sing N N 126 
DA  "C2'" "H2'"  sing N N 127 
DA  "C2'" "H2''" sing N N 128 
DA  "C1'" N9     sing N N 129 
DA  "C1'" "H1'"  sing N N 130 
DA  N9    C8     sing Y N 131 
DA  N9    C4     sing Y N 132 
DA  C8    N7     doub Y N 133 
DA  C8    H8     sing N N 134 
DA  N7    C5     sing Y N 135 
DA  C5    C6     sing Y N 136 
DA  C5    C4     doub Y N 137 
DA  C6    N6     sing N N 138 
DA  C6    N1     doub Y N 139 
DA  N6    H61    sing N N 140 
DA  N6    H62    sing N N 141 
DA  N1    C2     sing Y N 142 
DA  C2    N3     doub Y N 143 
DA  C2    H2     sing N N 144 
DA  N3    C4     sing Y N 145 
DC  OP3   P      sing N N 146 
DC  OP3   HOP3   sing N N 147 
DC  P     OP1    doub N N 148 
DC  P     OP2    sing N N 149 
DC  P     "O5'"  sing N N 150 
DC  OP2   HOP2   sing N N 151 
DC  "O5'" "C5'"  sing N N 152 
DC  "C5'" "C4'"  sing N N 153 
DC  "C5'" "H5'"  sing N N 154 
DC  "C5'" "H5''" sing N N 155 
DC  "C4'" "O4'"  sing N N 156 
DC  "C4'" "C3'"  sing N N 157 
DC  "C4'" "H4'"  sing N N 158 
DC  "O4'" "C1'"  sing N N 159 
DC  "C3'" "O3'"  sing N N 160 
DC  "C3'" "C2'"  sing N N 161 
DC  "C3'" "H3'"  sing N N 162 
DC  "O3'" "HO3'" sing N N 163 
DC  "C2'" "C1'"  sing N N 164 
DC  "C2'" "H2'"  sing N N 165 
DC  "C2'" "H2''" sing N N 166 
DC  "C1'" N1     sing N N 167 
DC  "C1'" "H1'"  sing N N 168 
DC  N1    C2     sing N N 169 
DC  N1    C6     sing N N 170 
DC  C2    O2     doub N N 171 
DC  C2    N3     sing N N 172 
DC  N3    C4     doub N N 173 
DC  C4    N4     sing N N 174 
DC  C4    C5     sing N N 175 
DC  N4    H41    sing N N 176 
DC  N4    H42    sing N N 177 
DC  C5    C6     doub N N 178 
DC  C5    H5     sing N N 179 
DC  C6    H6     sing N N 180 
DG  OP3   P      sing N N 181 
DG  OP3   HOP3   sing N N 182 
DG  P     OP1    doub N N 183 
DG  P     OP2    sing N N 184 
DG  P     "O5'"  sing N N 185 
DG  OP2   HOP2   sing N N 186 
DG  "O5'" "C5'"  sing N N 187 
DG  "C5'" "C4'"  sing N N 188 
DG  "C5'" "H5'"  sing N N 189 
DG  "C5'" "H5''" sing N N 190 
DG  "C4'" "O4'"  sing N N 191 
DG  "C4'" "C3'"  sing N N 192 
DG  "C4'" "H4'"  sing N N 193 
DG  "O4'" "C1'"  sing N N 194 
DG  "C3'" "O3'"  sing N N 195 
DG  "C3'" "C2'"  sing N N 196 
DG  "C3'" "H3'"  sing N N 197 
DG  "O3'" "HO3'" sing N N 198 
DG  "C2'" "C1'"  sing N N 199 
DG  "C2'" "H2'"  sing N N 200 
DG  "C2'" "H2''" sing N N 201 
DG  "C1'" N9     sing N N 202 
DG  "C1'" "H1'"  sing N N 203 
DG  N9    C8     sing Y N 204 
DG  N9    C4     sing Y N 205 
DG  C8    N7     doub Y N 206 
DG  C8    H8     sing N N 207 
DG  N7    C5     sing Y N 208 
DG  C5    C6     sing N N 209 
DG  C5    C4     doub Y N 210 
DG  C6    O6     doub N N 211 
DG  C6    N1     sing N N 212 
DG  N1    C2     sing N N 213 
DG  N1    H1     sing N N 214 
DG  C2    N2     sing N N 215 
DG  C2    N3     doub N N 216 
DG  N2    H21    sing N N 217 
DG  N2    H22    sing N N 218 
DG  N3    C4     sing N N 219 
DT  OP3   P      sing N N 220 
DT  OP3   HOP3   sing N N 221 
DT  P     OP1    doub N N 222 
DT  P     OP2    sing N N 223 
DT  P     "O5'"  sing N N 224 
DT  OP2   HOP2   sing N N 225 
DT  "O5'" "C5'"  sing N N 226 
DT  "C5'" "C4'"  sing N N 227 
DT  "C5'" "H5'"  sing N N 228 
DT  "C5'" "H5''" sing N N 229 
DT  "C4'" "O4'"  sing N N 230 
DT  "C4'" "C3'"  sing N N 231 
DT  "C4'" "H4'"  sing N N 232 
DT  "O4'" "C1'"  sing N N 233 
DT  "C3'" "O3'"  sing N N 234 
DT  "C3'" "C2'"  sing N N 235 
DT  "C3'" "H3'"  sing N N 236 
DT  "O3'" "HO3'" sing N N 237 
DT  "C2'" "C1'"  sing N N 238 
DT  "C2'" "H2'"  sing N N 239 
DT  "C2'" "H2''" sing N N 240 
DT  "C1'" N1     sing N N 241 
DT  "C1'" "H1'"  sing N N 242 
DT  N1    C2     sing N N 243 
DT  N1    C6     sing N N 244 
DT  C2    O2     doub N N 245 
DT  C2    N3     sing N N 246 
DT  N3    C4     sing N N 247 
DT  N3    H3     sing N N 248 
DT  C4    O4     doub N N 249 
DT  C4    C5     sing N N 250 
DT  C5    C7     sing N N 251 
DT  C5    C6     doub N N 252 
DT  C7    H71    sing N N 253 
DT  C7    H72    sing N N 254 
DT  C7    H73    sing N N 255 
DT  C6    H6     sing N N 256 
GLN N     CA     sing N N 257 
GLN N     H      sing N N 258 
GLN N     H2     sing N N 259 
GLN CA    C      sing N N 260 
GLN CA    CB     sing N N 261 
GLN CA    HA     sing N N 262 
GLN C     O      doub N N 263 
GLN C     OXT    sing N N 264 
GLN CB    CG     sing N N 265 
GLN CB    HB2    sing N N 266 
GLN CB    HB3    sing N N 267 
GLN CG    CD     sing N N 268 
GLN CG    HG2    sing N N 269 
GLN CG    HG3    sing N N 270 
GLN CD    OE1    doub N N 271 
GLN CD    NE2    sing N N 272 
GLN NE2   HE21   sing N N 273 
GLN NE2   HE22   sing N N 274 
GLN OXT   HXT    sing N N 275 
GLU N     CA     sing N N 276 
GLU N     H      sing N N 277 
GLU N     H2     sing N N 278 
GLU CA    C      sing N N 279 
GLU CA    CB     sing N N 280 
GLU CA    HA     sing N N 281 
GLU C     O      doub N N 282 
GLU C     OXT    sing N N 283 
GLU CB    CG     sing N N 284 
GLU CB    HB2    sing N N 285 
GLU CB    HB3    sing N N 286 
GLU CG    CD     sing N N 287 
GLU CG    HG2    sing N N 288 
GLU CG    HG3    sing N N 289 
GLU CD    OE1    doub N N 290 
GLU CD    OE2    sing N N 291 
GLU OE2   HE2    sing N N 292 
GLU OXT   HXT    sing N N 293 
GLY N     CA     sing N N 294 
GLY N     H      sing N N 295 
GLY N     H2     sing N N 296 
GLY CA    C      sing N N 297 
GLY CA    HA2    sing N N 298 
GLY CA    HA3    sing N N 299 
GLY C     O      doub N N 300 
GLY C     OXT    sing N N 301 
GLY OXT   HXT    sing N N 302 
HIS N     CA     sing N N 303 
HIS N     H      sing N N 304 
HIS N     H2     sing N N 305 
HIS CA    C      sing N N 306 
HIS CA    CB     sing N N 307 
HIS CA    HA     sing N N 308 
HIS C     O      doub N N 309 
HIS C     OXT    sing N N 310 
HIS CB    CG     sing N N 311 
HIS CB    HB2    sing N N 312 
HIS CB    HB3    sing N N 313 
HIS CG    ND1    sing Y N 314 
HIS CG    CD2    doub Y N 315 
HIS ND1   CE1    doub Y N 316 
HIS ND1   HD1    sing N N 317 
HIS CD2   NE2    sing Y N 318 
HIS CD2   HD2    sing N N 319 
HIS CE1   NE2    sing Y N 320 
HIS CE1   HE1    sing N N 321 
HIS NE2   HE2    sing N N 322 
HIS OXT   HXT    sing N N 323 
HOH O     H1     sing N N 324 
HOH O     H2     sing N N 325 
ILE N     CA     sing N N 326 
ILE N     H      sing N N 327 
ILE N     H2     sing N N 328 
ILE CA    C      sing N N 329 
ILE CA    CB     sing N N 330 
ILE CA    HA     sing N N 331 
ILE C     O      doub N N 332 
ILE C     OXT    sing N N 333 
ILE CB    CG1    sing N N 334 
ILE CB    CG2    sing N N 335 
ILE CB    HB     sing N N 336 
ILE CG1   CD1    sing N N 337 
ILE CG1   HG12   sing N N 338 
ILE CG1   HG13   sing N N 339 
ILE CG2   HG21   sing N N 340 
ILE CG2   HG22   sing N N 341 
ILE CG2   HG23   sing N N 342 
ILE CD1   HD11   sing N N 343 
ILE CD1   HD12   sing N N 344 
ILE CD1   HD13   sing N N 345 
ILE OXT   HXT    sing N N 346 
LEU N     CA     sing N N 347 
LEU N     H      sing N N 348 
LEU N     H2     sing N N 349 
LEU CA    C      sing N N 350 
LEU CA    CB     sing N N 351 
LEU CA    HA     sing N N 352 
LEU C     O      doub N N 353 
LEU C     OXT    sing N N 354 
LEU CB    CG     sing N N 355 
LEU CB    HB2    sing N N 356 
LEU CB    HB3    sing N N 357 
LEU CG    CD1    sing N N 358 
LEU CG    CD2    sing N N 359 
LEU CG    HG     sing N N 360 
LEU CD1   HD11   sing N N 361 
LEU CD1   HD12   sing N N 362 
LEU CD1   HD13   sing N N 363 
LEU CD2   HD21   sing N N 364 
LEU CD2   HD22   sing N N 365 
LEU CD2   HD23   sing N N 366 
LEU OXT   HXT    sing N N 367 
LYS N     CA     sing N N 368 
LYS N     H      sing N N 369 
LYS N     H2     sing N N 370 
LYS CA    C      sing N N 371 
LYS CA    CB     sing N N 372 
LYS CA    HA     sing N N 373 
LYS C     O      doub N N 374 
LYS C     OXT    sing N N 375 
LYS CB    CG     sing N N 376 
LYS CB    HB2    sing N N 377 
LYS CB    HB3    sing N N 378 
LYS CG    CD     sing N N 379 
LYS CG    HG2    sing N N 380 
LYS CG    HG3    sing N N 381 
LYS CD    CE     sing N N 382 
LYS CD    HD2    sing N N 383 
LYS CD    HD3    sing N N 384 
LYS CE    NZ     sing N N 385 
LYS CE    HE2    sing N N 386 
LYS CE    HE3    sing N N 387 
LYS NZ    HZ1    sing N N 388 
LYS NZ    HZ2    sing N N 389 
LYS NZ    HZ3    sing N N 390 
LYS OXT   HXT    sing N N 391 
MSE N     CA     sing N N 392 
MSE N     H      sing N N 393 
MSE N     H2     sing N N 394 
MSE CA    C      sing N N 395 
MSE CA    CB     sing N N 396 
MSE CA    HA     sing N N 397 
MSE C     O      doub N N 398 
MSE C     OXT    sing N N 399 
MSE OXT   HXT    sing N N 400 
MSE CB    CG     sing N N 401 
MSE CB    HB2    sing N N 402 
MSE CB    HB3    sing N N 403 
MSE CG    SE     sing N N 404 
MSE CG    HG2    sing N N 405 
MSE CG    HG3    sing N N 406 
MSE SE    CE     sing N N 407 
MSE CE    HE1    sing N N 408 
MSE CE    HE2    sing N N 409 
MSE CE    HE3    sing N N 410 
PHE N     CA     sing N N 411 
PHE N     H      sing N N 412 
PHE N     H2     sing N N 413 
PHE CA    C      sing N N 414 
PHE CA    CB     sing N N 415 
PHE CA    HA     sing N N 416 
PHE C     O      doub N N 417 
PHE C     OXT    sing N N 418 
PHE CB    CG     sing N N 419 
PHE CB    HB2    sing N N 420 
PHE CB    HB3    sing N N 421 
PHE CG    CD1    doub Y N 422 
PHE CG    CD2    sing Y N 423 
PHE CD1   CE1    sing Y N 424 
PHE CD1   HD1    sing N N 425 
PHE CD2   CE2    doub Y N 426 
PHE CD2   HD2    sing N N 427 
PHE CE1   CZ     doub Y N 428 
PHE CE1   HE1    sing N N 429 
PHE CE2   CZ     sing Y N 430 
PHE CE2   HE2    sing N N 431 
PHE CZ    HZ     sing N N 432 
PHE OXT   HXT    sing N N 433 
PRO N     CA     sing N N 434 
PRO N     CD     sing N N 435 
PRO N     H      sing N N 436 
PRO CA    C      sing N N 437 
PRO CA    CB     sing N N 438 
PRO CA    HA     sing N N 439 
PRO C     O      doub N N 440 
PRO C     OXT    sing N N 441 
PRO CB    CG     sing N N 442 
PRO CB    HB2    sing N N 443 
PRO CB    HB3    sing N N 444 
PRO CG    CD     sing N N 445 
PRO CG    HG2    sing N N 446 
PRO CG    HG3    sing N N 447 
PRO CD    HD2    sing N N 448 
PRO CD    HD3    sing N N 449 
PRO OXT   HXT    sing N N 450 
SER N     CA     sing N N 451 
SER N     H      sing N N 452 
SER N     H2     sing N N 453 
SER CA    C      sing N N 454 
SER CA    CB     sing N N 455 
SER CA    HA     sing N N 456 
SER C     O      doub N N 457 
SER C     OXT    sing N N 458 
SER CB    OG     sing N N 459 
SER CB    HB2    sing N N 460 
SER CB    HB3    sing N N 461 
SER OG    HG     sing N N 462 
SER OXT   HXT    sing N N 463 
THR N     CA     sing N N 464 
THR N     H      sing N N 465 
THR N     H2     sing N N 466 
THR CA    C      sing N N 467 
THR CA    CB     sing N N 468 
THR CA    HA     sing N N 469 
THR C     O      doub N N 470 
THR C     OXT    sing N N 471 
THR CB    OG1    sing N N 472 
THR CB    CG2    sing N N 473 
THR CB    HB     sing N N 474 
THR OG1   HG1    sing N N 475 
THR CG2   HG21   sing N N 476 
THR CG2   HG22   sing N N 477 
THR CG2   HG23   sing N N 478 
THR OXT   HXT    sing N N 479 
TRP N     CA     sing N N 480 
TRP N     H      sing N N 481 
TRP N     H2     sing N N 482 
TRP CA    C      sing N N 483 
TRP CA    CB     sing N N 484 
TRP CA    HA     sing N N 485 
TRP C     O      doub N N 486 
TRP C     OXT    sing N N 487 
TRP CB    CG     sing N N 488 
TRP CB    HB2    sing N N 489 
TRP CB    HB3    sing N N 490 
TRP CG    CD1    doub Y N 491 
TRP CG    CD2    sing Y N 492 
TRP CD1   NE1    sing Y N 493 
TRP CD1   HD1    sing N N 494 
TRP CD2   CE2    doub Y N 495 
TRP CD2   CE3    sing Y N 496 
TRP NE1   CE2    sing Y N 497 
TRP NE1   HE1    sing N N 498 
TRP CE2   CZ2    sing Y N 499 
TRP CE3   CZ3    doub Y N 500 
TRP CE3   HE3    sing N N 501 
TRP CZ2   CH2    doub Y N 502 
TRP CZ2   HZ2    sing N N 503 
TRP CZ3   CH2    sing Y N 504 
TRP CZ3   HZ3    sing N N 505 
TRP CH2   HH2    sing N N 506 
TRP OXT   HXT    sing N N 507 
TYR N     CA     sing N N 508 
TYR N     H      sing N N 509 
TYR N     H2     sing N N 510 
TYR CA    C      sing N N 511 
TYR CA    CB     sing N N 512 
TYR CA    HA     sing N N 513 
TYR C     O      doub N N 514 
TYR C     OXT    sing N N 515 
TYR CB    CG     sing N N 516 
TYR CB    HB2    sing N N 517 
TYR CB    HB3    sing N N 518 
TYR CG    CD1    doub Y N 519 
TYR CG    CD2    sing Y N 520 
TYR CD1   CE1    sing Y N 521 
TYR CD1   HD1    sing N N 522 
TYR CD2   CE2    doub Y N 523 
TYR CD2   HD2    sing N N 524 
TYR CE1   CZ     doub Y N 525 
TYR CE1   HE1    sing N N 526 
TYR CE2   CZ     sing Y N 527 
TYR CE2   HE2    sing N N 528 
TYR CZ    OH     sing N N 529 
TYR OH    HH     sing N N 530 
TYR OXT   HXT    sing N N 531 
VAL N     CA     sing N N 532 
VAL N     H      sing N N 533 
VAL N     H2     sing N N 534 
VAL CA    C      sing N N 535 
VAL CA    CB     sing N N 536 
VAL CA    HA     sing N N 537 
VAL C     O      doub N N 538 
VAL C     OXT    sing N N 539 
VAL CB    CG1    sing N N 540 
VAL CB    CG2    sing N N 541 
VAL CB    HB     sing N N 542 
VAL CG1   HG11   sing N N 543 
VAL CG1   HG12   sing N N 544 
VAL CG1   HG13   sing N N 545 
VAL CG2   HG21   sing N N 546 
VAL CG2   HG22   sing N N 547 
VAL CG2   HG23   sing N N 548 
VAL OXT   HXT    sing N N 549 
# 
loop_
_ndb_struct_conf_na.entry_id 
_ndb_struct_conf_na.feature 
3Q0B 'b-form double helix' 
3Q0B 'internal loop'       
# 
loop_
_ndb_struct_na_base_pair.model_number 
_ndb_struct_na_base_pair.i_label_asym_id 
_ndb_struct_na_base_pair.i_label_comp_id 
_ndb_struct_na_base_pair.i_label_seq_id 
_ndb_struct_na_base_pair.i_symmetry 
_ndb_struct_na_base_pair.j_label_asym_id 
_ndb_struct_na_base_pair.j_label_comp_id 
_ndb_struct_na_base_pair.j_label_seq_id 
_ndb_struct_na_base_pair.j_symmetry 
_ndb_struct_na_base_pair.shear 
_ndb_struct_na_base_pair.stretch 
_ndb_struct_na_base_pair.stagger 
_ndb_struct_na_base_pair.buckle 
_ndb_struct_na_base_pair.propeller 
_ndb_struct_na_base_pair.opening 
_ndb_struct_na_base_pair.pair_number 
_ndb_struct_na_base_pair.pair_name 
_ndb_struct_na_base_pair.i_auth_asym_id 
_ndb_struct_na_base_pair.i_auth_seq_id 
_ndb_struct_na_base_pair.i_PDB_ins_code 
_ndb_struct_na_base_pair.j_auth_asym_id 
_ndb_struct_na_base_pair.j_auth_seq_id 
_ndb_struct_na_base_pair.j_PDB_ins_code 
_ndb_struct_na_base_pair.hbond_type_28 
_ndb_struct_na_base_pair.hbond_type_12 
1 B DA 1 1_555 B DT 10 7_555 -0.304 -0.139 -0.364 -11.310 -4.977 -0.128 1 A_DA1:DT10_A A 1 ? A 10 ? 20 1 
1 B DC 2 1_555 B DG 9  7_555 0.091  -0.112 0.030  -0.004  -6.461 -0.593 2 A_DC2:DG9_A  A 2 ? A 9  ? 19 1 
1 B DT 3 1_555 B DA 8  7_555 -0.573 -0.061 0.117  3.993   -4.536 -0.067 3 A_DT3:DA8_A  A 3 ? A 8  ? 20 1 
1 B DA 4 1_555 B DT 7  7_555 0.095  -0.231 0.090  14.603  -9.471 2.250  4 A_DA4:DT7_A  A 4 ? A 7  ? 20 1 
1 B DA 1 1_555 B DT 10 1_555 -0.304 -0.139 -0.364 -11.310 -4.977 -0.128 5 A_DA1:DT10_A A 1 ? A 10 ? 20 1 
1 B DC 2 1_555 B DG 9  1_555 0.091  -0.112 0.030  -0.004  -6.461 -0.593 6 A_DC2:DG9_A  A 2 ? A 9  ? 19 1 
1 B DT 3 1_555 B DA 8  1_555 -0.573 -0.061 0.117  3.993   -4.536 -0.067 7 A_DT3:DA8_A  A 3 ? A 8  ? 20 1 
1 B DA 4 1_555 B DT 7  1_555 0.095  -0.231 0.090  14.603  -9.471 2.250  8 A_DA4:DT7_A  A 4 ? A 7  ? 20 1 
# 
loop_
_ndb_struct_na_base_pair_step.model_number 
_ndb_struct_na_base_pair_step.i_label_asym_id_1 
_ndb_struct_na_base_pair_step.i_label_comp_id_1 
_ndb_struct_na_base_pair_step.i_label_seq_id_1 
_ndb_struct_na_base_pair_step.i_symmetry_1 
_ndb_struct_na_base_pair_step.j_label_asym_id_1 
_ndb_struct_na_base_pair_step.j_label_comp_id_1 
_ndb_struct_na_base_pair_step.j_label_seq_id_1 
_ndb_struct_na_base_pair_step.j_symmetry_1 
_ndb_struct_na_base_pair_step.i_label_asym_id_2 
_ndb_struct_na_base_pair_step.i_label_comp_id_2 
_ndb_struct_na_base_pair_step.i_label_seq_id_2 
_ndb_struct_na_base_pair_step.i_symmetry_2 
_ndb_struct_na_base_pair_step.j_label_asym_id_2 
_ndb_struct_na_base_pair_step.j_label_comp_id_2 
_ndb_struct_na_base_pair_step.j_label_seq_id_2 
_ndb_struct_na_base_pair_step.j_symmetry_2 
_ndb_struct_na_base_pair_step.shift 
_ndb_struct_na_base_pair_step.slide 
_ndb_struct_na_base_pair_step.rise 
_ndb_struct_na_base_pair_step.tilt 
_ndb_struct_na_base_pair_step.roll 
_ndb_struct_na_base_pair_step.twist 
_ndb_struct_na_base_pair_step.x_displacement 
_ndb_struct_na_base_pair_step.y_displacement 
_ndb_struct_na_base_pair_step.helical_rise 
_ndb_struct_na_base_pair_step.inclination 
_ndb_struct_na_base_pair_step.tip 
_ndb_struct_na_base_pair_step.helical_twist 
_ndb_struct_na_base_pair_step.step_number 
_ndb_struct_na_base_pair_step.step_name 
_ndb_struct_na_base_pair_step.i_auth_asym_id_1 
_ndb_struct_na_base_pair_step.i_auth_seq_id_1 
_ndb_struct_na_base_pair_step.i_PDB_ins_code_1 
_ndb_struct_na_base_pair_step.j_auth_asym_id_1 
_ndb_struct_na_base_pair_step.j_auth_seq_id_1 
_ndb_struct_na_base_pair_step.j_PDB_ins_code_1 
_ndb_struct_na_base_pair_step.i_auth_asym_id_2 
_ndb_struct_na_base_pair_step.i_auth_seq_id_2 
_ndb_struct_na_base_pair_step.i_PDB_ins_code_2 
_ndb_struct_na_base_pair_step.j_auth_asym_id_2 
_ndb_struct_na_base_pair_step.j_auth_seq_id_2 
_ndb_struct_na_base_pair_step.j_PDB_ins_code_2 
1 B DA 1 1_555 B DT 10 7_555 B DC 2 1_555 B DG 9 7_555 0.303  -0.427 3.072 -2.376 1.840  28.897 -1.227 -1.091 3.006 3.675  4.744  
29.049 1 AA_DA1DC2:DG9DT10_AA A 1 ? A 10 ? A 2 ? A 9 ? 
1 B DC 2 1_555 B DG 9  7_555 B DT 3 1_555 B DA 8 7_555 -0.141 -0.367 3.267 1.213  -1.584 29.958 -0.382 0.521  3.274 -3.060 -2.344 
30.023 2 AA_DC2DT3:DA8DG9_AA  A 2 ? A 9  ? A 3 ? A 8 ? 
1 B DT 3 1_555 B DA 8  7_555 B DA 4 1_555 B DT 7 7_555 1.015  -0.008 3.080 4.127  6.629  34.752 -0.940 -1.084 3.122 10.928 -6.804 
35.592 3 AA_DT3DA4:DT7DA8_AA  A 3 ? A 8  ? A 4 ? A 7 ? 
1 B DA 1 1_555 B DT 10 1_555 B DC 2 1_555 B DG 9 1_555 0.303  -0.427 3.072 -2.376 1.840  28.897 -1.227 -1.091 3.006 3.675  4.744  
29.049 4 AA_DA1DC2:DG9DT10_AA A 1 ? A 10 ? A 2 ? A 9 ? 
1 B DC 2 1_555 B DG 9  1_555 B DT 3 1_555 B DA 8 1_555 -0.141 -0.367 3.267 1.213  -1.584 29.958 -0.382 0.521  3.274 -3.060 -2.344 
30.023 5 AA_DC2DT3:DA8DG9_AA  A 2 ? A 9  ? A 3 ? A 8 ? 
1 B DT 3 1_555 B DA 8  1_555 B DA 4 1_555 B DT 7 1_555 1.015  -0.008 3.080 4.127  6.629  34.752 -0.940 -1.084 3.122 10.928 -6.804 
35.592 6 AA_DT3DA4:DT7DA8_AA  A 3 ? A 8  ? A 4 ? A 7 ? 
# 
_atom_sites.entry_id                    3Q0B 
_atom_sites.fract_transf_matrix[1][1]   -0.00810071 
_atom_sites.fract_transf_matrix[1][2]   0.01017010 
_atom_sites.fract_transf_matrix[1][3]   0.00123993 
_atom_sites.fract_transf_matrix[2][1]   -0.00881213 
_atom_sites.fract_transf_matrix[2][2]   -0.00772259 
_atom_sites.fract_transf_matrix[2][3]   0.00577042 
_atom_sites.fract_transf_matrix[3][1]   0.00541441 
_atom_sites.fract_transf_matrix[3][2]   0.00284105 
_atom_sites.fract_transf_matrix[3][3]   0.01207065 
_atom_sites.fract_transf_vector[1]      0.180434 
_atom_sites.fract_transf_vector[2]      0.436293 
_atom_sites.fract_transf_vector[3]      0.187151 
# 
loop_
_atom_type.symbol 
C  
N  
O  
P  
SE 
# 
loop_
_atom_site.group_PDB 
_atom_site.id 
_atom_site.type_symbol 
_atom_site.label_atom_id 
_atom_site.label_alt_id 
_atom_site.label_comp_id 
_atom_site.label_asym_id 
_atom_site.label_entity_id 
_atom_site.label_seq_id 
_atom_site.pdbx_PDB_ins_code 
_atom_site.Cartn_x 
_atom_site.Cartn_y 
_atom_site.Cartn_z 
_atom_site.occupancy 
_atom_site.B_iso_or_equiv 
_atom_site.pdbx_formal_charge 
_atom_site.auth_seq_id 
_atom_site.auth_comp_id 
_atom_site.auth_asym_id 
_atom_site.auth_atom_id 
_atom_site.pdbx_PDB_model_num 
ATOM   1    N  N     . GLN A 1 1   ? -5.177  15.019  4.498   1.00 60.28 ? 362 GLN X N     1 
ATOM   2    C  CA    . GLN A 1 1   ? -4.419  13.803  4.790   1.00 55.91 ? 362 GLN X CA    1 
ATOM   3    C  C     . GLN A 1 1   ? -4.853  13.142  6.095   1.00 52.62 ? 362 GLN X C     1 
ATOM   4    O  O     . GLN A 1 1   ? -4.516  13.608  7.179   1.00 63.63 ? 362 GLN X O     1 
ATOM   5    C  CB    . GLN A 1 1   ? -2.913  14.089  4.807   1.00 55.65 ? 362 GLN X CB    1 
ATOM   6    C  CG    . GLN A 1 1   ? -2.137  13.497  3.617   1.00 43.92 ? 362 GLN X CG    1 
ATOM   7    C  CD    . GLN A 1 1   ? -2.247  11.988  3.549   1.00 48.23 ? 362 GLN X CD    1 
ATOM   8    O  OE1   . GLN A 1 1   ? -3.320  11.415  3.792   1.00 49.19 ? 362 GLN X OE1   1 
ATOM   9    N  NE2   . GLN A 1 1   ? -1.141  11.328  3.207   1.00 43.91 ? 362 GLN X NE2   1 
ATOM   10   N  N     . ILE A 1 2   ? -5.597  12.048  5.985   1.00 48.09 ? 363 ILE X N     1 
ATOM   11   C  CA    . ILE A 1 2   ? -6.164  11.377  7.149   1.00 50.25 ? 363 ILE X CA    1 
ATOM   12   C  C     . ILE A 1 2   ? -5.658  9.947   7.310   1.00 46.55 ? 363 ILE X C     1 
ATOM   13   O  O     . ILE A 1 2   ? -5.584  9.205   6.342   1.00 46.73 ? 363 ILE X O     1 
ATOM   14   C  CB    . ILE A 1 2   ? -7.710  11.359  7.069   1.00 55.47 ? 363 ILE X CB    1 
ATOM   15   C  CG1   . ILE A 1 2   ? -8.297  12.542  7.839   1.00 59.27 ? 363 ILE X CG1   1 
ATOM   16   C  CG2   . ILE A 1 2   ? -8.273  10.062  7.619   1.00 50.94 ? 363 ILE X CG2   1 
ATOM   17   C  CD1   . ILE A 1 2   ? -9.803  12.691  7.664   1.00 65.96 ? 363 ILE X CD1   1 
ATOM   18   N  N     . ILE A 1 3   ? -5.308  9.572   8.537   1.00 46.52 ? 364 ILE X N     1 
ATOM   19   C  CA    . ILE A 1 3   ? -4.930  8.197   8.858   1.00 46.37 ? 364 ILE X CA    1 
ATOM   20   C  C     . ILE A 1 3   ? -6.131  7.365   9.300   1.00 44.50 ? 364 ILE X C     1 
ATOM   21   O  O     . ILE A 1 3   ? -6.952  7.814   10.094  1.00 48.44 ? 364 ILE X O     1 
ATOM   22   C  CB    . ILE A 1 3   ? -3.863  8.146   9.963   1.00 44.11 ? 364 ILE X CB    1 
ATOM   23   C  CG1   . ILE A 1 3   ? -2.508  8.557   9.392   1.00 44.42 ? 364 ILE X CG1   1 
ATOM   24   C  CG2   . ILE A 1 3   ? -3.789  6.750   10.576  1.00 40.10 ? 364 ILE X CG2   1 
ATOM   25   C  CD1   . ILE A 1 3   ? -1.360  8.404   10.354  1.00 50.52 ? 364 ILE X CD1   1 
ATOM   26   N  N     . GLY A 1 4   ? -6.236  6.154   8.767   1.00 45.18 ? 365 GLY X N     1 
ATOM   27   C  CA    . GLY A 1 4   ? -7.295  5.241   9.150   1.00 41.62 ? 365 GLY X CA    1 
ATOM   28   C  C     . GLY A 1 4   ? -8.549  5.395   8.317   1.00 41.76 ? 365 GLY X C     1 
ATOM   29   O  O     . GLY A 1 4   ? -8.508  5.824   7.169   1.00 43.69 ? 365 GLY X O     1 
ATOM   30   N  N     . THR A 1 5   ? -9.679  5.039   8.907   1.00 45.40 ? 366 THR X N     1 
ATOM   31   C  CA    . THR A 1 5   ? -10.950 5.107   8.209   1.00 40.07 ? 366 THR X CA    1 
ATOM   32   C  C     . THR A 1 5   ? -11.255 6.503   7.684   1.00 47.23 ? 366 THR X C     1 
ATOM   33   O  O     . THR A 1 5   ? -10.965 7.508   8.334   1.00 48.40 ? 366 THR X O     1 
ATOM   34   C  CB    . THR A 1 5   ? -12.092 4.648   9.114   1.00 44.96 ? 366 THR X CB    1 
ATOM   35   O  OG1   . THR A 1 5   ? -11.689 3.462   9.804   1.00 50.87 ? 366 THR X OG1   1 
ATOM   36   C  CG2   . THR A 1 5   ? -13.338 4.357   8.295   1.00 44.29 ? 366 THR X CG2   1 
ATOM   37   N  N     . VAL A 1 6   ? -11.835 6.549   6.489   1.00 48.72 ? 367 VAL X N     1 
ATOM   38   C  CA    . VAL A 1 6   ? -12.283 7.788   5.888   1.00 46.25 ? 367 VAL X CA    1 
ATOM   39   C  C     . VAL A 1 6   ? -13.806 7.827   5.878   1.00 48.91 ? 367 VAL X C     1 
ATOM   40   O  O     . VAL A 1 6   ? -14.453 6.967   5.273   1.00 51.14 ? 367 VAL X O     1 
ATOM   41   C  CB    . VAL A 1 6   ? -11.766 7.941   4.450   1.00 47.44 ? 367 VAL X CB    1 
ATOM   42   C  CG1   . VAL A 1 6   ? -12.616 8.956   3.684   1.00 47.59 ? 367 VAL X CG1   1 
ATOM   43   C  CG2   . VAL A 1 6   ? -10.307 8.355   4.459   1.00 45.77 ? 367 VAL X CG2   1 
ATOM   44   N  N     . PRO A 1 7   ? -14.381 8.833   6.550   1.00 50.26 ? 368 PRO X N     1 
ATOM   45   C  CA    . PRO A 1 7   ? -15.832 8.989   6.688   1.00 52.01 ? 368 PRO X CA    1 
ATOM   46   C  C     . PRO A 1 7   ? -16.572 8.795   5.370   1.00 51.51 ? 368 PRO X C     1 
ATOM   47   O  O     . PRO A 1 7   ? -16.229 9.429   4.371   1.00 52.52 ? 368 PRO X O     1 
ATOM   48   C  CB    . PRO A 1 7   ? -15.968 10.429  7.173   1.00 57.04 ? 368 PRO X CB    1 
ATOM   49   C  CG    . PRO A 1 7   ? -14.720 10.649  7.982   1.00 53.21 ? 368 PRO X CG    1 
ATOM   50   C  CD    . PRO A 1 7   ? -13.644 9.912   7.235   1.00 50.39 ? 368 PRO X CD    1 
ATOM   51   N  N     . GLY A 1 8   ? -17.569 7.914   5.374   1.00 54.18 ? 369 GLY X N     1 
ATOM   52   C  CA    . GLY A 1 8   ? -18.401 7.694   4.205   1.00 49.59 ? 369 GLY X CA    1 
ATOM   53   C  C     . GLY A 1 8   ? -17.770 6.798   3.152   1.00 55.11 ? 369 GLY X C     1 
ATOM   54   O  O     . GLY A 1 8   ? -18.237 6.747   2.014   1.00 57.51 ? 369 GLY X O     1 
ATOM   55   N  N     . VAL A 1 9   ? -16.704 6.098   3.527   1.00 55.64 ? 370 VAL X N     1 
ATOM   56   C  CA    . VAL A 1 9   ? -16.074 5.131   2.630   1.00 54.62 ? 370 VAL X CA    1 
ATOM   57   C  C     . VAL A 1 9   ? -16.044 3.756   3.290   1.00 49.54 ? 370 VAL X C     1 
ATOM   58   O  O     . VAL A 1 9   ? -15.295 3.528   4.236   1.00 47.36 ? 370 VAL X O     1 
ATOM   59   C  CB    . VAL A 1 9   ? -14.645 5.550   2.240   1.00 47.61 ? 370 VAL X CB    1 
ATOM   60   C  CG1   . VAL A 1 9   ? -14.045 4.537   1.282   1.00 46.45 ? 370 VAL X CG1   1 
ATOM   61   C  CG2   . VAL A 1 9   ? -14.652 6.941   1.617   1.00 49.15 ? 370 VAL X CG2   1 
ATOM   62   N  N     . GLU A 1 10  ? -16.868 2.847   2.786   1.00 49.49 ? 371 GLU X N     1 
ATOM   63   C  CA    . GLU A 1 10  ? -17.032 1.544   3.412   1.00 51.60 ? 371 GLU X CA    1 
ATOM   64   C  C     . GLU A 1 10  ? -16.148 0.500   2.751   1.00 47.19 ? 371 GLU X C     1 
ATOM   65   O  O     . GLU A 1 10  ? -15.914 0.533   1.538   1.00 45.37 ? 371 GLU X O     1 
ATOM   66   C  CB    . GLU A 1 10  ? -18.492 1.082   3.327   1.00 52.88 ? 371 GLU X CB    1 
ATOM   67   C  CG    . GLU A 1 10  ? -19.529 2.203   3.347   1.00 55.90 ? 371 GLU X CG    1 
ATOM   68   C  CD    . GLU A 1 10  ? -19.534 2.974   4.649   1.00 59.17 ? 371 GLU X CD    1 
ATOM   69   O  OE1   . GLU A 1 10  ? -18.892 2.513   5.619   1.00 60.25 ? 371 GLU X OE1   1 
ATOM   70   O  OE2   . GLU A 1 10  ? -20.179 4.045   4.705   1.00 66.14 ? 371 GLU X OE2   1 
ATOM   71   N  N     . VAL A 1 11  ? -15.665 -0.434  3.558   1.00 45.87 ? 372 VAL X N     1 
ATOM   72   C  CA    . VAL A 1 11  ? -15.024 -1.615  3.026   1.00 42.23 ? 372 VAL X CA    1 
ATOM   73   C  C     . VAL A 1 11  ? -15.939 -2.165  1.946   1.00 43.64 ? 372 VAL X C     1 
ATOM   74   O  O     . VAL A 1 11  ? -17.143 -2.278  2.150   1.00 45.72 ? 372 VAL X O     1 
ATOM   75   C  CB    . VAL A 1 11  ? -14.789 -2.659  4.118   1.00 44.59 ? 372 VAL X CB    1 
ATOM   76   C  CG1   . VAL A 1 11  ? -14.427 -3.996  3.500   1.00 45.18 ? 372 VAL X CG1   1 
ATOM   77   C  CG2   . VAL A 1 11  ? -13.699 -2.186  5.067   1.00 40.87 ? 372 VAL X CG2   1 
ATOM   78   N  N     . GLY A 1 12  ? -15.374 -2.461  0.779   1.00 44.93 ? 373 GLY X N     1 
ATOM   79   C  CA    . GLY A 1 12  ? -16.148 -2.999  -0.323  1.00 41.09 ? 373 GLY X CA    1 
ATOM   80   C  C     . GLY A 1 12  ? -16.611 -1.965  -1.331  1.00 42.46 ? 373 GLY X C     1 
ATOM   81   O  O     . GLY A 1 12  ? -17.138 -2.313  -2.387  1.00 44.20 ? 373 GLY X O     1 
ATOM   82   N  N     . ASP A 1 13  ? -16.432 -0.686  -1.019  1.00 43.03 ? 374 ASP X N     1 
ATOM   83   C  CA    . ASP A 1 13  ? -16.793 0.356   -1.981  1.00 40.91 ? 374 ASP X CA    1 
ATOM   84   C  C     . ASP A 1 13  ? -15.873 0.284   -3.189  1.00 43.67 ? 374 ASP X C     1 
ATOM   85   O  O     . ASP A 1 13  ? -14.675 0.032   -3.047  1.00 42.90 ? 374 ASP X O     1 
ATOM   86   C  CB    . ASP A 1 13  ? -16.711 1.741   -1.346  1.00 47.02 ? 374 ASP X CB    1 
ATOM   87   C  CG    . ASP A 1 13  ? -17.906 2.050   -0.473  1.00 47.74 ? 374 ASP X CG    1 
ATOM   88   O  OD1   . ASP A 1 13  ? -18.934 1.345   -0.591  1.00 48.07 ? 374 ASP X OD1   1 
ATOM   89   O  OD2   . ASP A 1 13  ? -17.816 2.999   0.329   1.00 50.75 ? 374 ASP X OD2   1 
ATOM   90   N  N     . GLU A 1 14  ? -16.431 0.506   -4.375  1.00 42.73 ? 375 GLU X N     1 
ATOM   91   C  CA    . GLU A 1 14  ? -15.660 0.398   -5.604  1.00 44.25 ? 375 GLU X CA    1 
ATOM   92   C  C     . GLU A 1 14  ? -15.603 1.715   -6.364  1.00 45.48 ? 375 GLU X C     1 
ATOM   93   O  O     . GLU A 1 14  ? -16.505 2.545   -6.247  1.00 45.62 ? 375 GLU X O     1 
ATOM   94   C  CB    . GLU A 1 14  ? -16.221 -0.713  -6.493  1.00 45.86 ? 375 GLU X CB    1 
ATOM   95   C  CG    . GLU A 1 14  ? -16.339 -2.060  -5.783  1.00 47.87 ? 375 GLU X CG    1 
ATOM   96   C  CD    . GLU A 1 14  ? -16.782 -3.169  -6.720  1.00 53.49 ? 375 GLU X CD    1 
ATOM   97   O  OE1   . GLU A 1 14  ? -17.173 -2.850  -7.864  1.00 57.15 ? 375 GLU X OE1   1 
ATOM   98   O  OE2   . GLU A 1 14  ? -16.733 -4.354  -6.317  1.00 49.09 ? 375 GLU X OE2   1 
ATOM   99   N  N     . PHE A 1 15  ? -14.531 1.892   -7.136  1.00 45.39 ? 376 PHE X N     1 
ATOM   100  C  CA    . PHE A 1 15  ? -14.252 3.138   -7.843  1.00 39.70 ? 376 PHE X CA    1 
ATOM   101  C  C     . PHE A 1 15  ? -13.639 2.838   -9.197  1.00 43.63 ? 376 PHE X C     1 
ATOM   102  O  O     . PHE A 1 15  ? -12.849 1.913   -9.333  1.00 41.26 ? 376 PHE X O     1 
ATOM   103  C  CB    . PHE A 1 15  ? -13.261 3.981   -7.047  1.00 43.21 ? 376 PHE X CB    1 
ATOM   104  C  CG    . PHE A 1 15  ? -13.548 4.026   -5.578  1.00 46.03 ? 376 PHE X CG    1 
ATOM   105  C  CD1   . PHE A 1 15  ? -14.341 5.035   -5.040  1.00 42.87 ? 376 PHE X CD1   1 
ATOM   106  C  CD2   . PHE A 1 15  ? -13.030 3.058   -4.731  1.00 38.91 ? 376 PHE X CD2   1 
ATOM   107  C  CE1   . PHE A 1 15  ? -14.606 5.077   -3.685  1.00 38.68 ? 376 PHE X CE1   1 
ATOM   108  C  CE2   . PHE A 1 15  ? -13.294 3.090   -3.375  1.00 38.64 ? 376 PHE X CE2   1 
ATOM   109  C  CZ    . PHE A 1 15  ? -14.082 4.101   -2.852  1.00 42.80 ? 376 PHE X CZ    1 
ATOM   110  N  N     . GLN A 1 16  ? -13.989 3.628   -10.200 1.00 44.71 ? 377 GLN X N     1 
ATOM   111  C  CA    . GLN A 1 16  ? -13.458 3.410   -11.534 1.00 47.78 ? 377 GLN X CA    1 
ATOM   112  C  C     . GLN A 1 16  ? -12.063 4.006   -11.712 1.00 46.09 ? 377 GLN X C     1 
ATOM   113  O  O     . GLN A 1 16  ? -11.265 3.496   -12.492 1.00 48.29 ? 377 GLN X O     1 
ATOM   114  C  CB    . GLN A 1 16  ? -14.402 3.987   -12.594 1.00 46.62 ? 377 GLN X CB    1 
ATOM   115  C  CG    . GLN A 1 16  ? -13.846 3.865   -13.999 1.00 51.80 ? 377 GLN X CG    1 
ATOM   116  C  CD    . GLN A 1 16  ? -14.895 4.036   -15.087 1.00 56.08 ? 377 GLN X CD    1 
ATOM   117  O  OE1   . GLN A 1 16  ? -14.709 3.567   -16.209 1.00 58.81 ? 377 GLN X OE1   1 
ATOM   118  N  NE2   . GLN A 1 16  ? -15.997 4.711   -14.765 1.00 48.65 ? 377 GLN X NE2   1 
ATOM   119  N  N     . TYR A 1 17  ? -11.772 5.090   -11.003 1.00 44.20 ? 378 TYR X N     1 
ATOM   120  C  CA    . TYR A 1 17  ? -10.543 5.832   -11.255 1.00 42.12 ? 378 TYR X CA    1 
ATOM   121  C  C     . TYR A 1 17  ? -9.734  6.201   -10.019 1.00 44.00 ? 378 TYR X C     1 
ATOM   122  O  O     . TYR A 1 17  ? -10.289 6.432   -8.945  1.00 44.85 ? 378 TYR X O     1 
ATOM   123  C  CB    . TYR A 1 17  ? -10.838 7.080   -12.083 1.00 44.31 ? 378 TYR X CB    1 
ATOM   124  C  CG    . TYR A 1 17  ? -11.314 6.745   -13.470 1.00 47.91 ? 378 TYR X CG    1 
ATOM   125  C  CD1   . TYR A 1 17  ? -10.569 5.907   -14.290 1.00 48.34 ? 378 TYR X CD1   1 
ATOM   126  C  CD2   . TYR A 1 17  ? -12.513 7.247   -13.956 1.00 45.65 ? 378 TYR X CD2   1 
ATOM   127  C  CE1   . TYR A 1 17  ? -11.003 5.584   -15.561 1.00 50.84 ? 378 TYR X CE1   1 
ATOM   128  C  CE2   . TYR A 1 17  ? -12.951 6.936   -15.230 1.00 47.63 ? 378 TYR X CE2   1 
ATOM   129  C  CZ    . TYR A 1 17  ? -12.192 6.105   -16.026 1.00 49.63 ? 378 TYR X CZ    1 
ATOM   130  O  OH    . TYR A 1 17  ? -12.623 5.787   -17.291 1.00 50.09 ? 378 TYR X OH    1 
ATOM   131  N  N     . ARG A 1 18  ? -8.413  6.240   -10.192 1.00 39.56 ? 379 ARG X N     1 
ATOM   132  C  CA    . ARG A 1 18  ? -7.492  6.675   -9.153  1.00 42.14 ? 379 ARG X CA    1 
ATOM   133  C  C     . ARG A 1 18  ? -7.885  8.069   -8.656  1.00 42.22 ? 379 ARG X C     1 
ATOM   134  O  O     . ARG A 1 18  ? -7.741  8.381   -7.478  1.00 40.44 ? 379 ARG X O     1 
ATOM   135  C  CB    . ARG A 1 18  ? -6.059  6.700   -9.694  1.00 37.45 ? 379 ARG X CB    1 
ATOM   136  C  CG    . ARG A 1 18  ? -5.523  5.328   -10.084 1.00 42.58 ? 379 ARG X CG    1 
ATOM   137  C  CD    . ARG A 1 18  ? -5.135  4.525   -8.857  1.00 36.65 ? 379 ARG X CD    1 
ATOM   138  N  NE    . ARG A 1 18  ? -4.267  5.338   -8.022  1.00 34.22 ? 379 ARG X NE    1 
ATOM   139  C  CZ    . ARG A 1 18  ? -2.981  5.098   -7.817  1.00 34.39 ? 379 ARG X CZ    1 
ATOM   140  N  NH1   . ARG A 1 18  ? -2.397  4.020   -8.336  1.00 33.39 ? 379 ARG X NH1   1 
ATOM   141  N  NH2   . ARG A 1 18  ? -2.287  5.934   -7.065  1.00 36.47 ? 379 ARG X NH2   1 
HETATM 142  N  N     . MSE A 1 19  ? -8.389  8.900   -9.560  1.00 38.32 ? 380 MSE X N     1 
HETATM 143  C  CA    . MSE A 1 19  ? -8.750  10.268  -9.200  1.00 44.27 ? 380 MSE X CA    1 
HETATM 144  C  C     . MSE A 1 19  ? -9.962  10.375  -8.270  1.00 43.34 ? 380 MSE X C     1 
HETATM 145  O  O     . MSE A 1 19  ? -10.131 11.390  -7.599  1.00 40.37 ? 380 MSE X O     1 
HETATM 146  C  CB    . MSE A 1 19  ? -8.950  11.133  -10.448 1.00 46.54 ? 380 MSE X CB    1 
HETATM 147  C  CG    . MSE A 1 19  ? -7.651  11.680  -11.005 1.00 49.72 ? 380 MSE X CG    1 
HETATM 148  SE SE    . MSE A 1 19  ? -6.840  12.822  -9.863  1.00 51.20 ? 380 MSE X SE    1 
HETATM 149  C  CE    . MSE A 1 19  ? -5.202  12.169  -9.936  1.00 34.86 ? 380 MSE X CE    1 
ATOM   150  N  N     . GLU A 1 20  ? -10.799 9.339   -8.232  1.00 39.16 ? 381 GLU X N     1 
ATOM   151  C  CA    . GLU A 1 20  ? -11.886 9.289   -7.253  1.00 41.71 ? 381 GLU X CA    1 
ATOM   152  C  C     . GLU A 1 20  ? -11.329 8.976   -5.874  1.00 41.49 ? 381 GLU X C     1 
ATOM   153  O  O     . GLU A 1 20  ? -11.821 9.477   -4.863  1.00 41.89 ? 381 GLU X O     1 
ATOM   154  C  CB    . GLU A 1 20  ? -12.928 8.244   -7.637  1.00 40.24 ? 381 GLU X CB    1 
ATOM   155  C  CG    . GLU A 1 20  ? -13.343 8.310   -9.095  1.00 46.41 ? 381 GLU X CG    1 
ATOM   156  C  CD    . GLU A 1 20  ? -14.334 7.225   -9.465  1.00 52.02 ? 381 GLU X CD    1 
ATOM   157  O  OE1   . GLU A 1 20  ? -14.961 6.652   -8.546  1.00 53.75 ? 381 GLU X OE1   1 
ATOM   158  O  OE2   . GLU A 1 20  ? -14.492 6.952   -10.674 1.00 53.38 ? 381 GLU X OE2   1 
ATOM   159  N  N     . LEU A 1 21  ? -10.292 8.147   -5.834  1.00 40.05 ? 382 LEU X N     1 
ATOM   160  C  CA    . LEU A 1 21  ? -9.628  7.849   -4.578  1.00 38.66 ? 382 LEU X CA    1 
ATOM   161  C  C     . LEU A 1 21  ? -9.109  9.160   -3.997  1.00 41.27 ? 382 LEU X C     1 
ATOM   162  O  O     . LEU A 1 21  ? -9.191  9.410   -2.789  1.00 40.77 ? 382 LEU X O     1 
ATOM   163  C  CB    . LEU A 1 21  ? -8.471  6.874   -4.801  1.00 35.71 ? 382 LEU X CB    1 
ATOM   164  C  CG    . LEU A 1 21  ? -8.844  5.512   -5.396  1.00 39.92 ? 382 LEU X CG    1 
ATOM   165  C  CD1   . LEU A 1 21  ? -7.649  4.574   -5.368  1.00 31.46 ? 382 LEU X CD1   1 
ATOM   166  C  CD2   . LEU A 1 21  ? -10.027 4.907   -4.644  1.00 39.56 ? 382 LEU X CD2   1 
ATOM   167  N  N     . ASN A 1 22  ? -8.582  10.001  -4.877  1.00 38.83 ? 383 ASN X N     1 
ATOM   168  C  CA    . ASN A 1 22  ? -7.993  11.262  -4.462  1.00 36.43 ? 383 ASN X CA    1 
ATOM   169  C  C     . ASN A 1 22  ? -9.069  12.243  -4.004  1.00 39.34 ? 383 ASN X C     1 
ATOM   170  O  O     . ASN A 1 22  ? -8.961  12.831  -2.932  1.00 44.53 ? 383 ASN X O     1 
ATOM   171  C  CB    . ASN A 1 22  ? -7.136  11.840  -5.594  1.00 38.54 ? 383 ASN X CB    1 
ATOM   172  C  CG    . ASN A 1 22  ? -6.734  13.280  -5.349  1.00 41.60 ? 383 ASN X CG    1 
ATOM   173  O  OD1   . ASN A 1 22  ? -7.584  14.161  -5.260  1.00 43.10 ? 383 ASN X OD1   1 
ATOM   174  N  ND2   . ASN A 1 22  ? -5.431  13.527  -5.250  1.00 34.36 ? 383 ASN X ND2   1 
ATOM   175  N  N     . LEU A 1 23  ? -10.113 12.405  -4.811  1.00 40.37 ? 384 LEU X N     1 
ATOM   176  C  CA    . LEU A 1 23  ? -11.221 13.297  -4.467  1.00 42.27 ? 384 LEU X CA    1 
ATOM   177  C  C     . LEU A 1 23  ? -11.791 12.982  -3.091  1.00 45.81 ? 384 LEU X C     1 
ATOM   178  O  O     . LEU A 1 23  ? -12.206 13.882  -2.363  1.00 42.22 ? 384 LEU X O     1 
ATOM   179  C  CB    . LEU A 1 23  ? -12.332 13.212  -5.518  1.00 43.71 ? 384 LEU X CB    1 
ATOM   180  C  CG    . LEU A 1 23  ? -13.748 13.550  -5.034  1.00 52.17 ? 384 LEU X CG    1 
ATOM   181  C  CD1   . LEU A 1 23  ? -13.923 15.053  -4.837  1.00 55.83 ? 384 LEU X CD1   1 
ATOM   182  C  CD2   . LEU A 1 23  ? -14.807 13.004  -5.990  1.00 50.18 ? 384 LEU X CD2   1 
ATOM   183  N  N     . LEU A 1 24  ? -11.809 11.699  -2.740  1.00 45.39 ? 385 LEU X N     1 
ATOM   184  C  CA    . LEU A 1 24  ? -12.429 11.264  -1.498  1.00 42.13 ? 385 LEU X CA    1 
ATOM   185  C  C     . LEU A 1 24  ? -11.437 11.135  -0.339  1.00 45.02 ? 385 LEU X C     1 
ATOM   186  O  O     . LEU A 1 24  ? -11.815 10.723  0.756   1.00 46.39 ? 385 LEU X O     1 
ATOM   187  C  CB    . LEU A 1 24  ? -13.162 9.940   -1.702  1.00 42.31 ? 385 LEU X CB    1 
ATOM   188  C  CG    . LEU A 1 24  ? -14.318 9.917   -2.702  1.00 45.40 ? 385 LEU X CG    1 
ATOM   189  C  CD1   . LEU A 1 24  ? -14.719 8.489   -2.989  1.00 40.76 ? 385 LEU X CD1   1 
ATOM   190  C  CD2   . LEU A 1 24  ? -15.520 10.725  -2.197  1.00 49.01 ? 385 LEU X CD2   1 
ATOM   191  N  N     . GLY A 1 25  ? -10.178 11.484  -0.579  1.00 42.37 ? 386 GLY X N     1 
ATOM   192  C  CA    . GLY A 1 25  ? -9.161  11.426  0.461   1.00 39.55 ? 386 GLY X CA    1 
ATOM   193  C  C     . GLY A 1 25  ? -8.697  10.015  0.794   1.00 40.16 ? 386 GLY X C     1 
ATOM   194  O  O     . GLY A 1 25  ? -8.033  9.786   1.806   1.00 39.58 ? 386 GLY X O     1 
ATOM   195  N  N     . ILE A 1 26  ? -9.045  9.060   -0.061  1.00 39.60 ? 387 ILE X N     1 
ATOM   196  C  CA    . ILE A 1 26  ? -8.653  7.672   0.158   1.00 38.01 ? 387 ILE X CA    1 
ATOM   197  C  C     . ILE A 1 26  ? -7.182  7.462   -0.145  1.00 33.79 ? 387 ILE X C     1 
ATOM   198  O  O     . ILE A 1 26  ? -6.460  6.826   0.626   1.00 35.57 ? 387 ILE X O     1 
ATOM   199  C  CB    . ILE A 1 26  ? -9.487  6.711   -0.701  1.00 38.17 ? 387 ILE X CB    1 
ATOM   200  C  CG1   . ILE A 1 26  ? -10.974 6.931   -0.410  1.00 43.87 ? 387 ILE X CG1   1 
ATOM   201  C  CG2   . ILE A 1 26  ? -9.088  5.267   -0.420  1.00 34.05 ? 387 ILE X CG2   1 
ATOM   202  C  CD1   . ILE A 1 26  ? -11.900 5.989   -1.145  1.00 43.50 ? 387 ILE X CD1   1 
ATOM   203  N  N     . HIS A 1 27  ? -6.752  8.012   -1.273  1.00 33.68 ? 388 HIS X N     1 
ATOM   204  C  CA    . HIS A 1 27  ? -5.395  7.835   -1.769  1.00 35.00 ? 388 HIS X CA    1 
ATOM   205  C  C     . HIS A 1 27  ? -5.125  8.999   -2.712  1.00 32.00 ? 388 HIS X C     1 
ATOM   206  O  O     . HIS A 1 27  ? -5.840  9.180   -3.689  1.00 31.46 ? 388 HIS X O     1 
ATOM   207  C  CB    . HIS A 1 27  ? -5.277  6.505   -2.522  1.00 33.64 ? 388 HIS X CB    1 
ATOM   208  C  CG    . HIS A 1 27  ? -3.862  6.058   -2.752  1.00 33.07 ? 388 HIS X CG    1 
ATOM   209  N  ND1   . HIS A 1 27  ? -3.248  6.127   -3.984  1.00 32.18 ? 388 HIS X ND1   1 
ATOM   210  C  CD2   . HIS A 1 27  ? -2.940  5.547   -1.903  1.00 29.10 ? 388 HIS X CD2   1 
ATOM   211  C  CE1   . HIS A 1 27  ? -2.012  5.672   -3.887  1.00 29.64 ? 388 HIS X CE1   1 
ATOM   212  N  NE2   . HIS A 1 27  ? -1.799  5.316   -2.632  1.00 33.63 ? 388 HIS X NE2   1 
ATOM   213  N  N     . ARG A 1 28  ? -4.098  9.783   -2.423  1.00 30.21 ? 389 ARG X N     1 
ATOM   214  C  CA    . ARG A 1 28  ? -3.885  11.028  -3.157  1.00 33.31 ? 389 ARG X CA    1 
ATOM   215  C  C     . ARG A 1 28  ? -3.133  10.923  -4.488  1.00 34.03 ? 389 ARG X C     1 
ATOM   216  O  O     . ARG A 1 28  ? -3.598  11.456  -5.495  1.00 31.16 ? 389 ARG X O     1 
ATOM   217  C  CB    . ARG A 1 28  ? -3.238  12.087  -2.257  1.00 35.75 ? 389 ARG X CB    1 
ATOM   218  C  CG    . ARG A 1 28  ? -4.159  12.604  -1.152  1.00 34.71 ? 389 ARG X CG    1 
ATOM   219  C  CD    . ARG A 1 28  ? -3.384  13.481  -0.186  1.00 34.33 ? 389 ARG X CD    1 
ATOM   220  N  NE    . ARG A 1 28  ? -2.075  12.911  0.133   1.00 36.08 ? 389 ARG X NE    1 
ATOM   221  C  CZ    . ARG A 1 28  ? -1.015  13.635  0.487   1.00 43.56 ? 389 ARG X CZ    1 
ATOM   222  N  NH1   . ARG A 1 28  ? -1.111  14.956  0.572   1.00 40.46 ? 389 ARG X NH1   1 
ATOM   223  N  NH2   . ARG A 1 28  ? 0.143   13.044  0.749   1.00 37.18 ? 389 ARG X NH2   1 
ATOM   224  N  N     . PRO A 1 29  ? -1.970  10.249  -4.503  1.00 33.68 ? 390 PRO X N     1 
ATOM   225  C  CA    . PRO A 1 29  ? -1.182  10.222  -5.747  1.00 31.58 ? 390 PRO X CA    1 
ATOM   226  C  C     . PRO A 1 29  ? -2.012  9.804   -6.961  1.00 33.09 ? 390 PRO X C     1 
ATOM   227  O  O     . PRO A 1 29  ? -2.891  8.946   -6.839  1.00 31.06 ? 390 PRO X O     1 
ATOM   228  C  CB    . PRO A 1 29  ? -0.102  9.184   -5.460  1.00 27.17 ? 390 PRO X CB    1 
ATOM   229  C  CG    . PRO A 1 29  ? 0.051   9.210   -3.963  1.00 34.10 ? 390 PRO X CG    1 
ATOM   230  C  CD    . PRO A 1 29  ? -1.312  9.519   -3.405  1.00 31.44 ? 390 PRO X CD    1 
ATOM   231  N  N     . SER A 1 30  ? -1.741  10.409  -8.116  1.00 30.74 ? 391 SER X N     1 
ATOM   232  C  CA    . SER A 1 30  ? -2.420  10.013  -9.343  1.00 33.81 ? 391 SER X CA    1 
ATOM   233  C  C     . SER A 1 30  ? -1.950  8.647   -9.858  1.00 29.87 ? 391 SER X C     1 
ATOM   234  O  O     . SER A 1 30  ? -2.714  7.916   -10.484 1.00 31.77 ? 391 SER X O     1 
ATOM   235  C  CB    . SER A 1 30  ? -2.225  11.072  -10.426 1.00 32.12 ? 391 SER X CB    1 
ATOM   236  O  OG    . SER A 1 30  ? -0.848  11.293  -10.662 1.00 32.73 ? 391 SER X OG    1 
ATOM   237  N  N     . GLN A 1 31  ? -0.700  8.292   -9.606  1.00 31.12 ? 392 GLN X N     1 
ATOM   238  C  CA    . GLN A 1 31  ? -0.207  7.000   -10.098 1.00 31.76 ? 392 GLN X CA    1 
ATOM   239  C  C     . GLN A 1 31  ? 0.498   6.168   -9.043  1.00 30.59 ? 392 GLN X C     1 
ATOM   240  O  O     . GLN A 1 31  ? 0.380   4.950   -9.031  1.00 34.96 ? 392 GLN X O     1 
ATOM   241  C  CB    . GLN A 1 31  ? 0.704   7.207   -11.309 1.00 31.56 ? 392 GLN X CB    1 
ATOM   242  C  CG    . GLN A 1 31  ? 0.040   8.056   -12.383 1.00 32.40 ? 392 GLN X CG    1 
ATOM   243  C  CD    . GLN A 1 31  ? 0.916   8.279   -13.591 1.00 37.09 ? 392 GLN X CD    1 
ATOM   244  O  OE1   . GLN A 1 31  ? 0.725   9.239   -14.335 1.00 35.34 ? 392 GLN X OE1   1 
ATOM   245  N  NE2   . GLN A 1 31  ? 1.880   7.386   -13.801 1.00 37.87 ? 392 GLN X NE2   1 
ATOM   246  N  N     . SER A 1 32  ? 1.221   6.833   -8.154  1.00 28.12 ? 393 SER X N     1 
ATOM   247  C  CA    . SER A 1 32  ? 2.064   6.157   -7.184  1.00 30.58 ? 393 SER X CA    1 
ATOM   248  C  C     . SER A 1 32  ? 1.256   5.203   -6.302  1.00 34.66 ? 393 SER X C     1 
ATOM   249  O  O     . SER A 1 32  ? 0.121   5.508   -5.918  1.00 31.28 ? 393 SER X O     1 
ATOM   250  C  CB    . SER A 1 32  ? 2.808   7.189   -6.335  1.00 31.81 ? 393 SER X CB    1 
ATOM   251  O  OG    . SER A 1 32  ? 3.553   6.568   -5.307  1.00 37.85 ? 393 SER X OG    1 
ATOM   252  N  N     . GLY A 1 33  ? 1.836   4.044   -6.001  1.00 31.78 ? 394 GLY X N     1 
ATOM   253  C  CA    . GLY A 1 33  ? 1.149   3.029   -5.219  1.00 31.19 ? 394 GLY X CA    1 
ATOM   254  C  C     . GLY A 1 33  ? 1.099   3.326   -3.730  1.00 30.15 ? 394 GLY X C     1 
ATOM   255  O  O     . GLY A 1 33  ? 0.278   2.767   -3.000  1.00 29.79 ? 394 GLY X O     1 
ATOM   256  N  N     . ILE A 1 34  ? 1.976   4.206   -3.267  1.00 29.97 ? 395 ILE X N     1 
ATOM   257  C  CA    . ILE A 1 34  ? 2.035   4.506   -1.843  1.00 31.44 ? 395 ILE X CA    1 
ATOM   258  C  C     . ILE A 1 34  ? 1.762   5.977   -1.551  1.00 36.83 ? 395 ILE X C     1 
ATOM   259  O  O     . ILE A 1 34  ? 2.331   6.866   -2.182  1.00 34.62 ? 395 ILE X O     1 
ATOM   260  C  CB    . ILE A 1 34  ? 3.390   4.147   -1.252  1.00 30.81 ? 395 ILE X CB    1 
ATOM   261  C  CG1   . ILE A 1 34  ? 3.795   2.727   -1.656  1.00 29.08 ? 395 ILE X CG1   1 
ATOM   262  C  CG2   . ILE A 1 34  ? 3.354   4.314   0.261   1.00 28.71 ? 395 ILE X CG2   1 
ATOM   263  C  CD1   . ILE A 1 34  ? 5.255   2.453   -1.513  1.00 27.69 ? 395 ILE X CD1   1 
ATOM   264  N  N     . ASP A 1 35  ? 0.885   6.229   -0.590  1.00 33.48 ? 396 ASP X N     1 
ATOM   265  C  CA    . ASP A 1 35  ? 0.657   7.585   -0.111  1.00 34.44 ? 396 ASP X CA    1 
ATOM   266  C  C     . ASP A 1 35  ? 1.144   7.656   1.334   1.00 40.16 ? 396 ASP X C     1 
ATOM   267  O  O     . ASP A 1 35  ? 0.983   6.691   2.090   1.00 35.88 ? 396 ASP X O     1 
ATOM   268  C  CB    . ASP A 1 35  ? -0.827  7.950   -0.196  1.00 33.52 ? 396 ASP X CB    1 
ATOM   269  C  CG    . ASP A 1 35  ? -1.069  9.444   -0.059  1.00 37.96 ? 396 ASP X CG    1 
ATOM   270  O  OD1   . ASP A 1 35  ? -0.082  10.209  -0.046  1.00 36.71 ? 396 ASP X OD1   1 
ATOM   271  O  OD2   . ASP A 1 35  ? -2.245  9.851   0.031   1.00 38.49 ? 396 ASP X OD2   1 
ATOM   272  N  N     . TYR A 1 36  ? 1.757   8.779   1.705   1.00 35.09 ? 397 TYR X N     1 
ATOM   273  C  CA    . TYR A 1 36  ? 2.284   8.964   3.058   1.00 35.56 ? 397 TYR X CA    1 
ATOM   274  C  C     . TYR A 1 36  ? 2.212   10.427  3.510   1.00 41.98 ? 397 TYR X C     1 
ATOM   275  O  O     . TYR A 1 36  ? 1.931   11.326  2.717   1.00 41.07 ? 397 TYR X O     1 
ATOM   276  C  CB    . TYR A 1 36  ? 3.728   8.475   3.137   1.00 39.41 ? 397 TYR X CB    1 
ATOM   277  C  CG    . TYR A 1 36  ? 4.648   9.220   2.197   1.00 45.12 ? 397 TYR X CG    1 
ATOM   278  C  CD1   . TYR A 1 36  ? 5.264   10.404  2.589   1.00 44.16 ? 397 TYR X CD1   1 
ATOM   279  C  CD2   . TYR A 1 36  ? 4.874   8.757   0.905   1.00 40.89 ? 397 TYR X CD2   1 
ATOM   280  C  CE1   . TYR A 1 36  ? 6.087   11.095  1.727   1.00 44.39 ? 397 TYR X CE1   1 
ATOM   281  C  CE2   . TYR A 1 36  ? 5.691   9.443   0.036   1.00 43.51 ? 397 TYR X CE2   1 
ATOM   282  C  CZ    . TYR A 1 36  ? 6.299   10.609  0.452   1.00 46.77 ? 397 TYR X CZ    1 
ATOM   283  O  OH    . TYR A 1 36  ? 7.122   11.293  -0.411  1.00 49.32 ? 397 TYR X OH    1 
HETATM 284  N  N     . MSE A 1 37  ? 2.473   10.657  4.793   1.00 44.93 ? 398 MSE X N     1 
HETATM 285  C  CA    . MSE A 1 37  ? 2.469   12.005  5.352   1.00 46.45 ? 398 MSE X CA    1 
HETATM 286  C  C     . MSE A 1 37  ? 3.440   12.040  6.522   1.00 52.41 ? 398 MSE X C     1 
HETATM 287  O  O     . MSE A 1 37  ? 3.906   10.998  6.978   1.00 51.07 ? 398 MSE X O     1 
HETATM 288  C  CB    . MSE A 1 37  ? 1.068   12.382  5.834   1.00 42.72 ? 398 MSE X CB    1 
HETATM 289  C  CG    . MSE A 1 37  ? 0.665   11.683  7.130   1.00 43.74 ? 398 MSE X CG    1 
HETATM 290  SE SE    . MSE A 1 37  ? -1.032  12.033  7.623   1.00 50.96 ? 398 MSE X SE    1 
HETATM 291  C  CE    . MSE A 1 37  ? -0.944  13.783  8.010   1.00 59.47 ? 398 MSE X CE    1 
ATOM   292  N  N     . LYS A 1 38  ? 3.752   13.238  7.009   1.00 58.86 ? 399 LYS X N     1 
ATOM   293  C  CA    . LYS A 1 38  ? 4.615   13.366  8.176   1.00 57.26 ? 399 LYS X CA    1 
ATOM   294  C  C     . LYS A 1 38  ? 3.769   13.289  9.440   1.00 59.79 ? 399 LYS X C     1 
ATOM   295  O  O     . LYS A 1 38  ? 2.634   13.768  9.461   1.00 58.68 ? 399 LYS X O     1 
ATOM   296  C  CB    . LYS A 1 38  ? 5.415   14.668  8.127   1.00 64.04 ? 399 LYS X CB    1 
ATOM   297  C  CG    . LYS A 1 38  ? 6.269   14.813  6.874   1.00 65.06 ? 399 LYS X CG    1 
ATOM   298  C  CD    . LYS A 1 38  ? 7.592   15.522  7.163   1.00 73.57 ? 399 LYS X CD    1 
ATOM   299  C  CE    . LYS A 1 38  ? 7.392   16.999  7.467   1.00 78.94 ? 399 LYS X CE    1 
ATOM   300  N  NZ    . LYS A 1 38  ? 8.690   17.718  7.589   1.00 76.89 ? 399 LYS X NZ    1 
ATOM   301  N  N     . ASP A 1 39  ? 4.309   12.661  10.482  1.00 60.28 ? 400 ASP X N     1 
ATOM   302  C  CA    . ASP A 1 39  ? 3.601   12.567  11.757  1.00 67.82 ? 400 ASP X CA    1 
ATOM   303  C  C     . ASP A 1 39  ? 4.106   13.616  12.747  1.00 70.34 ? 400 ASP X C     1 
ATOM   304  O  O     . ASP A 1 39  ? 4.849   14.525  12.374  1.00 66.02 ? 400 ASP X O     1 
ATOM   305  C  CB    . ASP A 1 39  ? 3.736   11.161  12.357  1.00 63.63 ? 400 ASP X CB    1 
ATOM   306  C  CG    . ASP A 1 39  ? 5.173   10.811  12.737  1.00 69.71 ? 400 ASP X CG    1 
ATOM   307  O  OD1   . ASP A 1 39  ? 6.104   11.550  12.342  1.00 68.82 ? 400 ASP X OD1   1 
ATOM   308  O  OD2   . ASP A 1 39  ? 5.371   9.787   13.430  1.00 68.65 ? 400 ASP X OD2   1 
ATOM   309  N  N     . ASP A 1 40  ? 3.691   13.485  14.007  1.00 77.41 ? 401 ASP X N     1 
ATOM   310  C  CA    . ASP A 1 40  ? 4.256   14.278  15.086  1.00 75.20 ? 401 ASP X CA    1 
ATOM   311  C  C     . ASP A 1 40  ? 5.744   13.992  15.153  1.00 72.95 ? 401 ASP X C     1 
ATOM   312  O  O     . ASP A 1 40  ? 6.174   13.000  15.738  1.00 73.93 ? 401 ASP X O     1 
ATOM   313  N  N     . GLY A 1 41  ? 6.532   14.864  14.539  1.00 70.77 ? 402 GLY X N     1 
ATOM   314  C  CA    . GLY A 1 41  ? 7.944   14.607  14.340  1.00 69.85 ? 402 GLY X CA    1 
ATOM   315  C  C     . GLY A 1 41  ? 8.253   14.748  12.861  1.00 72.36 ? 402 GLY X C     1 
ATOM   316  O  O     . GLY A 1 41  ? 7.376   15.098  12.065  1.00 72.54 ? 402 GLY X O     1 
ATOM   317  N  N     . GLY A 1 42  ? 9.493   14.479  12.479  1.00 68.90 ? 403 GLY X N     1 
ATOM   318  C  CA    . GLY A 1 42  ? 9.873   14.616  11.086  1.00 73.89 ? 403 GLY X CA    1 
ATOM   319  C  C     . GLY A 1 42  ? 9.624   13.364  10.266  1.00 72.11 ? 403 GLY X C     1 
ATOM   320  O  O     . GLY A 1 42  ? 9.860   13.357  9.058   1.00 72.63 ? 403 GLY X O     1 
ATOM   321  N  N     . GLU A 1 43  ? 9.128   12.314  10.919  1.00 68.93 ? 404 GLU X N     1 
ATOM   322  C  CA    . GLU A 1 43  ? 9.075   10.978  10.325  1.00 66.47 ? 404 GLU X CA    1 
ATOM   323  C  C     . GLU A 1 43  ? 7.894   10.724  9.378   1.00 57.50 ? 404 GLU X C     1 
ATOM   324  O  O     . GLU A 1 43  ? 6.750   11.062  9.681   1.00 56.82 ? 404 GLU X O     1 
ATOM   325  C  CB    . GLU A 1 43  ? 9.100   9.912   11.424  1.00 64.05 ? 404 GLU X CB    1 
ATOM   326  N  N     . LEU A 1 44  ? 8.190   10.116  8.234   1.00 54.85 ? 405 LEU X N     1 
ATOM   327  C  CA    . LEU A 1 44  ? 7.157   9.730   7.281   1.00 51.29 ? 405 LEU X CA    1 
ATOM   328  C  C     . LEU A 1 44  ? 6.447   8.475   7.750   1.00 44.72 ? 405 LEU X C     1 
ATOM   329  O  O     . LEU A 1 44  ? 7.077   7.548   8.250   1.00 48.65 ? 405 LEU X O     1 
ATOM   330  C  CB    . LEU A 1 44  ? 7.768   9.427   5.917   1.00 49.54 ? 405 LEU X CB    1 
ATOM   331  C  CG    . LEU A 1 44  ? 8.636   10.462  5.224   1.00 51.53 ? 405 LEU X CG    1 
ATOM   332  C  CD1   . LEU A 1 44  ? 9.105   9.885   3.893   1.00 50.17 ? 405 LEU X CD1   1 
ATOM   333  C  CD2   . LEU A 1 44  ? 7.864   11.759  5.023   1.00 54.42 ? 405 LEU X CD2   1 
ATOM   334  N  N     . VAL A 1 45  ? 5.135   8.444   7.573   1.00 40.92 ? 406 VAL X N     1 
ATOM   335  C  CA    . VAL A 1 45  ? 4.372   7.233   7.803   1.00 45.96 ? 406 VAL X CA    1 
ATOM   336  C  C     . VAL A 1 45  ? 3.351   7.054   6.683   1.00 44.30 ? 406 VAL X C     1 
ATOM   337  O  O     . VAL A 1 45  ? 2.865   8.029   6.111   1.00 40.17 ? 406 VAL X O     1 
ATOM   338  C  CB    . VAL A 1 45  ? 3.659   7.263   9.166   1.00 52.40 ? 406 VAL X CB    1 
ATOM   339  C  CG1   . VAL A 1 45  ? 4.675   7.402   10.293  1.00 55.74 ? 406 VAL X CG1   1 
ATOM   340  C  CG2   . VAL A 1 45  ? 2.646   8.397   9.207   1.00 49.14 ? 406 VAL X CG2   1 
ATOM   341  N  N     . ALA A 1 46  ? 3.025   5.801   6.379   1.00 43.43 ? 407 ALA X N     1 
ATOM   342  C  CA    . ALA A 1 46  ? 2.173   5.495   5.235   1.00 39.34 ? 407 ALA X CA    1 
ATOM   343  C  C     . ALA A 1 46  ? 0.699   5.588   5.593   1.00 36.14 ? 407 ALA X C     1 
ATOM   344  O  O     . ALA A 1 46  ? 0.305   5.246   6.697   1.00 36.66 ? 407 ALA X O     1 
ATOM   345  C  CB    . ALA A 1 46  ? 2.501   4.118   4.689   1.00 35.47 ? 407 ALA X CB    1 
ATOM   346  N  N     . THR A 1 47  ? -0.120  6.033   4.651   1.00 29.34 ? 408 THR X N     1 
ATOM   347  C  CA    . THR A 1 47  ? -1.529  6.199   4.930   1.00 32.25 ? 408 THR X CA    1 
ATOM   348  C  C     . THR A 1 47  ? -2.405  5.288   4.074   1.00 33.83 ? 408 THR X C     1 
ATOM   349  O  O     . THR A 1 47  ? -3.548  5.005   4.437   1.00 36.82 ? 408 THR X O     1 
ATOM   350  C  CB    . THR A 1 47  ? -1.960  7.666   4.754   1.00 37.21 ? 408 THR X CB    1 
ATOM   351  O  OG1   . THR A 1 47  ? -1.520  8.149   3.476   1.00 36.13 ? 408 THR X OG1   1 
ATOM   352  C  CG2   . THR A 1 47  ? -1.350  8.529   5.852   1.00 38.08 ? 408 THR X CG2   1 
ATOM   353  N  N     . SER A 1 48  ? -1.865  4.822   2.952   1.00 29.90 ? 409 SER X N     1 
ATOM   354  C  CA    . SER A 1 48  ? -2.638  4.027   2.007   1.00 30.88 ? 409 SER X CA    1 
ATOM   355  C  C     . SER A 1 48  ? -1.741  3.473   0.908   1.00 32.27 ? 409 SER X C     1 
ATOM   356  O  O     . SER A 1 48  ? -0.783  4.118   0.519   1.00 34.22 ? 409 SER X O     1 
ATOM   357  C  CB    . SER A 1 48  ? -3.736  4.884   1.371   1.00 35.39 ? 409 SER X CB    1 
ATOM   358  O  OG    . SER A 1 48  ? -3.171  5.997   0.697   1.00 34.96 ? 409 SER X OG    1 
ATOM   359  N  N     . ILE A 1 49  ? -2.054  2.275   0.417   1.00 32.40 ? 410 ILE X N     1 
ATOM   360  C  CA    . ILE A 1 49  ? -1.320  1.678   -0.695  1.00 28.86 ? 410 ILE X CA    1 
ATOM   361  C  C     . ILE A 1 49  ? -2.304  1.140   -1.731  1.00 30.06 ? 410 ILE X C     1 
ATOM   362  O  O     . ILE A 1 49  ? -3.460  0.850   -1.406  1.00 30.10 ? 410 ILE X O     1 
ATOM   363  C  CB    . ILE A 1 49  ? -0.377  0.569   -0.224  1.00 31.45 ? 410 ILE X CB    1 
ATOM   364  C  CG1   . ILE A 1 49  ? -1.166  -0.554  0.450   1.00 35.43 ? 410 ILE X CG1   1 
ATOM   365  C  CG2   . ILE A 1 49  ? 0.663   1.124   0.742   1.00 27.86 ? 410 ILE X CG2   1 
ATOM   366  C  CD1   . ILE A 1 49  ? -0.282  -1.678  0.940   1.00 30.00 ? 410 ILE X CD1   1 
ATOM   367  N  N     . VAL A 1 50  ? -1.866  1.055   -2.984  1.00 27.75 ? 411 VAL X N     1 
ATOM   368  C  CA    . VAL A 1 50  ? -2.695  0.496   -4.050  1.00 27.67 ? 411 VAL X CA    1 
ATOM   369  C  C     . VAL A 1 50  ? -2.009  -0.699  -4.703  1.00 29.38 ? 411 VAL X C     1 
ATOM   370  O  O     . VAL A 1 50  ? -0.893  -0.597  -5.232  1.00 26.32 ? 411 VAL X O     1 
ATOM   371  C  CB    . VAL A 1 50  ? -3.069  1.540   -5.144  1.00 28.77 ? 411 VAL X CB    1 
ATOM   372  C  CG1   . VAL A 1 50  ? -3.873  0.896   -6.262  1.00 26.04 ? 411 VAL X CG1   1 
ATOM   373  C  CG2   . VAL A 1 50  ? -3.864  2.692   -4.545  1.00 30.93 ? 411 VAL X CG2   1 
ATOM   374  N  N     . SER A 1 51  ? -2.684  -1.839  -4.659  1.00 30.74 ? 412 SER X N     1 
ATOM   375  C  CA    . SER A 1 51  ? -2.170  -3.047  -5.276  1.00 30.40 ? 412 SER X CA    1 
ATOM   376  C  C     . SER A 1 51  ? -3.053  -3.375  -6.446  1.00 30.97 ? 412 SER X C     1 
ATOM   377  O  O     . SER A 1 51  ? -4.203  -3.769  -6.264  1.00 32.75 ? 412 SER X O     1 
ATOM   378  C  CB    . SER A 1 51  ? -2.191  -4.200  -4.281  1.00 32.32 ? 412 SER X CB    1 
ATOM   379  O  OG    . SER A 1 51  ? -1.692  -5.372  -4.890  1.00 30.67 ? 412 SER X OG    1 
ATOM   380  N  N     . SER A 1 52  ? -2.526  -3.219  -7.652  1.00 32.71 ? 413 SER X N     1 
ATOM   381  C  CA    . SER A 1 52  ? -3.377  -3.323  -8.827  1.00 36.06 ? 413 SER X CA    1 
ATOM   382  C  C     . SER A 1 52  ? -2.721  -4.008  -10.024 1.00 34.36 ? 413 SER X C     1 
ATOM   383  O  O     . SER A 1 52  ? -3.043  -3.698  -11.163 1.00 33.88 ? 413 SER X O     1 
ATOM   384  C  CB    . SER A 1 52  ? -3.878  -1.932  -9.226  1.00 35.31 ? 413 SER X CB    1 
ATOM   385  O  OG    . SER A 1 52  ? -2.788  -1.069  -9.476  1.00 30.07 ? 413 SER X OG    1 
ATOM   386  N  N     . GLY A 1 53  ? -1.817  -4.945  -9.776  1.00 39.57 ? 414 GLY X N     1 
ATOM   387  C  CA    . GLY A 1 53  ? -1.251  -5.728  -10.866 1.00 38.90 ? 414 GLY X CA    1 
ATOM   388  C  C     . GLY A 1 53  ? 0.169   -5.308  -11.160 1.00 41.72 ? 414 GLY X C     1 
ATOM   389  O  O     . GLY A 1 53  ? 0.900   -5.958  -11.918 1.00 44.21 ? 414 GLY X O     1 
ATOM   390  N  N     . GLY A 1 54  ? 0.580   -4.205  -10.556 1.00 42.65 ? 415 GLY X N     1 
ATOM   391  C  CA    . GLY A 1 54  ? 1.985   -3.857  -10.591 1.00 44.62 ? 415 GLY X CA    1 
ATOM   392  C  C     . GLY A 1 54  ? 2.786   -4.786  -9.680  1.00 46.38 ? 415 GLY X C     1 
ATOM   393  O  O     . GLY A 1 54  ? 2.257   -5.356  -8.713  1.00 52.74 ? 415 GLY X O     1 
ATOM   394  N  N     . TYR A 1 55  ? 4.044   -4.993  -10.041 1.00 42.17 ? 416 TYR X N     1 
ATOM   395  C  CA    . TYR A 1 55  ? 5.082   -5.382  -9.092  1.00 43.10 ? 416 TYR X CA    1 
ATOM   396  C  C     . TYR A 1 55  ? 5.064   -6.745  -8.404  1.00 40.51 ? 416 TYR X C     1 
ATOM   397  O  O     . TYR A 1 55  ? 5.776   -6.906  -7.417  1.00 43.56 ? 416 TYR X O     1 
ATOM   398  C  CB    . TYR A 1 55  ? 5.149   -4.360  -7.968  1.00 41.31 ? 416 TYR X CB    1 
ATOM   399  C  CG    . TYR A 1 55  ? 5.723   -3.019  -8.315  1.00 37.66 ? 416 TYR X CG    1 
ATOM   400  C  CD1   . TYR A 1 55  ? 7.067   -2.752  -8.113  1.00 39.78 ? 416 TYR X CD1   1 
ATOM   401  C  CD2   . TYR A 1 55  ? 4.909   -2.000  -8.785  1.00 36.10 ? 416 TYR X CD2   1 
ATOM   402  C  CE1   . TYR A 1 55  ? 7.598   -1.513  -8.401  1.00 40.41 ? 416 TYR X CE1   1 
ATOM   403  C  CE2   . TYR A 1 55  ? 5.430   -0.756  -9.073  1.00 37.47 ? 416 TYR X CE2   1 
ATOM   404  C  CZ    . TYR A 1 55  ? 6.768   -0.521  -8.877  1.00 36.29 ? 416 TYR X CZ    1 
ATOM   405  O  OH    . TYR A 1 55  ? 7.280   0.709   -9.162  1.00 35.20 ? 416 TYR X OH    1 
ATOM   406  N  N     . ASN A 1 56  ? 4.284   -7.712  -8.866  1.00 37.67 ? 417 ASN X N     1 
ATOM   407  C  CA    . ASN A 1 56  ? 4.345   -9.032  -8.227  1.00 37.64 ? 417 ASN X CA    1 
ATOM   408  C  C     . ASN A 1 56  ? 3.983   -8.987  -6.749  1.00 34.76 ? 417 ASN X C     1 
ATOM   409  O  O     . ASN A 1 56  ? 4.672   -9.589  -5.915  1.00 32.19 ? 417 ASN X O     1 
ATOM   410  C  CB    . ASN A 1 56  ? 5.755   -9.616  -8.325  1.00 36.37 ? 417 ASN X CB    1 
ATOM   411  C  CG    . ASN A 1 56  ? 6.209   -9.811  -9.742  1.00 44.40 ? 417 ASN X CG    1 
ATOM   412  O  OD1   . ASN A 1 56  ? 5.423   -10.175 -10.609 1.00 50.89 ? 417 ASN X OD1   1 
ATOM   413  N  ND2   . ASN A 1 56  ? 7.488   -9.567  -9.991  1.00 45.69 ? 417 ASN X ND2   1 
ATOM   414  N  N     . ASP A 1 57  ? 2.932   -8.253  -6.416  1.00 32.55 ? 418 ASP X N     1 
ATOM   415  C  CA    . ASP A 1 57  ? 2.407   -8.290  -5.065  1.00 32.28 ? 418 ASP X CA    1 
ATOM   416  C  C     . ASP A 1 57  ? 1.836   -9.692  -4.878  1.00 34.39 ? 418 ASP X C     1 
ATOM   417  O  O     . ASP A 1 57  ? 1.434   -10.334 -5.854  1.00 31.46 ? 418 ASP X O     1 
ATOM   418  C  CB    . ASP A 1 57  ? 1.293   -7.265  -4.895  1.00 29.67 ? 418 ASP X CB    1 
ATOM   419  C  CG    . ASP A 1 57  ? 1.773   -5.826  -5.074  1.00 30.50 ? 418 ASP X CG    1 
ATOM   420  O  OD1   . ASP A 1 57  ? 2.899   -5.497  -4.663  1.00 28.00 ? 418 ASP X OD1   1 
ATOM   421  O  OD2   . ASP A 1 57  ? 0.992   -5.024  -5.614  1.00 30.02 ? 418 ASP X OD2   1 
ATOM   422  N  N     . VAL A 1 58  ? 1.806   -10.162 -3.634  1.00 32.47 ? 419 VAL X N     1 
ATOM   423  C  CA    . VAL A 1 58  ? 1.182   -11.443 -3.313  1.00 32.53 ? 419 VAL X CA    1 
ATOM   424  C  C     . VAL A 1 58  ? -0.104  -11.203 -2.539  1.00 34.96 ? 419 VAL X C     1 
ATOM   425  O  O     . VAL A 1 58  ? -0.077  -10.841 -1.362  1.00 30.96 ? 419 VAL X O     1 
ATOM   426  C  CB    . VAL A 1 58  ? 2.121   -12.340 -2.481  1.00 37.59 ? 419 VAL X CB    1 
ATOM   427  C  CG1   . VAL A 1 58  ? 1.445   -13.667 -2.151  1.00 35.63 ? 419 VAL X CG1   1 
ATOM   428  C  CG2   . VAL A 1 58  ? 3.425   -12.582 -3.226  1.00 33.37 ? 419 VAL X CG2   1 
ATOM   429  N  N     . LEU A 1 59  ? -1.229  -11.387 -3.218  1.00 39.34 ? 420 LEU X N     1 
ATOM   430  C  CA    . LEU A 1 59  ? -2.533  -11.224 -2.603  1.00 41.91 ? 420 LEU X CA    1 
ATOM   431  C  C     . LEU A 1 59  ? -3.360  -12.505 -2.724  1.00 49.09 ? 420 LEU X C     1 
ATOM   432  O  O     . LEU A 1 59  ? -3.904  -12.791 -3.786  1.00 54.91 ? 420 LEU X O     1 
ATOM   433  C  CB    . LEU A 1 59  ? -3.298  -10.057 -3.235  1.00 42.98 ? 420 LEU X CB    1 
ATOM   434  C  CG    . LEU A 1 59  ? -2.902  -8.660  -2.749  1.00 50.28 ? 420 LEU X CG    1 
ATOM   435  C  CD1   . LEU A 1 59  ? -1.661  -8.168  -3.483  1.00 44.38 ? 420 LEU X CD1   1 
ATOM   436  C  CD2   . LEU A 1 59  ? -4.043  -7.664  -2.917  1.00 50.51 ? 420 LEU X CD2   1 
ATOM   437  N  N     . ASP A 1 60  ? -3.442  -13.279 -1.645  1.00 46.76 ? 421 ASP X N     1 
ATOM   438  C  CA    . ASP A 1 60  ? -4.408  -14.377 -1.591  1.00 56.01 ? 421 ASP X CA    1 
ATOM   439  C  C     . ASP A 1 60  ? -5.729  -13.862 -1.023  1.00 57.95 ? 421 ASP X C     1 
ATOM   440  O  O     . ASP A 1 60  ? -5.977  -12.658 -0.999  1.00 62.76 ? 421 ASP X O     1 
ATOM   441  C  CB    . ASP A 1 60  ? -3.885  -15.597 -0.807  1.00 49.73 ? 421 ASP X CB    1 
ATOM   442  C  CG    . ASP A 1 60  ? -3.001  -15.221 0.385   1.00 52.08 ? 421 ASP X CG    1 
ATOM   443  O  OD1   . ASP A 1 60  ? -2.078  -15.997 0.727   1.00 50.73 ? 421 ASP X OD1   1 
ATOM   444  O  OD2   . ASP A 1 60  ? -3.229  -14.160 0.994   1.00 55.42 ? 421 ASP X OD2   1 
ATOM   445  N  N     . ASN A 1 61  ? -6.589  -14.763 -0.588  1.00 57.64 ? 422 ASN X N     1 
ATOM   446  C  CA    . ASN A 1 61  ? -7.822  -14.336 0.041   1.00 55.91 ? 422 ASN X CA    1 
ATOM   447  C  C     . ASN A 1 61  ? -7.705  -14.486 1.550   1.00 53.00 ? 422 ASN X C     1 
ATOM   448  O  O     . ASN A 1 61  ? -8.692  -14.730 2.244   1.00 59.59 ? 422 ASN X O     1 
ATOM   449  C  CB    . ASN A 1 61  ? -9.012  -15.129 -0.497  1.00 68.36 ? 422 ASN X CB    1 
ATOM   450  C  CG    . ASN A 1 61  ? -9.246  -14.893 -1.978  1.00 72.97 ? 422 ASN X CG    1 
ATOM   451  O  OD1   . ASN A 1 61  ? -8.601  -14.040 -2.590  1.00 76.84 ? 422 ASN X OD1   1 
ATOM   452  N  ND2   . ASN A 1 61  ? -10.171 -15.649 -2.561  1.00 74.01 ? 422 ASN X ND2   1 
ATOM   453  N  N     . SER A 1 62  ? -6.484  -14.338 2.047   1.00 44.05 ? 423 SER X N     1 
ATOM   454  C  CA    . SER A 1 62  ? -6.225  -14.383 3.473   1.00 45.94 ? 423 SER X CA    1 
ATOM   455  C  C     . SER A 1 62  ? -6.087  -12.970 4.037   1.00 39.49 ? 423 SER X C     1 
ATOM   456  O  O     . SER A 1 62  ? -6.323  -11.997 3.330   1.00 40.13 ? 423 SER X O     1 
ATOM   457  C  CB    . SER A 1 62  ? -4.970  -15.211 3.763   1.00 42.31 ? 423 SER X CB    1 
ATOM   458  O  OG    . SER A 1 62  ? -3.797  -14.449 3.589   1.00 35.80 ? 423 SER X OG    1 
ATOM   459  N  N     . ASP A 1 63  ? -5.704  -12.867 5.306   1.00 33.99 ? 424 ASP X N     1 
ATOM   460  C  CA    . ASP A 1 63  ? -5.523  -11.576 5.962   1.00 38.46 ? 424 ASP X CA    1 
ATOM   461  C  C     . ASP A 1 63  ? -4.125  -10.994 5.737   1.00 34.52 ? 424 ASP X C     1 
ATOM   462  O  O     . ASP A 1 63  ? -3.820  -9.899  6.189   1.00 35.91 ? 424 ASP X O     1 
ATOM   463  C  CB    . ASP A 1 63  ? -5.810  -11.682 7.471   1.00 36.94 ? 424 ASP X CB    1 
ATOM   464  C  CG    . ASP A 1 63  ? -5.003  -12.789 8.156   1.00 36.59 ? 424 ASP X CG    1 
ATOM   465  O  OD1   . ASP A 1 63  ? -4.815  -13.868 7.558   1.00 36.73 ? 424 ASP X OD1   1 
ATOM   466  O  OD2   . ASP A 1 63  ? -4.567  -12.586 9.311   1.00 37.40 ? 424 ASP X OD2   1 
ATOM   467  N  N     . VAL A 1 64  ? -3.270  -11.724 5.036   1.00 31.60 ? 425 VAL X N     1 
ATOM   468  C  CA    . VAL A 1 64  ? -1.895  -11.276 4.862   1.00 31.89 ? 425 VAL X CA    1 
ATOM   469  C  C     . VAL A 1 64  ? -1.582  -10.949 3.408   1.00 36.18 ? 425 VAL X C     1 
ATOM   470  O  O     . VAL A 1 64  ? -1.885  -11.709 2.476   1.00 35.57 ? 425 VAL X O     1 
ATOM   471  C  CB    . VAL A 1 64  ? -0.882  -12.314 5.401   1.00 36.32 ? 425 VAL X CB    1 
ATOM   472  C  CG1   . VAL A 1 64  ? 0.544   -11.883 5.084   1.00 30.57 ? 425 VAL X CG1   1 
ATOM   473  C  CG2   . VAL A 1 64  ? -1.065  -12.510 6.906   1.00 30.51 ? 425 VAL X CG2   1 
ATOM   474  N  N     . LEU A 1 65  ? -0.963  -9.801  3.221   1.00 34.76 ? 426 LEU X N     1 
ATOM   475  C  CA    . LEU A 1 65  ? -0.646  -9.334  1.890   1.00 34.86 ? 426 LEU X CA    1 
ATOM   476  C  C     . LEU A 1 65  ? 0.843   -9.022  1.857   1.00 35.66 ? 426 LEU X C     1 
ATOM   477  O  O     . LEU A 1 65  ? 1.372   -8.414  2.787   1.00 34.51 ? 426 LEU X O     1 
ATOM   478  C  CB    . LEU A 1 65  ? -1.497  -8.097  1.594   1.00 36.42 ? 426 LEU X CB    1 
ATOM   479  C  CG    . LEU A 1 65  ? -1.155  -7.088  0.507   1.00 39.52 ? 426 LEU X CG    1 
ATOM   480  C  CD1   . LEU A 1 65  ? -2.383  -6.261  0.236   1.00 45.78 ? 426 LEU X CD1   1 
ATOM   481  C  CD2   . LEU A 1 65  ? -0.038  -6.209  0.964   1.00 35.90 ? 426 LEU X CD2   1 
ATOM   482  N  N     . ILE A 1 66  ? 1.524   -9.473  0.808   1.00 33.41 ? 427 ILE X N     1 
ATOM   483  C  CA    . ILE A 1 66  ? 2.907   -9.082  0.579   1.00 29.46 ? 427 ILE X CA    1 
ATOM   484  C  C     . ILE A 1 66  ? 2.936   -8.010  -0.512  1.00 32.93 ? 427 ILE X C     1 
ATOM   485  O  O     . ILE A 1 66  ? 2.477   -8.231  -1.635  1.00 28.29 ? 427 ILE X O     1 
ATOM   486  C  CB    . ILE A 1 66  ? 3.802   -10.266 0.165   1.00 31.16 ? 427 ILE X CB    1 
ATOM   487  C  CG1   . ILE A 1 66  ? 3.589   -11.466 1.098   1.00 33.46 ? 427 ILE X CG1   1 
ATOM   488  C  CG2   . ILE A 1 66  ? 5.272   -9.840  0.163   1.00 28.54 ? 427 ILE X CG2   1 
ATOM   489  C  CD1   . ILE A 1 66  ? 3.787   -11.134 2.570   1.00 34.18 ? 427 ILE X CD1   1 
ATOM   490  N  N     . TYR A 1 67  ? 3.473   -6.847  -0.159  1.00 32.31 ? 428 TYR X N     1 
ATOM   491  C  CA    . TYR A 1 67  ? 3.431   -5.686  -1.027  1.00 31.10 ? 428 TYR X CA    1 
ATOM   492  C  C     . TYR A 1 67  ? 4.838   -5.287  -1.427  1.00 29.00 ? 428 TYR X C     1 
ATOM   493  O  O     . TYR A 1 67  ? 5.696   -5.098  -0.576  1.00 29.14 ? 428 TYR X O     1 
ATOM   494  C  CB    . TYR A 1 67  ? 2.738   -4.522  -0.320  1.00 29.79 ? 428 TYR X CB    1 
ATOM   495  C  CG    . TYR A 1 67  ? 2.439   -3.329  -1.221  1.00 31.21 ? 428 TYR X CG    1 
ATOM   496  C  CD1   . TYR A 1 67  ? 1.421   -3.382  -2.159  1.00 26.87 ? 428 TYR X CD1   1 
ATOM   497  C  CD2   . TYR A 1 67  ? 3.170   -2.145  -1.111  1.00 32.19 ? 428 TYR X CD2   1 
ATOM   498  C  CE1   . TYR A 1 67  ? 1.141   -2.300  -2.971  1.00 28.76 ? 428 TYR X CE1   1 
ATOM   499  C  CE2   . TYR A 1 67  ? 2.894   -1.051  -1.919  1.00 28.88 ? 428 TYR X CE2   1 
ATOM   500  C  CZ    . TYR A 1 67  ? 1.879   -1.136  -2.846  1.00 30.53 ? 428 TYR X CZ    1 
ATOM   501  O  OH    . TYR A 1 67  ? 1.594   -0.059  -3.647  1.00 30.67 ? 428 TYR X OH    1 
ATOM   502  N  N     . THR A 1 68  ? 5.062   -5.173  -2.731  1.00 28.23 ? 429 THR X N     1 
ATOM   503  C  CA    . THR A 1 68  ? 6.390   -4.890  -3.267  1.00 29.70 ? 429 THR X CA    1 
ATOM   504  C  C     . THR A 1 68  ? 6.703   -3.402  -3.155  1.00 28.77 ? 429 THR X C     1 
ATOM   505  O  O     . THR A 1 68  ? 5.836   -2.554  -3.379  1.00 28.26 ? 429 THR X O     1 
ATOM   506  C  CB    . THR A 1 68  ? 6.490   -5.339  -4.745  1.00 34.00 ? 429 THR X CB    1 
ATOM   507  O  OG1   . THR A 1 68  ? 6.044   -6.699  -4.870  1.00 30.29 ? 429 THR X OG1   1 
ATOM   508  C  CG2   . THR A 1 68  ? 7.928   -5.243  -5.268  1.00 30.39 ? 429 THR X CG2   1 
ATOM   509  N  N     . GLY A 1 69  ? 7.933   -3.075  -2.787  1.00 29.34 ? 430 GLY X N     1 
ATOM   510  C  CA    . GLY A 1 69  ? 8.350   -1.688  -2.758  1.00 29.87 ? 430 GLY X CA    1 
ATOM   511  C  C     . GLY A 1 69  ? 8.271   -1.083  -4.146  1.00 31.57 ? 430 GLY X C     1 
ATOM   512  O  O     . GLY A 1 69  ? 8.231   -1.816  -5.137  1.00 28.31 ? 430 GLY X O     1 
ATOM   513  N  N     . GLN A 1 70  ? 8.245   0.247   -4.224  1.00 28.06 ? 431 GLN X N     1 
ATOM   514  C  CA    . GLN A 1 70  ? 8.147   0.927   -5.519  1.00 30.82 ? 431 GLN X CA    1 
ATOM   515  C  C     . GLN A 1 70  ? 9.535   1.265   -6.056  1.00 34.18 ? 431 GLN X C     1 
ATOM   516  O  O     . GLN A 1 70  ? 10.503  1.347   -5.298  1.00 36.88 ? 431 GLN X O     1 
ATOM   517  C  CB    . GLN A 1 70  ? 7.289   2.196   -5.419  1.00 31.12 ? 431 GLN X CB    1 
ATOM   518  C  CG    . GLN A 1 70  ? 7.875   3.244   -4.516  1.00 32.29 ? 431 GLN X CG    1 
ATOM   519  C  CD    . GLN A 1 70  ? 7.036   4.522   -4.414  1.00 40.52 ? 431 GLN X CD    1 
ATOM   520  O  OE1   . GLN A 1 70  ? 5.973   4.663   -5.038  1.00 38.84 ? 431 GLN X OE1   1 
ATOM   521  N  NE2   . GLN A 1 70  ? 7.519   5.460   -3.614  1.00 34.90 ? 431 GLN X NE2   1 
ATOM   522  N  N     . GLY A 1 71  ? 9.634   1.440   -7.368  1.00 35.94 ? 432 GLY X N     1 
ATOM   523  C  CA    . GLY A 1 71  ? 10.885  1.865   -7.969  1.00 39.71 ? 432 GLY X CA    1 
ATOM   524  C  C     . GLY A 1 71  ? 11.806  0.749   -8.423  1.00 42.75 ? 432 GLY X C     1 
ATOM   525  O  O     . GLY A 1 71  ? 11.403  -0.407  -8.535  1.00 42.52 ? 432 GLY X O     1 
ATOM   526  N  N     . GLY A 1 72  ? 13.055  1.105   -8.703  1.00 41.68 ? 433 GLY X N     1 
ATOM   527  C  CA    . GLY A 1 72  ? 14.019  0.160   -9.223  1.00 46.89 ? 433 GLY X CA    1 
ATOM   528  C  C     . GLY A 1 72  ? 13.675  -0.286  -10.629 1.00 50.14 ? 433 GLY X C     1 
ATOM   529  O  O     . GLY A 1 72  ? 14.239  -1.244  -11.143 1.00 54.60 ? 433 GLY X O     1 
ATOM   530  N  N     . ASN A 1 73  ? 12.740  0.414   -11.257 1.00 49.14 ? 434 ASN X N     1 
ATOM   531  C  CA    . ASN A 1 73  ? 12.283  0.043   -12.589 1.00 50.81 ? 434 ASN X CA    1 
ATOM   532  C  C     . ASN A 1 73  ? 11.628  -1.336  -12.614 1.00 55.86 ? 434 ASN X C     1 
ATOM   533  O  O     . ASN A 1 73  ? 11.373  -1.885  -13.685 1.00 61.01 ? 434 ASN X O     1 
ATOM   534  C  CB    . ASN A 1 73  ? 13.429  0.114   -13.603 1.00 60.14 ? 434 ASN X CB    1 
ATOM   535  C  CG    . ASN A 1 73  ? 13.838  1.545   -13.926 1.00 58.87 ? 434 ASN X CG    1 
ATOM   536  O  OD1   . ASN A 1 73  ? 13.021  2.462   -13.876 1.00 58.92 ? 434 ASN X OD1   1 
ATOM   537  N  ND2   . ASN A 1 73  ? 15.105  1.738   -14.257 1.00 63.81 ? 434 ASN X ND2   1 
ATOM   538  N  N     . VAL A 1 74  ? 11.361  -1.894  -11.434 1.00 49.12 ? 435 VAL X N     1 
ATOM   539  C  CA    . VAL A 1 74  ? 10.622  -3.147  -11.332 1.00 51.85 ? 435 VAL X CA    1 
ATOM   540  C  C     . VAL A 1 74  ? 9.231   -2.928  -11.940 1.00 55.02 ? 435 VAL X C     1 
ATOM   541  O  O     . VAL A 1 74  ? 8.862   -1.797  -12.267 1.00 52.57 ? 435 VAL X O     1 
ATOM   542  C  CB    . VAL A 1 74  ? 10.488  -3.608  -9.856  1.00 51.04 ? 435 VAL X CB    1 
ATOM   543  C  CG1   . VAL A 1 74  ? 9.985   -5.032  -9.777  1.00 56.00 ? 435 VAL X CG1   1 
ATOM   544  C  CG2   . VAL A 1 74  ? 11.818  -3.493  -9.136  1.00 46.87 ? 435 VAL X CG2   1 
ATOM   545  N  N     . GLY A 1 75  ? 8.467   -4.002  -12.098 1.00 51.83 ? 436 GLY X N     1 
ATOM   546  C  CA    . GLY A 1 75  ? 7.146   -3.914  -12.703 1.00 63.72 ? 436 GLY X CA    1 
ATOM   547  C  C     . GLY A 1 75  ? 6.772   -2.557  -13.284 1.00 60.98 ? 436 GLY X C     1 
ATOM   548  O  O     . GLY A 1 75  ? 6.740   -2.367  -14.503 1.00 64.45 ? 436 GLY X O     1 
ATOM   549  N  N     . GLU A 1 81  ? 13.602  1.380   -19.185 1.00 67.70 ? 442 GLU X N     1 
ATOM   550  C  CA    . GLU A 1 81  ? 14.870  1.606   -18.495 1.00 74.42 ? 442 GLU X CA    1 
ATOM   551  C  C     . GLU A 1 81  ? 15.381  0.315   -17.844 1.00 74.74 ? 442 GLU X C     1 
ATOM   552  O  O     . GLU A 1 81  ? 14.620  -0.642  -17.677 1.00 75.73 ? 442 GLU X O     1 
ATOM   553  C  CB    . GLU A 1 81  ? 14.720  2.721   -17.460 1.00 71.08 ? 442 GLU X CB    1 
ATOM   554  N  N     . PRO A 1 82  ? 16.675  0.279   -17.483 1.00 75.24 ? 443 PRO X N     1 
ATOM   555  C  CA    . PRO A 1 82  ? 17.269  -0.942  -16.931 1.00 73.63 ? 443 PRO X CA    1 
ATOM   556  C  C     . PRO A 1 82  ? 17.004  -1.072  -15.432 1.00 71.63 ? 443 PRO X C     1 
ATOM   557  O  O     . PRO A 1 82  ? 16.762  -0.063  -14.772 1.00 68.29 ? 443 PRO X O     1 
ATOM   558  C  CB    . PRO A 1 82  ? 18.779  -0.745  -17.170 1.00 72.67 ? 443 PRO X CB    1 
ATOM   559  C  CG    . PRO A 1 82  ? 18.922  0.562   -17.916 1.00 74.65 ? 443 PRO X CG    1 
ATOM   560  C  CD    . PRO A 1 82  ? 17.678  1.342   -17.635 1.00 75.86 ? 443 PRO X CD    1 
ATOM   561  N  N     . PRO A 1 83  ? 17.044  -2.305  -14.904 1.00 67.99 ? 444 PRO X N     1 
ATOM   562  C  CA    . PRO A 1 83  ? 16.892  -2.618  -13.477 1.00 66.18 ? 444 PRO X CA    1 
ATOM   563  C  C     . PRO A 1 83  ? 17.946  -1.963  -12.576 1.00 61.34 ? 444 PRO X C     1 
ATOM   564  O  O     . PRO A 1 83  ? 19.110  -1.867  -12.955 1.00 64.05 ? 444 PRO X O     1 
ATOM   565  C  CB    . PRO A 1 83  ? 17.045  -4.139  -13.441 1.00 64.24 ? 444 PRO X CB    1 
ATOM   566  C  CG    . PRO A 1 83  ? 16.588  -4.583  -14.772 1.00 63.45 ? 444 PRO X CG    1 
ATOM   567  C  CD    . PRO A 1 83  ? 17.050  -3.524  -15.730 1.00 69.87 ? 444 PRO X CD    1 
ATOM   568  N  N     . LYS A 1 84  ? 17.520  -1.537  -11.388 1.00 56.47 ? 445 LYS X N     1 
ATOM   569  C  CA    . LYS A 1 84  ? 18.385  -0.880  -10.412 1.00 55.57 ? 445 LYS X CA    1 
ATOM   570  C  C     . LYS A 1 84  ? 17.844  -1.103  -8.992  1.00 50.13 ? 445 LYS X C     1 
ATOM   571  O  O     . LYS A 1 84  ? 16.688  -1.479  -8.817  1.00 49.63 ? 445 LYS X O     1 
ATOM   572  C  CB    . LYS A 1 84  ? 18.452  0.618   -10.709 1.00 58.80 ? 445 LYS X CB    1 
ATOM   573  C  CG    . LYS A 1 84  ? 17.081  1.301   -10.706 1.00 58.91 ? 445 LYS X CG    1 
ATOM   574  C  CD    . LYS A 1 84  ? 17.167  2.760   -11.138 1.00 66.19 ? 445 LYS X CD    1 
ATOM   575  C  CE    . LYS A 1 84  ? 18.173  3.530   -10.293 1.00 63.27 ? 445 LYS X CE    1 
ATOM   576  N  NZ    . LYS A 1 84  ? 17.717  3.712   -8.882  1.00 71.94 ? 445 LYS X NZ    1 
ATOM   577  N  N     . ASP A 1 85  ? 18.672  -0.866  -7.982  1.00 42.55 ? 446 ASP X N     1 
ATOM   578  C  CA    . ASP A 1 85  ? 18.250  -1.068  -6.606  1.00 45.82 ? 446 ASP X CA    1 
ATOM   579  C  C     . ASP A 1 85  ? 17.058  -0.178  -6.247  1.00 53.70 ? 446 ASP X C     1 
ATOM   580  O  O     . ASP A 1 85  ? 17.031  1.013   -6.588  1.00 51.29 ? 446 ASP X O     1 
ATOM   581  C  CB    . ASP A 1 85  ? 19.402  -0.786  -5.631  1.00 45.94 ? 446 ASP X CB    1 
ATOM   582  C  CG    . ASP A 1 85  ? 20.401  -1.931  -5.541  1.00 49.20 ? 446 ASP X CG    1 
ATOM   583  O  OD1   . ASP A 1 85  ? 20.411  -2.797  -6.442  1.00 53.06 ? 446 ASP X OD1   1 
ATOM   584  O  OD2   . ASP A 1 85  ? 21.182  -1.968  -4.565  1.00 51.68 ? 446 ASP X OD2   1 
ATOM   585  N  N     . GLN A 1 86  ? 16.073  -0.756  -5.557  1.00 47.03 ? 447 GLN X N     1 
ATOM   586  C  CA    . GLN A 1 86  ? 15.033  0.049   -4.930  1.00 41.86 ? 447 GLN X CA    1 
ATOM   587  C  C     . GLN A 1 86  ? 15.655  0.812   -3.771  1.00 42.03 ? 447 GLN X C     1 
ATOM   588  O  O     . GLN A 1 86  ? 16.675  0.393   -3.235  1.00 44.56 ? 447 GLN X O     1 
ATOM   589  C  CB    . GLN A 1 86  ? 13.869  -0.822  -4.444  1.00 41.80 ? 447 GLN X CB    1 
ATOM   590  C  CG    . GLN A 1 86  ? 13.000  -1.370  -5.572  1.00 35.87 ? 447 GLN X CG    1 
ATOM   591  C  CD    . GLN A 1 86  ? 11.666  -1.874  -5.079  1.00 35.53 ? 447 GLN X CD    1 
ATOM   592  O  OE1   . GLN A 1 86  ? 11.513  -2.206  -3.903  1.00 34.14 ? 447 GLN X OE1   1 
ATOM   593  N  NE2   . GLN A 1 86  ? 10.687  -1.931  -5.975  1.00 34.26 ? 447 GLN X NE2   1 
ATOM   594  N  N     . GLN A 1 87  ? 15.043  1.926   -3.382  1.00 43.51 ? 448 GLN X N     1 
ATOM   595  C  CA    . GLN A 1 87  ? 15.619  2.787   -2.353  1.00 43.78 ? 448 GLN X CA    1 
ATOM   596  C  C     . GLN A 1 87  ? 14.670  3.002   -1.186  1.00 46.12 ? 448 GLN X C     1 
ATOM   597  O  O     . GLN A 1 87  ? 13.472  3.233   -1.379  1.00 43.49 ? 448 GLN X O     1 
ATOM   598  C  CB    . GLN A 1 87  ? 15.999  4.145   -2.953  1.00 48.88 ? 448 GLN X CB    1 
ATOM   599  C  CG    . GLN A 1 87  ? 17.322  4.161   -3.700  1.00 49.15 ? 448 GLN X CG    1 
ATOM   600  C  CD    . GLN A 1 87  ? 18.506  4.052   -2.759  1.00 60.72 ? 448 GLN X CD    1 
ATOM   601  O  OE1   . GLN A 1 87  ? 19.136  5.059   -2.415  1.00 64.62 ? 448 GLN X OE1   1 
ATOM   602  N  NE2   . GLN A 1 87  ? 18.805  2.830   -2.319  1.00 56.13 ? 448 GLN X NE2   1 
ATOM   603  N  N     . LEU A 1 88  ? 15.220  2.935   0.023   1.00 40.32 ? 449 LEU X N     1 
ATOM   604  C  CA    . LEU A 1 88  ? 14.451  3.143   1.242   1.00 43.77 ? 449 LEU X CA    1 
ATOM   605  C  C     . LEU A 1 88  ? 14.209  4.631   1.522   1.00 46.33 ? 449 LEU X C     1 
ATOM   606  O  O     . LEU A 1 88  ? 14.662  5.173   2.530   1.00 45.25 ? 449 LEU X O     1 
ATOM   607  C  CB    . LEU A 1 88  ? 15.166  2.486   2.422   1.00 42.59 ? 449 LEU X CB    1 
ATOM   608  C  CG    . LEU A 1 88  ? 14.350  2.129   3.659   1.00 45.64 ? 449 LEU X CG    1 
ATOM   609  C  CD1   . LEU A 1 88  ? 13.084  1.370   3.274   1.00 44.23 ? 449 LEU X CD1   1 
ATOM   610  C  CD2   . LEU A 1 88  ? 15.203  1.299   4.595   1.00 44.14 ? 449 LEU X CD2   1 
ATOM   611  N  N     . VAL A 1 89  ? 13.486  5.283   0.620   1.00 42.66 ? 450 VAL X N     1 
ATOM   612  C  CA    . VAL A 1 89  ? 13.106  6.676   0.793   1.00 43.53 ? 450 VAL X CA    1 
ATOM   613  C  C     . VAL A 1 89  ? 11.636  6.814   0.457   1.00 45.16 ? 450 VAL X C     1 
ATOM   614  O  O     . VAL A 1 89  ? 11.009  5.860   -0.013  1.00 45.51 ? 450 VAL X O     1 
ATOM   615  C  CB    . VAL A 1 89  ? 13.882  7.600   -0.173  1.00 48.43 ? 450 VAL X CB    1 
ATOM   616  C  CG1   . VAL A 1 89  ? 15.398  7.388   -0.045  1.00 42.61 ? 450 VAL X CG1   1 
ATOM   617  C  CG2   . VAL A 1 89  ? 13.424  7.363   -1.597  1.00 42.19 ? 450 VAL X CG2   1 
ATOM   618  N  N     . THR A 1 90  ? 11.084  8.002   0.687   1.00 43.84 ? 451 THR X N     1 
ATOM   619  C  CA    . THR A 1 90  ? 9.738   8.305   0.237   1.00 41.71 ? 451 THR X CA    1 
ATOM   620  C  C     . THR A 1 90  ? 8.767   7.216   0.712   1.00 43.08 ? 451 THR X C     1 
ATOM   621  O  O     . THR A 1 90  ? 8.808   6.824   1.875   1.00 42.70 ? 451 THR X O     1 
ATOM   622  C  CB    . THR A 1 90  ? 9.721   8.434   -1.299  1.00 49.73 ? 451 THR X CB    1 
ATOM   623  O  OG1   . THR A 1 90  ? 10.786  9.305   -1.707  1.00 61.31 ? 451 THR X OG1   1 
ATOM   624  C  CG2   . THR A 1 90  ? 8.418   9.024   -1.782  1.00 53.76 ? 451 THR X CG2   1 
ATOM   625  N  N     . GLY A 1 91  ? 7.915   6.725   -0.189  1.00 45.79 ? 452 GLY X N     1 
ATOM   626  C  CA    . GLY A 1 91  ? 6.863   5.775   0.150   1.00 39.14 ? 452 GLY X CA    1 
ATOM   627  C  C     . GLY A 1 91  ? 7.368   4.474   0.744   1.00 37.37 ? 452 GLY X C     1 
ATOM   628  O  O     . GLY A 1 91  ? 6.745   3.918   1.646   1.00 34.90 ? 452 GLY X O     1 
ATOM   629  N  N     . ASN A 1 92  ? 8.497   3.984   0.238   1.00 38.32 ? 453 ASN X N     1 
ATOM   630  C  CA    . ASN A 1 92  ? 9.125   2.784   0.788   1.00 37.59 ? 453 ASN X CA    1 
ATOM   631  C  C     . ASN A 1 92  ? 9.533   2.980   2.239   1.00 39.97 ? 453 ASN X C     1 
ATOM   632  O  O     . ASN A 1 92  ? 9.267   2.132   3.091   1.00 38.58 ? 453 ASN X O     1 
ATOM   633  C  CB    . ASN A 1 92  ? 10.337  2.369   -0.044  1.00 32.79 ? 453 ASN X CB    1 
ATOM   634  C  CG    . ASN A 1 92  ? 9.953   1.840   -1.403  1.00 34.97 ? 453 ASN X CG    1 
ATOM   635  O  OD1   . ASN A 1 92  ? 8.788   1.517   -1.644  1.00 33.39 ? 453 ASN X OD1   1 
ATOM   636  N  ND2   . ASN A 1 92  ? 10.933  1.740   -2.305  1.00 34.59 ? 453 ASN X ND2   1 
ATOM   637  N  N     . LEU A 1 93  ? 10.178  4.108   2.514   1.00 41.33 ? 454 LEU X N     1 
ATOM   638  C  CA    . LEU A 1 93  ? 10.577  4.453   3.868   1.00 40.16 ? 454 LEU X CA    1 
ATOM   639  C  C     . LEU A 1 93  ? 9.367   4.698   4.771   1.00 37.58 ? 454 LEU X C     1 
ATOM   640  O  O     . LEU A 1 93  ? 9.377   4.347   5.947   1.00 38.07 ? 454 LEU X O     1 
ATOM   641  C  CB    . LEU A 1 93  ? 11.464  5.695   3.856   1.00 40.72 ? 454 LEU X CB    1 
ATOM   642  C  CG    . LEU A 1 93  ? 11.649  6.342   5.227   1.00 42.34 ? 454 LEU X CG    1 
ATOM   643  C  CD1   . LEU A 1 93  ? 12.493  5.436   6.108   1.00 40.20 ? 454 LEU X CD1   1 
ATOM   644  C  CD2   . LEU A 1 93  ? 12.293  7.707   5.080   1.00 43.01 ? 454 LEU X CD2   1 
ATOM   645  N  N     . ALA A 1 94  ? 8.326   5.312   4.231   1.00 37.52 ? 455 ALA X N     1 
ATOM   646  C  CA    . ALA A 1 94  ? 7.123   5.538   5.022   1.00 36.24 ? 455 ALA X CA    1 
ATOM   647  C  C     . ALA A 1 94  ? 6.471   4.219   5.443   1.00 40.29 ? 455 ALA X C     1 
ATOM   648  O  O     . ALA A 1 94  ? 6.041   4.070   6.589   1.00 43.82 ? 455 ALA X O     1 
ATOM   649  C  CB    . ALA A 1 94  ? 6.147   6.388   4.263   1.00 37.24 ? 455 ALA X CB    1 
ATOM   650  N  N     . LEU A 1 95  ? 6.387   3.261   4.522   1.00 38.01 ? 456 LEU X N     1 
ATOM   651  C  CA    . LEU A 1 95  ? 5.815   1.964   4.865   1.00 37.67 ? 456 LEU X CA    1 
ATOM   652  C  C     . LEU A 1 95  ? 6.643   1.329   5.968   1.00 37.86 ? 456 LEU X C     1 
ATOM   653  O  O     . LEU A 1 95  ? 6.100   0.760   6.907   1.00 39.48 ? 456 LEU X O     1 
ATOM   654  C  CB    . LEU A 1 95  ? 5.748   1.025   3.656   1.00 32.51 ? 456 LEU X CB    1 
ATOM   655  C  CG    . LEU A 1 95  ? 4.541   1.137   2.727   1.00 32.74 ? 456 LEU X CG    1 
ATOM   656  C  CD1   . LEU A 1 95  ? 4.642   0.130   1.584   1.00 31.62 ? 456 LEU X CD1   1 
ATOM   657  C  CD2   . LEU A 1 95  ? 3.240   0.944   3.492   1.00 29.62 ? 456 LEU X CD2   1 
ATOM   658  N  N     . LYS A 1 96  ? 7.961   1.433   5.846   1.00 39.53 ? 457 LYS X N     1 
ATOM   659  C  CA    . LYS A 1 96  ? 8.869   0.863   6.831   1.00 40.55 ? 457 LYS X CA    1 
ATOM   660  C  C     . LYS A 1 96  ? 8.636   1.479   8.204   1.00 43.60 ? 457 LYS X C     1 
ATOM   661  O  O     . LYS A 1 96  ? 8.447   0.769   9.188   1.00 46.21 ? 457 LYS X O     1 
ATOM   662  C  CB    . LYS A 1 96  ? 10.322  1.085   6.420   1.00 39.80 ? 457 LYS X CB    1 
ATOM   663  C  CG    . LYS A 1 96  ? 11.311  0.522   7.424   1.00 44.36 ? 457 LYS X CG    1 
ATOM   664  C  CD    . LYS A 1 96  ? 12.554  1.385   7.541   1.00 51.17 ? 457 LYS X CD    1 
ATOM   665  C  CE    . LYS A 1 96  ? 13.352  1.034   8.790   1.00 53.20 ? 457 LYS X CE    1 
ATOM   666  N  NZ    . LYS A 1 96  ? 13.974  -0.312  8.650   1.00 54.88 ? 457 LYS X NZ    1 
ATOM   667  N  N     . ASN A 1 97  ? 8.656   2.806   8.261   1.00 40.66 ? 458 ASN X N     1 
ATOM   668  C  CA    . ASN A 1 97  ? 8.388   3.514   9.502   1.00 44.58 ? 458 ASN X CA    1 
ATOM   669  C  C     . ASN A 1 97  ? 7.039   3.105   10.092  1.00 49.01 ? 458 ASN X C     1 
ATOM   670  O  O     . ASN A 1 97  ? 6.868   3.084   11.311  1.00 47.92 ? 458 ASN X O     1 
ATOM   671  C  CB    . ASN A 1 97  ? 8.424   5.032   9.277   1.00 45.76 ? 458 ASN X CB    1 
ATOM   672  C  CG    . ASN A 1 97  ? 9.821   5.548   8.951   1.00 45.72 ? 458 ASN X CG    1 
ATOM   673  O  OD1   . ASN A 1 97  ? 10.827  4.900   9.249   1.00 44.48 ? 458 ASN X OD1   1 
ATOM   674  N  ND2   . ASN A 1 97  ? 9.886   6.723   8.336   1.00 43.68 ? 458 ASN X ND2   1 
ATOM   675  N  N     . SER A 1 98  ? 6.079   2.772   9.231   1.00 44.70 ? 459 SER X N     1 
ATOM   676  C  CA    . SER A 1 98  ? 4.746   2.422   9.711   1.00 41.69 ? 459 SER X CA    1 
ATOM   677  C  C     . SER A 1 98  ? 4.744   1.130   10.524  1.00 43.67 ? 459 SER X C     1 
ATOM   678  O  O     . SER A 1 98  ? 3.779   0.820   11.221  1.00 47.49 ? 459 SER X O     1 
ATOM   679  C  CB    . SER A 1 98  ? 3.750   2.342   8.558   1.00 41.44 ? 459 SER X CB    1 
ATOM   680  O  OG    . SER A 1 98  ? 3.273   3.631   8.210   1.00 42.18 ? 459 SER X OG    1 
ATOM   681  N  N     . ILE A 1 99  ? 5.826   0.374   10.438  1.00 40.86 ? 460 ILE X N     1 
ATOM   682  C  CA    . ILE A 1 99  ? 5.960   -0.817  11.265  1.00 45.53 ? 460 ILE X CA    1 
ATOM   683  C  C     . ILE A 1 99  ? 6.044   -0.412  12.739  1.00 50.28 ? 460 ILE X C     1 
ATOM   684  O  O     . ILE A 1 99  ? 5.303   -0.927  13.577  1.00 49.53 ? 460 ILE X O     1 
ATOM   685  C  CB    . ILE A 1 99  ? 7.195   -1.642  10.872  1.00 42.21 ? 460 ILE X CB    1 
ATOM   686  C  CG1   . ILE A 1 99  ? 7.097   -2.085  9.407   1.00 42.89 ? 460 ILE X CG1   1 
ATOM   687  C  CG2   . ILE A 1 99  ? 7.351   -2.854  11.788  1.00 44.06 ? 460 ILE X CG2   1 
ATOM   688  C  CD1   . ILE A 1 99  ? 8.422   -2.597  8.828   1.00 39.19 ? 460 ILE X CD1   1 
ATOM   689  N  N     . ASN A 1 100 ? 6.935   0.528   13.049  1.00 53.44 ? 461 ASN X N     1 
ATOM   690  C  CA    . ASN A 1 100 ? 7.071   1.018   14.420  1.00 52.89 ? 461 ASN X CA    1 
ATOM   691  C  C     . ASN A 1 100 ? 5.860   1.799   14.915  1.00 52.25 ? 461 ASN X C     1 
ATOM   692  O  O     . ASN A 1 100 ? 5.430   1.618   16.050  1.00 56.69 ? 461 ASN X O     1 
ATOM   693  C  CB    . ASN A 1 100 ? 8.345   1.844   14.592  1.00 58.65 ? 461 ASN X CB    1 
ATOM   694  C  CG    . ASN A 1 100 ? 9.491   1.031   15.169  1.00 63.77 ? 461 ASN X CG    1 
ATOM   695  O  OD1   . ASN A 1 100 ? 9.722   -0.113  14.771  1.00 62.78 ? 461 ASN X OD1   1 
ATOM   696  N  ND2   . ASN A 1 100 ? 10.211  1.618   16.123  1.00 73.06 ? 461 ASN X ND2   1 
ATOM   697  N  N     . LYS A 1 101 ? 5.300   2.653   14.060  1.00 52.39 ? 462 LYS X N     1 
ATOM   698  C  CA    . LYS A 1 101 ? 4.146   3.463   14.446  1.00 47.91 ? 462 LYS X CA    1 
ATOM   699  C  C     . LYS A 1 101 ? 2.889   2.640   14.689  1.00 51.36 ? 462 LYS X C     1 
ATOM   700  O  O     . LYS A 1 101 ? 2.000   3.062   15.436  1.00 51.64 ? 462 LYS X O     1 
ATOM   701  C  CB    . LYS A 1 101 ? 3.857   4.540   13.400  1.00 47.95 ? 462 LYS X CB    1 
ATOM   702  C  CG    . LYS A 1 101 ? 4.969   5.551   13.238  1.00 57.32 ? 462 LYS X CG    1 
ATOM   703  C  CD    . LYS A 1 101 ? 5.241   6.303   14.536  1.00 66.79 ? 462 LYS X CD    1 
ATOM   704  C  CE    . LYS A 1 101 ? 4.061   7.190   14.927  1.00 66.16 ? 462 LYS X CE    1 
ATOM   705  N  NZ    . LYS A 1 101 ? 4.412   8.101   16.061  1.00 70.85 ? 462 LYS X NZ    1 
ATOM   706  N  N     . LYS A 1 102 ? 2.808   1.474   14.052  1.00 48.65 ? 463 LYS X N     1 
ATOM   707  C  CA    . LYS A 1 102 ? 1.626   0.622   14.159  1.00 45.39 ? 463 LYS X CA    1 
ATOM   708  C  C     . LYS A 1 102 ? 0.364   1.354   13.741  1.00 44.74 ? 463 LYS X C     1 
ATOM   709  O  O     . LYS A 1 102 ? -0.725  1.060   14.234  1.00 46.40 ? 463 LYS X O     1 
ATOM   710  C  CB    . LYS A 1 102 ? 1.444   0.093   15.586  1.00 50.55 ? 463 LYS X CB    1 
ATOM   711  C  CG    . LYS A 1 102 ? 2.595   -0.769  16.111  1.00 57.62 ? 463 LYS X CG    1 
ATOM   712  C  CD    . LYS A 1 102 ? 2.210   -1.479  17.413  1.00 54.98 ? 463 LYS X CD    1 
ATOM   713  C  CE    . LYS A 1 102 ? 3.433   -2.001  18.157  1.00 61.02 ? 463 LYS X CE    1 
ATOM   714  N  NZ    . LYS A 1 102 ? 4.281   -2.898  17.321  1.00 64.70 ? 463 LYS X NZ    1 
ATOM   715  N  N     . ASN A 1 103 ? 0.496   2.314   12.835  1.00 43.06 ? 464 ASN X N     1 
ATOM   716  C  CA    . ASN A 1 103 ? -0.679  3.036   12.368  1.00 39.08 ? 464 ASN X CA    1 
ATOM   717  C  C     . ASN A 1 103 ? -1.427  2.224   11.315  1.00 44.80 ? 464 ASN X C     1 
ATOM   718  O  O     . ASN A 1 103 ? -0.818  1.459   10.563  1.00 44.45 ? 464 ASN X O     1 
ATOM   719  C  CB    . ASN A 1 103 ? -0.283  4.404   11.802  1.00 42.67 ? 464 ASN X CB    1 
ATOM   720  C  CG    . ASN A 1 103 ? 0.573   4.298   10.535  1.00 42.59 ? 464 ASN X CG    1 
ATOM   721  O  OD1   . ASN A 1 103 ? 1.766   3.984   10.592  1.00 39.31 ? 464 ASN X OD1   1 
ATOM   722  N  ND2   . ASN A 1 103 ? -0.039  4.576   9.389   1.00 39.31 ? 464 ASN X ND2   1 
ATOM   723  N  N     . PRO A 1 104 ? -2.753  2.376   11.261  1.00 41.37 ? 465 PRO X N     1 
ATOM   724  C  CA    . PRO A 1 104 ? -3.499  1.744   10.174  1.00 38.22 ? 465 PRO X CA    1 
ATOM   725  C  C     . PRO A 1 104 ? -3.089  2.318   8.822   1.00 40.23 ? 465 PRO X C     1 
ATOM   726  O  O     . PRO A 1 104 ? -2.656  3.474   8.735   1.00 38.29 ? 465 PRO X O     1 
ATOM   727  C  CB    . PRO A 1 104 ? -4.956  2.115   10.475  1.00 35.89 ? 465 PRO X CB    1 
ATOM   728  C  CG    . PRO A 1 104 ? -4.979  2.482   11.916  1.00 42.86 ? 465 PRO X CG    1 
ATOM   729  C  CD    . PRO A 1 104 ? -3.633  3.047   12.234  1.00 43.25 ? 465 PRO X CD    1 
ATOM   730  N  N     . VAL A 1 105 ? -3.239  1.494   7.786   1.00 40.28 ? 466 VAL X N     1 
ATOM   731  C  CA    . VAL A 1 105 ? -2.888  1.833   6.413   1.00 33.86 ? 466 VAL X CA    1 
ATOM   732  C  C     . VAL A 1 105 ? -4.033  1.357   5.541   1.00 34.38 ? 466 VAL X C     1 
ATOM   733  O  O     . VAL A 1 105 ? -4.389  0.180   5.577   1.00 36.54 ? 466 VAL X O     1 
ATOM   734  C  CB    . VAL A 1 105 ? -1.619  1.077   5.957   1.00 35.41 ? 466 VAL X CB    1 
ATOM   735  C  CG1   . VAL A 1 105 ? -1.302  1.363   4.488   1.00 32.03 ? 466 VAL X CG1   1 
ATOM   736  C  CG2   . VAL A 1 105 ? -0.444  1.411   6.838   1.00 36.42 ? 466 VAL X CG2   1 
ATOM   737  N  N     . ARG A 1 106 ? -4.623  2.253   4.761   1.00 26.76 ? 467 ARG X N     1 
ATOM   738  C  CA    . ARG A 1 106 ? -5.715  1.839   3.908   1.00 29.16 ? 467 ARG X CA    1 
ATOM   739  C  C     . ARG A 1 106 ? -5.146  1.037   2.745   1.00 37.20 ? 467 ARG X C     1 
ATOM   740  O  O     . ARG A 1 106 ? -4.083  1.366   2.206   1.00 31.60 ? 467 ARG X O     1 
ATOM   741  C  CB    . ARG A 1 106 ? -6.495  3.042   3.395   1.00 30.66 ? 467 ARG X CB    1 
ATOM   742  C  CG    . ARG A 1 106 ? -7.166  3.866   4.497   1.00 37.19 ? 467 ARG X CG    1 
ATOM   743  C  CD    . ARG A 1 106 ? -7.963  5.030   3.921   1.00 36.49 ? 467 ARG X CD    1 
ATOM   744  N  NE    . ARG A 1 106 ? -7.090  6.070   3.391   1.00 35.22 ? 467 ARG X NE    1 
ATOM   745  C  CZ    . ARG A 1 106 ? -6.515  7.002   4.143   1.00 37.40 ? 467 ARG X CZ    1 
ATOM   746  N  NH1   . ARG A 1 106 ? -6.734  7.014   5.450   1.00 40.76 ? 467 ARG X NH1   1 
ATOM   747  N  NH2   . ARG A 1 106 ? -5.725  7.918   3.596   1.00 33.31 ? 467 ARG X NH2   1 
ATOM   748  N  N     . VAL A 1 107 ? -5.849  -0.024  2.370   1.00 32.02 ? 468 VAL X N     1 
ATOM   749  C  CA    . VAL A 1 107 ? -5.429  -0.844  1.254   1.00 32.41 ? 468 VAL X CA    1 
ATOM   750  C  C     . VAL A 1 107 ? -6.508  -0.814  0.192   1.00 33.12 ? 468 VAL X C     1 
ATOM   751  O  O     . VAL A 1 107 ? -7.669  -1.117  0.464   1.00 36.04 ? 468 VAL X O     1 
ATOM   752  C  CB    . VAL A 1 107 ? -5.096  -2.288  1.690   1.00 29.74 ? 468 VAL X CB    1 
ATOM   753  C  CG1   . VAL A 1 107 ? -4.854  -3.181  0.481   1.00 31.59 ? 468 VAL X CG1   1 
ATOM   754  C  CG2   . VAL A 1 107 ? -3.861  -2.282  2.572   1.00 31.56 ? 468 VAL X CG2   1 
ATOM   755  N  N     . ILE A 1 108 ? -6.124  -0.397  -1.011  1.00 29.78 ? 469 ILE X N     1 
ATOM   756  C  CA    . ILE A 1 108 ? -7.011  -0.430  -2.161  1.00 30.02 ? 469 ILE X CA    1 
ATOM   757  C  C     . ILE A 1 108 ? -6.465  -1.486  -3.117  1.00 34.24 ? 469 ILE X C     1 
ATOM   758  O  O     . ILE A 1 108 ? -5.252  -1.582  -3.330  1.00 31.01 ? 469 ILE X O     1 
ATOM   759  C  CB    . ILE A 1 108 ? -7.094  0.927   -2.879  1.00 30.05 ? 469 ILE X CB    1 
ATOM   760  C  CG1   . ILE A 1 108 ? -7.683  2.011   -1.968  1.00 35.50 ? 469 ILE X CG1   1 
ATOM   761  C  CG2   . ILE A 1 108 ? -7.945  0.808   -4.128  1.00 33.04 ? 469 ILE X CG2   1 
ATOM   762  C  CD1   . ILE A 1 108 ? -6.697  2.580   -0.951  1.00 36.29 ? 469 ILE X CD1   1 
ATOM   763  N  N     . ARG A 1 109 ? -7.356  -2.297  -3.668  1.00 33.44 ? 470 ARG X N     1 
ATOM   764  C  CA    . ARG A 1 109 ? -6.950  -3.367  -4.570  1.00 36.77 ? 470 ARG X CA    1 
ATOM   765  C  C     . ARG A 1 109 ? -7.532  -3.125  -5.961  1.00 36.46 ? 470 ARG X C     1 
ATOM   766  O  O     . ARG A 1 109 ? -8.709  -2.797  -6.095  1.00 35.05 ? 470 ARG X O     1 
ATOM   767  C  CB    . ARG A 1 109 ? -7.401  -4.717  -4.012  1.00 36.92 ? 470 ARG X CB    1 
ATOM   768  C  CG    . ARG A 1 109 ? -7.220  -5.893  -4.957  1.00 46.12 ? 470 ARG X CG    1 
ATOM   769  C  CD    . ARG A 1 109 ? -7.289  -7.232  -4.207  1.00 50.68 ? 470 ARG X CD    1 
ATOM   770  N  NE    . ARG A 1 109 ? -8.386  -7.272  -3.239  1.00 58.61 ? 470 ARG X NE    1 
ATOM   771  C  CZ    . ARG A 1 109 ? -9.640  -7.604  -3.544  1.00 61.16 ? 470 ARG X CZ    1 
ATOM   772  N  NH1   . ARG A 1 109 ? -9.957  -7.925  -4.791  1.00 63.60 ? 470 ARG X NH1   1 
ATOM   773  N  NH2   . ARG A 1 109 ? -10.580 -7.615  -2.604  1.00 58.66 ? 470 ARG X NH2   1 
ATOM   774  N  N     . GLY A 1 110 ? -6.689  -3.242  -6.984  1.00 36.01 ? 471 GLY X N     1 
ATOM   775  C  CA    . GLY A 1 110 ? -7.122  -3.092  -8.363  1.00 36.77 ? 471 GLY X CA    1 
ATOM   776  C  C     . GLY A 1 110 ? -7.851  -4.346  -8.813  1.00 48.22 ? 471 GLY X C     1 
ATOM   777  O  O     . GLY A 1 110 ? -7.377  -5.455  -8.571  1.00 54.57 ? 471 GLY X O     1 
ATOM   778  N  N     . ILE A 1 111 ? -9.004  -4.181  -9.456  1.00 43.50 ? 472 ILE X N     1 
ATOM   779  C  CA    . ILE A 1 111 ? -9.801  -5.316  -9.916  1.00 50.55 ? 472 ILE X CA    1 
ATOM   780  C  C     . ILE A 1 111 ? -9.955  -5.346  -11.443 1.00 56.28 ? 472 ILE X C     1 
ATOM   781  O  O     . ILE A 1 111 ? -10.369 -4.358  -12.056 1.00 54.85 ? 472 ILE X O     1 
ATOM   782  C  CB    . ILE A 1 111 ? -11.200 -5.330  -9.251  1.00 53.14 ? 472 ILE X CB    1 
ATOM   783  C  CG1   . ILE A 1 111 ? -11.854 -3.950  -9.336  1.00 50.83 ? 472 ILE X CG1   1 
ATOM   784  C  CG2   . ILE A 1 111 ? -11.096 -5.743  -7.792  1.00 51.88 ? 472 ILE X CG2   1 
ATOM   785  C  CD1   . ILE A 1 111 ? -13.272 -3.917  -8.809  1.00 50.26 ? 472 ILE X CD1   1 
ATOM   786  N  N     . LYS A 1 112 ? -9.619  -6.484  -12.049 1.00 57.67 ? 473 LYS X N     1 
ATOM   787  C  CA    . LYS A 1 112 ? -9.675  -6.645  -13.505 1.00 59.64 ? 473 LYS X CA    1 
ATOM   788  C  C     . LYS A 1 112 ? -10.985 -6.141  -14.117 1.00 66.41 ? 473 LYS X C     1 
ATOM   789  O  O     . LYS A 1 112 ? -12.069 -6.358  -13.566 1.00 68.53 ? 473 LYS X O     1 
ATOM   790  C  CB    . LYS A 1 112 ? -9.455  -8.111  -13.889 1.00 57.24 ? 473 LYS X CB    1 
ATOM   791  N  N     . LYS A 1 123 ? -15.603 -0.348  -10.311 1.00 51.40 ? 484 LYS X N     1 
ATOM   792  C  CA    . LYS A 1 123 ? -15.289 -1.282  -11.388 1.00 56.53 ? 484 LYS X CA    1 
ATOM   793  C  C     . LYS A 1 123 ? -13.790 -1.585  -11.552 1.00 55.86 ? 484 LYS X C     1 
ATOM   794  O  O     . LYS A 1 123 ? -13.433 -2.669  -12.011 1.00 58.86 ? 484 LYS X O     1 
ATOM   795  C  CB    . LYS A 1 123 ? -15.909 -0.827  -12.722 1.00 59.18 ? 484 LYS X CB    1 
ATOM   796  C  CG    . LYS A 1 123 ? -15.774 0.661   -13.022 1.00 58.12 ? 484 LYS X CG    1 
ATOM   797  C  CD    . LYS A 1 123 ? -16.208 0.994   -14.445 1.00 60.62 ? 484 LYS X CD    1 
ATOM   798  C  CE    . LYS A 1 123 ? -17.724 0.950   -14.615 1.00 62.60 ? 484 LYS X CE    1 
ATOM   799  N  NZ    . LYS A 1 123 ? -18.271 -0.437  -14.735 1.00 63.24 ? 484 LYS X NZ    1 
ATOM   800  N  N     . ASN A 1 124 ? -12.921 -0.650  -11.172 1.00 53.36 ? 485 ASN X N     1 
ATOM   801  C  CA    . ASN A 1 124 ? -11.464 -0.866  -11.269 1.00 47.73 ? 485 ASN X CA    1 
ATOM   802  C  C     . ASN A 1 124 ? -10.728 -0.976  -9.935  1.00 43.21 ? 485 ASN X C     1 
ATOM   803  O  O     . ASN A 1 124 ? -9.643  -1.534  -9.869  1.00 45.55 ? 485 ASN X O     1 
ATOM   804  C  CB    . ASN A 1 124 ? -10.806 0.248   -12.078 1.00 45.23 ? 485 ASN X CB    1 
ATOM   805  C  CG    . ASN A 1 124 ? -11.145 0.180   -13.538 1.00 50.98 ? 485 ASN X CG    1 
ATOM   806  O  OD1   . ASN A 1 124 ? -11.352 1.210   -14.186 1.00 47.52 ? 485 ASN X OD1   1 
ATOM   807  N  ND2   . ASN A 1 124 ? -11.202 -1.036  -14.074 1.00 50.91 ? 485 ASN X ND2   1 
ATOM   808  N  N     . TYR A 1 125 ? -11.303 -0.419  -8.879  1.00 42.14 ? 486 TYR X N     1 
ATOM   809  C  CA    . TYR A 1 125 ? -10.657 -0.444  -7.578  1.00 42.05 ? 486 TYR X CA    1 
ATOM   810  C  C     . TYR A 1 125 ? -11.647 -0.730  -6.472  1.00 40.62 ? 486 TYR X C     1 
ATOM   811  O  O     . TYR A 1 125 ? -12.795 -0.302  -6.541  1.00 40.18 ? 486 TYR X O     1 
ATOM   812  C  CB    . TYR A 1 125 ? -9.964  0.885   -7.312  1.00 36.66 ? 486 TYR X CB    1 
ATOM   813  C  CG    . TYR A 1 125 ? -8.926  1.223   -8.345  1.00 41.12 ? 486 TYR X CG    1 
ATOM   814  C  CD1   . TYR A 1 125 ? -7.631  0.716   -8.252  1.00 39.12 ? 486 TYR X CD1   1 
ATOM   815  C  CD2   . TYR A 1 125 ? -9.236  2.048   -9.420  1.00 41.65 ? 486 TYR X CD2   1 
ATOM   816  C  CE1   . TYR A 1 125 ? -6.678  1.021   -9.199  1.00 36.05 ? 486 TYR X CE1   1 
ATOM   817  C  CE2   . TYR A 1 125 ? -8.289  2.366   -10.365 1.00 43.28 ? 486 TYR X CE2   1 
ATOM   818  C  CZ    . TYR A 1 125 ? -7.014  1.849   -10.254 1.00 41.44 ? 486 TYR X CZ    1 
ATOM   819  O  OH    . TYR A 1 125 ? -6.077  2.161   -11.208 1.00 42.53 ? 486 TYR X OH    1 
ATOM   820  N  N     . VAL A 1 126 ? -11.200 -1.457  -5.453  1.00 38.18 ? 487 VAL X N     1 
ATOM   821  C  CA    . VAL A 1 126 ? -12.035 -1.696  -4.278  1.00 39.93 ? 487 VAL X CA    1 
ATOM   822  C  C     . VAL A 1 126 ? -11.287 -1.322  -3.021  1.00 37.40 ? 487 VAL X C     1 
ATOM   823  O  O     . VAL A 1 126 ? -10.097 -1.608  -2.887  1.00 37.99 ? 487 VAL X O     1 
ATOM   824  C  CB    . VAL A 1 126 ? -12.462 -3.177  -4.131  1.00 44.60 ? 487 VAL X CB    1 
ATOM   825  C  CG1   . VAL A 1 126 ? -13.712 -3.280  -3.242  1.00 40.24 ? 487 VAL X CG1   1 
ATOM   826  C  CG2   . VAL A 1 126 ? -12.723 -3.797  -5.479  1.00 45.89 ? 487 VAL X CG2   1 
ATOM   827  N  N     . TYR A 1 127 ? -11.983 -0.673  -2.101  1.00 36.65 ? 488 TYR X N     1 
ATOM   828  C  CA    . TYR A 1 127 ? -11.411 -0.387  -0.804  1.00 35.82 ? 488 TYR X CA    1 
ATOM   829  C  C     . TYR A 1 127 ? -11.441 -1.671  0.002   1.00 42.42 ? 488 TYR X C     1 
ATOM   830  O  O     . TYR A 1 127 ? -12.477 -2.325  0.099   1.00 43.91 ? 488 TYR X O     1 
ATOM   831  C  CB    . TYR A 1 127 ? -12.205 0.701   -0.090  1.00 38.05 ? 488 TYR X CB    1 
ATOM   832  C  CG    . TYR A 1 127 ? -11.718 0.949   1.313   1.00 41.79 ? 488 TYR X CG    1 
ATOM   833  C  CD1   . TYR A 1 127 ? -10.366 1.123   1.573   1.00 37.70 ? 488 TYR X CD1   1 
ATOM   834  C  CD2   . TYR A 1 127 ? -12.602 0.999   2.381   1.00 39.24 ? 488 TYR X CD2   1 
ATOM   835  C  CE1   . TYR A 1 127 ? -9.911  1.349   2.854   1.00 37.06 ? 488 TYR X CE1   1 
ATOM   836  C  CE2   . TYR A 1 127 ? -12.156 1.237   3.660   1.00 38.35 ? 488 TYR X CE2   1 
ATOM   837  C  CZ    . TYR A 1 127 ? -10.812 1.409   3.891   1.00 37.64 ? 488 TYR X CZ    1 
ATOM   838  O  OH    . TYR A 1 127 ? -10.367 1.644   5.163   1.00 39.87 ? 488 TYR X OH    1 
ATOM   839  N  N     . ASP A 1 128 ? -10.306 -2.029  0.585   1.00 42.77 ? 489 ASP X N     1 
ATOM   840  C  CA    . ASP A 1 128 ? -10.156 -3.352  1.184   1.00 42.73 ? 489 ASP X CA    1 
ATOM   841  C  C     . ASP A 1 128 ? -10.193 -3.327  2.704   1.00 42.88 ? 489 ASP X C     1 
ATOM   842  O  O     . ASP A 1 128 ? -10.357 -4.364  3.337   1.00 46.74 ? 489 ASP X O     1 
ATOM   843  C  CB    . ASP A 1 128 ? -8.830  -3.963  0.744   1.00 41.19 ? 489 ASP X CB    1 
ATOM   844  C  CG    . ASP A 1 128 ? -8.915  -5.457  0.541   1.00 54.32 ? 489 ASP X CG    1 
ATOM   845  O  OD1   . ASP A 1 128 ? -8.217  -6.189  1.288   1.00 51.67 ? 489 ASP X OD1   1 
ATOM   846  O  OD2   . ASP A 1 128 ? -9.669  -5.889  -0.370  1.00 57.70 ? 489 ASP X OD2   1 
ATOM   847  N  N     . GLY A 1 129 ? -10.017 -2.148  3.288   1.00 39.43 ? 490 GLY X N     1 
ATOM   848  C  CA    . GLY A 1 129 ? -9.987  -2.025  4.731   1.00 41.14 ? 490 GLY X CA    1 
ATOM   849  C  C     . GLY A 1 129 ? -8.626  -1.617  5.248   1.00 35.56 ? 490 GLY X C     1 
ATOM   850  O  O     . GLY A 1 129 ? -7.744  -1.250  4.472   1.00 37.03 ? 490 GLY X O     1 
ATOM   851  N  N     . LEU A 1 130 ? -8.449  -1.684  6.563   1.00 34.18 ? 491 LEU X N     1 
ATOM   852  C  CA    . LEU A 1 130 ? -7.208  -1.240  7.180   1.00 34.42 ? 491 LEU X CA    1 
ATOM   853  C  C     . LEU A 1 130 ? -6.279  -2.407  7.471   1.00 35.99 ? 491 LEU X C     1 
ATOM   854  O  O     . LEU A 1 130 ? -6.719  -3.502  7.804   1.00 36.07 ? 491 LEU X O     1 
ATOM   855  C  CB    . LEU A 1 130 ? -7.485  -0.467  8.471   1.00 35.65 ? 491 LEU X CB    1 
ATOM   856  C  CG    . LEU A 1 130 ? -8.398  0.753   8.329   1.00 41.57 ? 491 LEU X CG    1 
ATOM   857  C  CD1   . LEU A 1 130 ? -8.837  1.245   9.696   1.00 38.35 ? 491 LEU X CD1   1 
ATOM   858  C  CD2   . LEU A 1 130 ? -7.724  1.876   7.525   1.00 36.66 ? 491 LEU X CD2   1 
ATOM   859  N  N     . TYR A 1 131 ? -4.986  -2.143  7.358   1.00 36.04 ? 492 TYR X N     1 
ATOM   860  C  CA    . TYR A 1 131 ? -3.961  -3.130  7.616   1.00 33.56 ? 492 TYR X CA    1 
ATOM   861  C  C     . TYR A 1 131 ? -2.888  -2.457  8.441   1.00 32.99 ? 492 TYR X C     1 
ATOM   862  O  O     . TYR A 1 131 ? -2.792  -1.228  8.458   1.00 36.16 ? 492 TYR X O     1 
ATOM   863  C  CB    . TYR A 1 131 ? -3.321  -3.583  6.299   1.00 32.55 ? 492 TYR X CB    1 
ATOM   864  C  CG    . TYR A 1 131 ? -4.158  -4.482  5.413   1.00 31.09 ? 492 TYR X CG    1 
ATOM   865  C  CD1   . TYR A 1 131 ? -3.727  -5.767  5.103   1.00 28.65 ? 492 TYR X CD1   1 
ATOM   866  C  CD2   . TYR A 1 131 ? -5.356  -4.043  4.872   1.00 28.80 ? 492 TYR X CD2   1 
ATOM   867  C  CE1   . TYR A 1 131 ? -4.464  -6.593  4.286   1.00 28.83 ? 492 TYR X CE1   1 
ATOM   868  C  CE2   . TYR A 1 131 ? -6.104  -4.860  4.053   1.00 31.06 ? 492 TYR X CE2   1 
ATOM   869  C  CZ    . TYR A 1 131 ? -5.648  -6.132  3.760   1.00 32.35 ? 492 TYR X CZ    1 
ATOM   870  O  OH    . TYR A 1 131 ? -6.383  -6.956  2.949   1.00 35.11 ? 492 TYR X OH    1 
ATOM   871  N  N     . LEU A 1 132 ? -2.079  -3.268  9.112   1.00 30.62 ? 493 LEU X N     1 
ATOM   872  C  CA    . LEU A 1 132 ? -0.841  -2.816  9.716   1.00 33.45 ? 493 LEU X CA    1 
ATOM   873  C  C     . LEU A 1 132 ? 0.307   -3.435  8.937   1.00 34.53 ? 493 LEU X C     1 
ATOM   874  O  O     . LEU A 1 132 ? 0.176   -4.548  8.421   1.00 36.59 ? 493 LEU X O     1 
ATOM   875  C  CB    . LEU A 1 132 ? -0.762  -3.260  11.186  1.00 35.91 ? 493 LEU X CB    1 
ATOM   876  C  CG    . LEU A 1 132 ? -1.874  -2.709  12.090  1.00 43.87 ? 493 LEU X CG    1 
ATOM   877  C  CD1   . LEU A 1 132 ? -1.901  -3.383  13.466  1.00 41.39 ? 493 LEU X CD1   1 
ATOM   878  C  CD2   . LEU A 1 132 ? -1.761  -1.200  12.223  1.00 39.21 ? 493 LEU X CD2   1 
ATOM   879  N  N     . VAL A 1 133 ? 1.421   -2.712  8.848   1.00 35.52 ? 494 VAL X N     1 
ATOM   880  C  CA    . VAL A 1 133 ? 2.666   -3.243  8.301   1.00 34.95 ? 494 VAL X CA    1 
ATOM   881  C  C     . VAL A 1 133 ? 3.375   -3.959  9.438   1.00 34.55 ? 494 VAL X C     1 
ATOM   882  O  O     . VAL A 1 133 ? 3.605   -3.365  10.481  1.00 39.39 ? 494 VAL X O     1 
ATOM   883  C  CB    . VAL A 1 133 ? 3.574   -2.093  7.746   1.00 39.24 ? 494 VAL X CB    1 
ATOM   884  C  CG1   . VAL A 1 133 ? 4.700   -2.651  6.904   1.00 34.76 ? 494 VAL X CG1   1 
ATOM   885  C  CG2   . VAL A 1 133 ? 2.747   -1.106  6.925   1.00 31.14 ? 494 VAL X CG2   1 
ATOM   886  N  N     . GLU A 1 134 ? 3.708   -5.234  9.253   1.00 36.40 ? 495 GLU X N     1 
ATOM   887  C  CA    . GLU A 1 134 ? 4.313   -6.026  10.327  1.00 37.95 ? 495 GLU X CA    1 
ATOM   888  C  C     . GLU A 1 134 ? 5.819   -6.180  10.174  1.00 41.76 ? 495 GLU X C     1 
ATOM   889  O  O     . GLU A 1 134 ? 6.549   -6.341  11.157  1.00 43.28 ? 495 GLU X O     1 
ATOM   890  C  CB    . GLU A 1 134 ? 3.654   -7.406  10.422  1.00 38.01 ? 495 GLU X CB    1 
ATOM   891  C  CG    . GLU A 1 134 ? 2.157   -7.340  10.639  1.00 40.94 ? 495 GLU X CG    1 
ATOM   892  C  CD    . GLU A 1 134 ? 1.565   -8.639  11.154  1.00 40.86 ? 495 GLU X CD    1 
ATOM   893  O  OE1   . GLU A 1 134 ? 2.002   -9.718  10.717  1.00 43.58 ? 495 GLU X OE1   1 
ATOM   894  O  OE2   . GLU A 1 134 ? 0.643   -8.575  11.989  1.00 45.86 ? 495 GLU X OE2   1 
ATOM   895  N  N     . GLU A 1 135 ? 6.292   -6.144  8.940   1.00 34.04 ? 496 GLU X N     1 
ATOM   896  C  CA    . GLU A 1 135 ? 7.718   -6.216  8.704   1.00 37.06 ? 496 GLU X CA    1 
ATOM   897  C  C     . GLU A 1 135 ? 8.010   -5.968  7.240   1.00 36.47 ? 496 GLU X C     1 
ATOM   898  O  O     . GLU A 1 135 ? 7.110   -5.913  6.418   1.00 33.40 ? 496 GLU X O     1 
ATOM   899  C  CB    . GLU A 1 135 ? 8.252   -7.596  9.074   1.00 39.18 ? 496 GLU X CB    1 
ATOM   900  C  CG    . GLU A 1 135 ? 7.824   -8.662  8.094   1.00 40.18 ? 496 GLU X CG    1 
ATOM   901  C  CD    . GLU A 1 135 ? 8.510   -9.981  8.335   1.00 46.29 ? 496 GLU X CD    1 
ATOM   902  O  OE1   . GLU A 1 135 ? 7.956   -11.018 7.925   1.00 43.46 ? 496 GLU X OE1   1 
ATOM   903  O  OE2   . GLU A 1 135 ? 9.599   -9.983  8.937   1.00 54.15 ? 496 GLU X OE2   1 
ATOM   904  N  N     . TYR A 1 136 ? 9.286   -5.835  6.929   1.00 33.52 ? 497 TYR X N     1 
ATOM   905  C  CA    . TYR A 1 136 ? 9.709   -5.720  5.564   1.00 34.62 ? 497 TYR X CA    1 
ATOM   906  C  C     . TYR A 1 136 ? 11.015  -6.483  5.473   1.00 38.92 ? 497 TYR X C     1 
ATOM   907  O  O     . TYR A 1 136 ? 11.641  -6.790  6.494   1.00 39.21 ? 497 TYR X O     1 
ATOM   908  C  CB    . TYR A 1 136 ? 9.907   -4.248  5.209   1.00 37.10 ? 497 TYR X CB    1 
ATOM   909  C  CG    . TYR A 1 136 ? 11.255  -3.686  5.620   1.00 39.79 ? 497 TYR X CG    1 
ATOM   910  C  CD1   . TYR A 1 136 ? 12.164  -3.276  4.664   1.00 39.30 ? 497 TYR X CD1   1 
ATOM   911  C  CD2   . TYR A 1 136 ? 11.613  -3.574  6.962   1.00 43.91 ? 497 TYR X CD2   1 
ATOM   912  C  CE1   . TYR A 1 136 ? 13.394  -2.773  5.018   1.00 42.73 ? 497 TYR X CE1   1 
ATOM   913  C  CE2   . TYR A 1 136 ? 12.852  -3.061  7.330   1.00 44.93 ? 497 TYR X CE2   1 
ATOM   914  C  CZ    . TYR A 1 136 ? 13.735  -2.660  6.344   1.00 46.27 ? 497 TYR X CZ    1 
ATOM   915  O  OH    . TYR A 1 136 ? 14.969  -2.149  6.668   1.00 50.39 ? 497 TYR X OH    1 
ATOM   916  N  N     . TRP A 1 137 ? 11.422  -6.806  4.257   1.00 34.65 ? 498 TRP X N     1 
ATOM   917  C  CA    . TRP A 1 137 ? 12.726  -7.415  4.058   1.00 36.99 ? 498 TRP X CA    1 
ATOM   918  C  C     . TRP A 1 137 ? 13.240  -7.048  2.681   1.00 34.38 ? 498 TRP X C     1 
ATOM   919  O  O     . TRP A 1 137 ? 12.538  -6.409  1.897   1.00 34.71 ? 498 TRP X O     1 
ATOM   920  C  CB    . TRP A 1 137 ? 12.661  -8.938  4.253   1.00 35.95 ? 498 TRP X CB    1 
ATOM   921  C  CG    . TRP A 1 137 ? 11.823  -9.679  3.250   1.00 33.95 ? 498 TRP X CG    1 
ATOM   922  C  CD1   . TRP A 1 137 ? 12.209  -10.106 2.014   1.00 34.29 ? 498 TRP X CD1   1 
ATOM   923  C  CD2   . TRP A 1 137 ? 10.468  -10.103 3.416   1.00 32.55 ? 498 TRP X CD2   1 
ATOM   924  N  NE1   . TRP A 1 137 ? 11.174  -10.770 1.398   1.00 31.67 ? 498 TRP X NE1   1 
ATOM   925  C  CE2   . TRP A 1 137 ? 10.092  -10.774 2.237   1.00 32.46 ? 498 TRP X CE2   1 
ATOM   926  C  CE3   . TRP A 1 137 ? 9.531   -9.972  4.446   1.00 36.06 ? 498 TRP X CE3   1 
ATOM   927  C  CZ2   . TRP A 1 137 ? 8.813   -11.309 2.057   1.00 31.80 ? 498 TRP X CZ2   1 
ATOM   928  C  CZ3   . TRP A 1 137 ? 8.265   -10.509 4.268   1.00 32.58 ? 498 TRP X CZ3   1 
ATOM   929  C  CH2   . TRP A 1 137 ? 7.920   -11.167 3.083   1.00 30.31 ? 498 TRP X CH2   1 
ATOM   930  N  N     . GLU A 1 138 ? 14.470  -7.429  2.389   1.00 36.26 ? 499 GLU X N     1 
ATOM   931  C  CA    . GLU A 1 138 ? 15.031  -7.160  1.078   1.00 39.17 ? 499 GLU X CA    1 
ATOM   932  C  C     . GLU A 1 138 ? 15.201  -8.473  0.346   1.00 35.23 ? 499 GLU X C     1 
ATOM   933  O  O     . GLU A 1 138 ? 15.436  -9.510  0.958   1.00 35.34 ? 499 GLU X O     1 
ATOM   934  C  CB    . GLU A 1 138 ? 16.384  -6.459  1.184   1.00 40.87 ? 499 GLU X CB    1 
ATOM   935  C  CG    . GLU A 1 138 ? 16.357  -5.113  1.879   1.00 46.43 ? 499 GLU X CG    1 
ATOM   936  C  CD    . GLU A 1 138 ? 17.768  -4.608  2.196   1.00 57.07 ? 499 GLU X CD    1 
ATOM   937  O  OE1   . GLU A 1 138 ? 17.898  -3.573  2.888   1.00 60.07 ? 499 GLU X OE1   1 
ATOM   938  O  OE2   . GLU A 1 138 ? 18.748  -5.258  1.762   1.00 55.36 ? 499 GLU X OE2   1 
ATOM   939  N  N     . GLU A 1 139 ? 15.078  -8.414  -0.971  1.00 35.22 ? 500 GLU X N     1 
ATOM   940  C  CA    . GLU A 1 139 ? 15.245  -9.580  -1.811  1.00 38.55 ? 500 GLU X CA    1 
ATOM   941  C  C     . GLU A 1 139 ? 16.168  -9.193  -2.938  1.00 37.71 ? 500 GLU X C     1 
ATOM   942  O  O     . GLU A 1 139 ? 16.108  -8.077  -3.447  1.00 40.87 ? 500 GLU X O     1 
ATOM   943  C  CB    . GLU A 1 139 ? 13.904  -10.009 -2.415  1.00 35.41 ? 500 GLU X CB    1 
ATOM   944  C  CG    . GLU A 1 139 ? 12.846  -10.340 -1.415  1.00 35.81 ? 500 GLU X CG    1 
ATOM   945  C  CD    . GLU A 1 139 ? 11.687  -11.087 -2.033  1.00 34.61 ? 500 GLU X CD    1 
ATOM   946  O  OE1   . GLU A 1 139 ? 11.581  -11.128 -3.281  1.00 31.84 ? 500 GLU X OE1   1 
ATOM   947  O  OE2   . GLU A 1 139 ? 10.877  -11.628 -1.261  1.00 35.10 ? 500 GLU X OE2   1 
ATOM   948  N  N     . THR A 1 140 ? 17.008  -10.129 -3.339  1.00 39.15 ? 501 THR X N     1 
ATOM   949  C  CA    . THR A 1 140 ? 17.875  -9.918  -4.472  1.00 43.73 ? 501 THR X CA    1 
ATOM   950  C  C     . THR A 1 140 ? 17.208  -10.552 -5.672  1.00 46.41 ? 501 THR X C     1 
ATOM   951  O  O     . THR A 1 140 ? 17.206  -11.775 -5.814  1.00 44.65 ? 501 THR X O     1 
ATOM   952  C  CB    . THR A 1 140 ? 19.254  -10.552 -4.243  1.00 44.70 ? 501 THR X CB    1 
ATOM   953  O  OG1   . THR A 1 140 ? 19.874  -9.940  -3.103  1.00 46.00 ? 501 THR X OG1   1 
ATOM   954  C  CG2   . THR A 1 140 ? 20.136  -10.378 -5.470  1.00 49.08 ? 501 THR X CG2   1 
ATOM   955  N  N     . GLY A 1 141 ? 16.625  -9.707  -6.518  1.00 50.32 ? 502 GLY X N     1 
ATOM   956  C  CA    . GLY A 1 141 ? 15.970  -10.153 -7.732  1.00 53.35 ? 502 GLY X CA    1 
ATOM   957  C  C     . GLY A 1 141 ? 16.879  -10.869 -8.721  1.00 61.18 ? 502 GLY X C     1 
ATOM   958  O  O     . GLY A 1 141 ? 18.103  -10.957 -8.549  1.00 57.12 ? 502 GLY X O     1 
ATOM   959  N  N     . SER A 1 142 ? 16.253  -11.385 -9.772  1.00 64.20 ? 503 SER X N     1 
ATOM   960  C  CA    . SER A 1 142 ? 16.925  -12.159 -10.807 1.00 67.71 ? 503 SER X CA    1 
ATOM   961  C  C     . SER A 1 142 ? 17.872  -11.306 -11.634 1.00 69.88 ? 503 SER X C     1 
ATOM   962  O  O     . SER A 1 142 ? 18.281  -11.701 -12.724 1.00 75.20 ? 503 SER X O     1 
ATOM   963  C  CB    . SER A 1 142 ? 15.874  -12.775 -11.733 1.00 72.63 ? 503 SER X CB    1 
ATOM   964  O  OG    . SER A 1 142 ? 14.752  -11.912 -11.870 1.00 69.82 ? 503 SER X OG    1 
ATOM   965  N  N     . HIS A 1 143 ? 18.215  -10.137 -11.104 1.00 66.59 ? 504 HIS X N     1 
ATOM   966  C  CA    . HIS A 1 143 ? 18.984  -9.142  -11.832 1.00 61.50 ? 504 HIS X CA    1 
ATOM   967  C  C     . HIS A 1 143 ? 20.088  -8.587  -10.941 1.00 64.09 ? 504 HIS X C     1 
ATOM   968  O  O     . HIS A 1 143 ? 20.838  -7.688  -11.341 1.00 70.17 ? 504 HIS X O     1 
ATOM   969  C  CB    . HIS A 1 143 ? 18.055  -8.014  -12.248 1.00 64.18 ? 504 HIS X CB    1 
ATOM   970  C  CG    . HIS A 1 143 ? 17.076  -7.630  -11.182 1.00 63.97 ? 504 HIS X CG    1 
ATOM   971  N  ND1   . HIS A 1 143 ? 15.715  -7.576  -11.400 1.00 71.57 ? 504 HIS X ND1   1 
ATOM   972  C  CD2   . HIS A 1 143 ? 17.259  -7.310  -9.880  1.00 59.59 ? 504 HIS X CD2   1 
ATOM   973  C  CE1   . HIS A 1 143 ? 15.106  -7.216  -10.283 1.00 68.98 ? 504 HIS X CE1   1 
ATOM   974  N  NE2   . HIS A 1 143 ? 16.021  -7.045  -9.345  1.00 60.68 ? 504 HIS X NE2   1 
ATOM   975  N  N     . GLY A 1 144 ? 20.179  -9.122  -9.729  1.00 55.60 ? 505 GLY X N     1 
ATOM   976  C  CA    . GLY A 1 144 ? 21.179  -8.691  -8.772  1.00 50.57 ? 505 GLY X CA    1 
ATOM   977  C  C     . GLY A 1 144 ? 20.788  -7.449  -7.994  1.00 53.67 ? 505 GLY X C     1 
ATOM   978  O  O     . GLY A 1 144 ? 21.534  -7.005  -7.120  1.00 56.83 ? 505 GLY X O     1 
ATOM   979  N  N     . LYS A 1 145 ? 19.620  -6.892  -8.306  1.00 47.97 ? 506 LYS X N     1 
ATOM   980  C  CA    . LYS A 1 145 ? 19.181  -5.640  -7.696  1.00 46.07 ? 506 LYS X CA    1 
ATOM   981  C  C     . LYS A 1 145 ? 18.201  -5.848  -6.544  1.00 47.33 ? 506 LYS X C     1 
ATOM   982  O  O     . LYS A 1 145 ? 17.418  -6.799  -6.525  1.00 47.40 ? 506 LYS X O     1 
ATOM   983  C  CB    . LYS A 1 145 ? 18.540  -4.720  -8.739  1.00 51.49 ? 506 LYS X CB    1 
ATOM   984  C  CG    . LYS A 1 145 ? 19.403  -4.435  -9.951  1.00 56.43 ? 506 LYS X CG    1 
ATOM   985  C  CD    . LYS A 1 145 ? 20.730  -3.825  -9.548  1.00 56.11 ? 506 LYS X CD    1 
ATOM   986  C  CE    . LYS A 1 145 ? 21.527  -3.394  -10.770 1.00 57.54 ? 506 LYS X CE    1 
ATOM   987  N  NZ    . LYS A 1 145 ? 22.954  -3.199  -10.409 1.00 52.75 ? 506 LYS X NZ    1 
ATOM   988  N  N     . LEU A 1 146 ? 18.232  -4.914  -5.607  1.00 44.24 ? 507 LEU X N     1 
ATOM   989  C  CA    . LEU A 1 146 ? 17.438  -4.983  -4.395  1.00 42.49 ? 507 LEU X CA    1 
ATOM   990  C  C     . LEU A 1 146 ? 15.973  -4.648  -4.630  1.00 42.82 ? 507 LEU X C     1 
ATOM   991  O  O     . LEU A 1 146 ? 15.646  -3.709  -5.353  1.00 43.36 ? 507 LEU X O     1 
ATOM   992  C  CB    . LEU A 1 146 ? 17.997  -4.012  -3.370  1.00 40.27 ? 507 LEU X CB    1 
ATOM   993  C  CG    . LEU A 1 146 ? 17.729  -4.409  -1.928  1.00 49.75 ? 507 LEU X CG    1 
ATOM   994  C  CD1   . LEU A 1 146 ? 18.598  -5.622  -1.578  1.00 52.71 ? 507 LEU X CD1   1 
ATOM   995  C  CD2   . LEU A 1 146 ? 18.018  -3.244  -1.006  1.00 52.38 ? 507 LEU X CD2   1 
ATOM   996  N  N     . VAL A 1 147 ? 15.099  -5.412  -3.986  1.00 40.65 ? 508 VAL X N     1 
ATOM   997  C  CA    . VAL A 1 147 ? 13.662  -5.169  -4.018  1.00 38.24 ? 508 VAL X CA    1 
ATOM   998  C  C     . VAL A 1 147 ? 13.160  -5.273  -2.581  1.00 37.76 ? 508 VAL X C     1 
ATOM   999  O  O     . VAL A 1 147 ? 13.592  -6.157  -1.840  1.00 37.24 ? 508 VAL X O     1 
ATOM   1000 C  CB    . VAL A 1 147 ? 12.962  -6.212  -4.914  1.00 38.94 ? 508 VAL X CB    1 
ATOM   1001 C  CG1   . VAL A 1 147 ? 11.459  -5.963  -5.000  1.00 34.69 ? 508 VAL X CG1   1 
ATOM   1002 C  CG2   . VAL A 1 147 ? 13.586  -6.206  -6.309  1.00 38.65 ? 508 VAL X CG2   1 
ATOM   1003 N  N     . PHE A 1 148 ? 12.290  -4.354  -2.170  1.00 33.40 ? 509 PHE X N     1 
ATOM   1004 C  CA    . PHE A 1 148 ? 11.693  -4.427  -0.836  1.00 33.98 ? 509 PHE X CA    1 
ATOM   1005 C  C     . PHE A 1 148 ? 10.377  -5.196  -0.867  1.00 37.85 ? 509 PHE X C     1 
ATOM   1006 O  O     . PHE A 1 148 ? 9.649   -5.160  -1.868  1.00 33.51 ? 509 PHE X O     1 
ATOM   1007 C  CB    . PHE A 1 148 ? 11.450  -3.033  -0.233  1.00 36.67 ? 509 PHE X CB    1 
ATOM   1008 C  CG    . PHE A 1 148 ? 12.704  -2.218  -0.076  1.00 38.34 ? 509 PHE X CG    1 
ATOM   1009 C  CD1   . PHE A 1 148 ? 13.639  -2.545  0.886   1.00 39.10 ? 509 PHE X CD1   1 
ATOM   1010 C  CD2   . PHE A 1 148 ? 12.960  -1.148  -0.913  1.00 42.64 ? 509 PHE X CD2   1 
ATOM   1011 C  CE1   . PHE A 1 148 ? 14.800  -1.810  1.022   1.00 46.69 ? 509 PHE X CE1   1 
ATOM   1012 C  CE2   . PHE A 1 148 ? 14.126  -0.402  -0.785  1.00 45.07 ? 509 PHE X CE2   1 
ATOM   1013 C  CZ    . PHE A 1 148 ? 15.048  -0.738  0.183   1.00 45.33 ? 509 PHE X CZ    1 
ATOM   1014 N  N     . LYS A 1 149 ? 10.086  -5.878  0.238   1.00 29.89 ? 510 LYS X N     1 
ATOM   1015 C  CA    . LYS A 1 149 ? 8.812   -6.552  0.421   1.00 31.46 ? 510 LYS X CA    1 
ATOM   1016 C  C     . LYS A 1 149 ? 8.260   -6.167  1.774   1.00 30.14 ? 510 LYS X C     1 
ATOM   1017 O  O     . LYS A 1 149 ? 8.952   -6.266  2.784   1.00 30.54 ? 510 LYS X O     1 
ATOM   1018 C  CB    . LYS A 1 149 ? 8.989   -8.061  0.359   1.00 31.51 ? 510 LYS X CB    1 
ATOM   1019 C  CG    . LYS A 1 149 ? 9.439   -8.567  -0.992  1.00 29.49 ? 510 LYS X CG    1 
ATOM   1020 C  CD    . LYS A 1 149 ? 8.341   -8.366  -2.037  1.00 28.06 ? 510 LYS X CD    1 
ATOM   1021 C  CE    . LYS A 1 149 ? 8.864   -8.688  -3.424  1.00 28.72 ? 510 LYS X CE    1 
ATOM   1022 N  NZ    . LYS A 1 149 ? 7.776   -8.950  -4.384  1.00 30.18 ? 510 LYS X NZ    1 
ATOM   1023 N  N     . PHE A 1 150 ? 7.008   -5.725  1.788   1.00 26.58 ? 511 PHE X N     1 
ATOM   1024 C  CA    . PHE A 1 150 ? 6.343   -5.390  3.028   1.00 30.42 ? 511 PHE X CA    1 
ATOM   1025 C  C     . PHE A 1 150 ? 5.214   -6.373  3.322   1.00 30.80 ? 511 PHE X C     1 
ATOM   1026 O  O     . PHE A 1 150 ? 4.348   -6.604  2.482   1.00 31.35 ? 511 PHE X O     1 
ATOM   1027 C  CB    . PHE A 1 150 ? 5.809   -3.966  2.943   1.00 31.09 ? 511 PHE X CB    1 
ATOM   1028 C  CG    . PHE A 1 150 ? 6.879   -2.941  2.669   1.00 33.64 ? 511 PHE X CG    1 
ATOM   1029 C  CD1   . PHE A 1 150 ? 7.523   -2.297  3.710   1.00 33.96 ? 511 PHE X CD1   1 
ATOM   1030 C  CD2   . PHE A 1 150 ? 7.247   -2.633  1.368   1.00 33.32 ? 511 PHE X CD2   1 
ATOM   1031 C  CE1   . PHE A 1 150 ? 8.509   -1.348  3.463   1.00 33.85 ? 511 PHE X CE1   1 
ATOM   1032 C  CE2   . PHE A 1 150 ? 8.224   -1.694  1.117   1.00 33.48 ? 511 PHE X CE2   1 
ATOM   1033 C  CZ    . PHE A 1 150 ? 8.857   -1.051  2.168   1.00 33.51 ? 511 PHE X CZ    1 
ATOM   1034 N  N     . LYS A 1 151 ? 5.231   -6.956  4.514   1.00 33.03 ? 512 LYS X N     1 
ATOM   1035 C  CA    . LYS A 1 151 ? 4.147   -7.834  4.945   1.00 33.03 ? 512 LYS X CA    1 
ATOM   1036 C  C     . LYS A 1 151 ? 3.081   -7.060  5.711   1.00 34.40 ? 512 LYS X C     1 
ATOM   1037 O  O     . LYS A 1 151 ? 3.362   -6.451  6.745   1.00 33.44 ? 512 LYS X O     1 
ATOM   1038 C  CB    . LYS A 1 151 ? 4.704   -8.962  5.804   1.00 33.40 ? 512 LYS X CB    1 
ATOM   1039 C  CG    . LYS A 1 151 ? 3.653   -9.875  6.398   1.00 34.99 ? 512 LYS X CG    1 
ATOM   1040 C  CD    . LYS A 1 151 ? 4.336   -11.017 7.106   1.00 35.65 ? 512 LYS X CD    1 
ATOM   1041 C  CE    . LYS A 1 151 ? 3.660   -11.351 8.410   1.00 40.75 ? 512 LYS X CE    1 
ATOM   1042 N  NZ    . LYS A 1 151 ? 4.618   -12.101 9.268   1.00 44.28 ? 512 LYS X NZ    1 
ATOM   1043 N  N     . LEU A 1 152 ? 1.860   -7.060  5.185   1.00 30.00 ? 513 LEU X N     1 
ATOM   1044 C  CA    . LEU A 1 152 ? 0.774   -6.335  5.819   1.00 33.06 ? 513 LEU X CA    1 
ATOM   1045 C  C     . LEU A 1 152 ? -0.290  -7.327  6.273   1.00 36.89 ? 513 LEU X C     1 
ATOM   1046 O  O     . LEU A 1 152 ? -0.535  -8.332  5.595   1.00 33.31 ? 513 LEU X O     1 
ATOM   1047 C  CB    . LEU A 1 152 ? 0.162   -5.295  4.878   1.00 30.86 ? 513 LEU X CB    1 
ATOM   1048 C  CG    . LEU A 1 152 ? 0.923   -3.983  4.635   1.00 33.22 ? 513 LEU X CG    1 
ATOM   1049 C  CD1   . LEU A 1 152 ? 1.932   -4.157  3.529   1.00 27.18 ? 513 LEU X CD1   1 
ATOM   1050 C  CD2   . LEU A 1 152 ? -0.058  -2.880  4.263   1.00 33.21 ? 513 LEU X CD2   1 
ATOM   1051 N  N     . ARG A 1 153 ? -0.907  -7.045  7.422   1.00 32.14 ? 514 ARG X N     1 
ATOM   1052 C  CA    . ARG A 1 153 ? -1.953  -7.919  7.957   1.00 32.69 ? 514 ARG X CA    1 
ATOM   1053 C  C     . ARG A 1 153 ? -3.225  -7.127  8.234   1.00 31.74 ? 514 ARG X C     1 
ATOM   1054 O  O     . ARG A 1 153 ? -3.193  -6.098  8.904   1.00 34.39 ? 514 ARG X O     1 
ATOM   1055 C  CB    . ARG A 1 153 ? -1.480  -8.655  9.225   1.00 33.14 ? 514 ARG X CB    1 
ATOM   1056 C  CG    . ARG A 1 153 ? -2.463  -9.759  9.690   1.00 36.62 ? 514 ARG X CG    1 
ATOM   1057 C  CD    . ARG A 1 153 ? -2.045  -10.444 11.001  1.00 31.69 ? 514 ARG X CD    1 
ATOM   1058 N  NE    . ARG A 1 153 ? -0.834  -11.255 10.877  1.00 31.85 ? 514 ARG X NE    1 
ATOM   1059 C  CZ    . ARG A 1 153 ? -0.806  -12.532 10.511  1.00 28.06 ? 514 ARG X CZ    1 
ATOM   1060 N  NH1   . ARG A 1 153 ? -1.926  -13.175 10.203  1.00 27.35 ? 514 ARG X NH1   1 
ATOM   1061 N  NH2   . ARG A 1 153 ? 0.351   -13.166 10.450  1.00 34.87 ? 514 ARG X NH2   1 
ATOM   1062 N  N     . ARG A 1 154 ? -4.346  -7.594  7.698   1.00 29.34 ? 515 ARG X N     1 
ATOM   1063 C  CA    . ARG A 1 154 ? -5.611  -6.901  7.866   1.00 30.74 ? 515 ARG X CA    1 
ATOM   1064 C  C     . ARG A 1 154 ? -6.031  -6.929  9.331   1.00 35.26 ? 515 ARG X C     1 
ATOM   1065 O  O     . ARG A 1 154 ? -5.895  -7.947  9.998   1.00 36.42 ? 515 ARG X O     1 
ATOM   1066 C  CB    . ARG A 1 154 ? -6.677  -7.566  7.013   1.00 33.13 ? 515 ARG X CB    1 
ATOM   1067 C  CG    . ARG A 1 154 ? -7.886  -6.706  6.695   1.00 33.86 ? 515 ARG X CG    1 
ATOM   1068 C  CD    . ARG A 1 154 ? -8.830  -7.485  5.827   1.00 30.67 ? 515 ARG X CD    1 
ATOM   1069 N  NE    . ARG A 1 154 ? -9.808  -6.658  5.135   1.00 36.52 ? 515 ARG X NE    1 
ATOM   1070 C  CZ    . ARG A 1 154 ? -11.121 -6.781  5.293   1.00 42.24 ? 515 ARG X CZ    1 
ATOM   1071 N  NH1   . ARG A 1 154 ? -11.603 -7.695  6.124   1.00 43.72 ? 515 ARG X NH1   1 
ATOM   1072 N  NH2   . ARG A 1 154 ? -11.953 -6.000  4.617   1.00 36.51 ? 515 ARG X NH2   1 
ATOM   1073 N  N     . ILE A 1 155 ? -6.530  -5.803  9.830   1.00 40.06 ? 516 ILE X N     1 
ATOM   1074 C  CA    . ILE A 1 155 ? -6.998  -5.708  11.214  1.00 38.09 ? 516 ILE X CA    1 
ATOM   1075 C  C     . ILE A 1 155 ? -8.302  -6.497  11.365  1.00 35.13 ? 516 ILE X C     1 
ATOM   1076 O  O     . ILE A 1 155 ? -9.232  -6.323  10.576  1.00 35.86 ? 516 ILE X O     1 
ATOM   1077 C  CB    . ILE A 1 155 ? -7.196  -4.225  11.627  1.00 40.42 ? 516 ILE X CB    1 
ATOM   1078 C  CG1   . ILE A 1 155 ? -5.869  -3.470  11.542  1.00 35.15 ? 516 ILE X CG1   1 
ATOM   1079 C  CG2   . ILE A 1 155 ? -7.772  -4.109  13.032  1.00 42.76 ? 516 ILE X CG2   1 
ATOM   1080 C  CD1   . ILE A 1 155 ? -5.977  -2.022  11.905  1.00 37.73 ? 516 ILE X CD1   1 
ATOM   1081 N  N     . PRO A 1 156 ? -8.367  -7.387  12.365  1.00 39.01 ? 517 PRO X N     1 
ATOM   1082 C  CA    . PRO A 1 156 ? -9.586  -8.186  12.567  1.00 40.72 ? 517 PRO X CA    1 
ATOM   1083 C  C     . PRO A 1 156 ? -10.817 -7.307  12.771  1.00 40.29 ? 517 PRO X C     1 
ATOM   1084 O  O     . PRO A 1 156 ? -10.696 -6.153  13.186  1.00 44.97 ? 517 PRO X O     1 
ATOM   1085 C  CB    . PRO A 1 156 ? -9.285  -8.967  13.851  1.00 43.71 ? 517 PRO X CB    1 
ATOM   1086 C  CG    . PRO A 1 156 ? -7.792  -9.006  13.936  1.00 40.81 ? 517 PRO X CG    1 
ATOM   1087 C  CD    . PRO A 1 156 ? -7.315  -7.714  13.346  1.00 41.55 ? 517 PRO X CD    1 
ATOM   1088 N  N     . GLY A 1 157 ? -11.993 -7.838  12.467  1.00 43.40 ? 518 GLY X N     1 
ATOM   1089 C  CA    . GLY A 1 157 ? -13.223 -7.139  12.786  1.00 45.01 ? 518 GLY X CA    1 
ATOM   1090 C  C     . GLY A 1 157 ? -13.816 -6.331  11.651  1.00 46.77 ? 518 GLY X C     1 
ATOM   1091 O  O     . GLY A 1 157 ? -14.783 -5.601  11.841  1.00 49.57 ? 518 GLY X O     1 
ATOM   1092 N  N     . GLN A 1 158 ? -13.244 -6.458  10.461  1.00 46.56 ? 519 GLN X N     1 
ATOM   1093 C  CA    . GLN A 1 158 ? -13.736 -5.701  9.324   1.00 47.79 ? 519 GLN X CA    1 
ATOM   1094 C  C     . GLN A 1 158 ? -14.548 -6.613  8.439   1.00 46.05 ? 519 GLN X C     1 
ATOM   1095 O  O     . GLN A 1 158 ? -14.310 -7.819  8.417   1.00 49.95 ? 519 GLN X O     1 
ATOM   1096 C  CB    . GLN A 1 158 ? -12.570 -5.095  8.542   1.00 44.59 ? 519 GLN X CB    1 
ATOM   1097 C  CG    . GLN A 1 158 ? -11.639 -4.274  9.410   1.00 43.09 ? 519 GLN X CG    1 
ATOM   1098 C  CD    . GLN A 1 158 ? -10.542 -3.599  8.606   1.00 41.99 ? 519 GLN X CD    1 
ATOM   1099 O  OE1   . GLN A 1 158 ? -10.782 -2.608  7.919   1.00 37.80 ? 519 GLN X OE1   1 
ATOM   1100 N  NE2   . GLN A 1 158 ? -9.331  -4.131  8.696   1.00 40.05 ? 519 GLN X NE2   1 
ATOM   1101 N  N     . PRO A 1 159 ? -15.514 -6.041  7.710   1.00 44.47 ? 520 PRO X N     1 
ATOM   1102 C  CA    . PRO A 1 159 ? -16.344 -6.830  6.795   1.00 51.26 ? 520 PRO X CA    1 
ATOM   1103 C  C     . PRO A 1 159 ? -15.449 -7.605  5.836   1.00 50.69 ? 520 PRO X C     1 
ATOM   1104 O  O     . PRO A 1 159 ? -14.366 -7.135  5.509   1.00 45.71 ? 520 PRO X O     1 
ATOM   1105 C  CB    . PRO A 1 159 ? -17.148 -5.765  6.041   1.00 43.98 ? 520 PRO X CB    1 
ATOM   1106 C  CG    . PRO A 1 159 ? -17.176 -4.595  6.955   1.00 45.22 ? 520 PRO X CG    1 
ATOM   1107 C  CD    . PRO A 1 159 ? -15.871 -4.613  7.701   1.00 45.71 ? 520 PRO X CD    1 
ATOM   1108 N  N     . GLU A 1 160 ? -15.886 -8.785  5.415   1.00 54.02 ? 521 GLU X N     1 
ATOM   1109 C  CA    . GLU A 1 160 ? -15.080 -9.604  4.524   1.00 57.08 ? 521 GLU X CA    1 
ATOM   1110 C  C     . GLU A 1 160 ? -15.357 -9.226  3.077   1.00 67.07 ? 521 GLU X C     1 
ATOM   1111 O  O     . GLU A 1 160 ? -16.428 -8.703  2.758   1.00 72.30 ? 521 GLU X O     1 
ATOM   1112 C  CB    . GLU A 1 160 ? -15.375 -11.088 4.752   1.00 65.91 ? 521 GLU X CB    1 
ATOM   1113 C  CG    . GLU A 1 160 ? -16.855 -11.449 4.672   1.00 73.79 ? 521 GLU X CG    1 
ATOM   1114 C  CD    . GLU A 1 160 ? -17.144 -12.863 5.161   1.00 82.67 ? 521 GLU X CD    1 
ATOM   1115 O  OE1   . GLU A 1 160 ? -16.237 -13.720 5.091   1.00 85.65 ? 521 GLU X OE1   1 
ATOM   1116 O  OE2   . GLU A 1 160 ? -18.282 -13.117 5.615   1.00 83.40 ? 521 GLU X OE2   1 
ATOM   1117 N  N     . LEU A 1 161 ? -14.392 -9.480  2.201   1.00 67.19 ? 522 LEU X N     1 
ATOM   1118 C  CA    . LEU A 1 161 ? -14.593 -9.254  0.775   1.00 67.39 ? 522 LEU X CA    1 
ATOM   1119 C  C     . LEU A 1 161 ? -14.567 -10.563 -0.004  1.00 69.33 ? 522 LEU X C     1 
ATOM   1120 O  O     . LEU A 1 161 ? -13.750 -11.437 0.281   1.00 73.39 ? 522 LEU X O     1 
ATOM   1121 C  CB    . LEU A 1 161 ? -13.560 -8.267  0.230   1.00 62.94 ? 522 LEU X CB    1 
ATOM   1122 C  CG    . LEU A 1 161 ? -14.007 -6.806  0.297   1.00 60.54 ? 522 LEU X CG    1 
ATOM   1123 C  CD1   . LEU A 1 161 ? -12.841 -5.895  0.576   1.00 54.02 ? 522 LEU X CD1   1 
ATOM   1124 C  CD2   . LEU A 1 161 ? -14.725 -6.391  -0.982  1.00 56.96 ? 522 LEU X CD2   1 
ATOM   1125 N  N     . PRO A 1 162 ? -15.481 -10.705 -0.977  1.00 73.73 ? 523 PRO X N     1 
ATOM   1126 C  CA    . PRO A 1 162 ? -15.624 -11.899 -1.823  1.00 76.45 ? 523 PRO X CA    1 
ATOM   1127 C  C     . PRO A 1 162 ? -14.619 -11.932 -2.968  1.00 76.82 ? 523 PRO X C     1 
ATOM   1128 O  O     . PRO A 1 162 ? -14.403 -10.912 -3.622  1.00 80.65 ? 523 PRO X O     1 
ATOM   1129 C  CB    . PRO A 1 162 ? -17.043 -11.755 -2.402  1.00 79.82 ? 523 PRO X CB    1 
ATOM   1130 C  CG    . PRO A 1 162 ? -17.687 -10.606 -1.651  1.00 74.84 ? 523 PRO X CG    1 
ATOM   1131 C  CD    . PRO A 1 162 ? -16.556 -9.732  -1.225  1.00 74.03 ? 523 PRO X CD    1 
ATOM   1132 N  N     . TRP A 1 163 ? -14.017 -13.092 -3.208  1.00 81.18 ? 524 TRP X N     1 
ATOM   1133 C  CA    . TRP A 1 163 ? -13.096 -13.261 -4.329  1.00 86.45 ? 524 TRP X CA    1 
ATOM   1134 C  C     . TRP A 1 163 ? -12.817 -14.739 -4.597  1.00 87.86 ? 524 TRP X C     1 
ATOM   1135 O  O     . TRP A 1 163 ? -13.631 -15.605 -4.269  1.00 87.46 ? 524 TRP X O     1 
ATOM   1136 C  CB    . TRP A 1 163 ? -11.794 -12.501 -4.078  1.00 80.39 ? 524 TRP X CB    1 
ATOM   1137 O  "O5'" . DA  B 2 1   ? 14.285  21.559  -14.987 1.00 61.47 ? 1   DA  A "O5'" 1 
ATOM   1138 C  "C5'" . DA  B 2 1   ? 13.618  21.134  -13.799 1.00 52.78 ? 1   DA  A "C5'" 1 
ATOM   1139 C  "C4'" . DA  B 2 1   ? 14.320  19.931  -13.196 1.00 55.95 ? 1   DA  A "C4'" 1 
ATOM   1140 O  "O4'" . DA  B 2 1   ? 13.697  19.591  -11.931 1.00 57.14 ? 1   DA  A "O4'" 1 
ATOM   1141 C  "C3'" . DA  B 2 1   ? 14.201  18.663  -14.025 1.00 60.84 ? 1   DA  A "C3'" 1 
ATOM   1142 O  "O3'" . DA  B 2 1   ? 15.213  17.714  -13.656 1.00 65.46 ? 1   DA  A "O3'" 1 
ATOM   1143 C  "C2'" . DA  B 2 1   ? 12.803  18.193  -13.627 1.00 54.48 ? 1   DA  A "C2'" 1 
ATOM   1144 C  "C1'" . DA  B 2 1   ? 12.733  18.569  -12.142 1.00 53.62 ? 1   DA  A "C1'" 1 
ATOM   1145 N  N9    . DA  B 2 1   ? 11.398  19.025  -11.732 1.00 46.96 ? 1   DA  A N9    1 
ATOM   1146 C  C8    . DA  B 2 1   ? 10.594  19.920  -12.386 1.00 46.23 ? 1   DA  A C8    1 
ATOM   1147 N  N7    . DA  B 2 1   ? 9.441   20.135  -11.787 1.00 46.88 ? 1   DA  A N7    1 
ATOM   1148 C  C5    . DA  B 2 1   ? 9.492   19.322  -10.661 1.00 41.06 ? 1   DA  A C5    1 
ATOM   1149 C  C6    . DA  B 2 1   ? 8.578   19.088  -9.619  1.00 40.34 ? 1   DA  A C6    1 
ATOM   1150 N  N6    . DA  B 2 1   ? 7.383   19.684  -9.533  1.00 42.09 ? 1   DA  A N6    1 
ATOM   1151 N  N1    . DA  B 2 1   ? 8.939   18.221  -8.656  1.00 41.51 ? 1   DA  A N1    1 
ATOM   1152 C  C2    . DA  B 2 1   ? 10.135  17.631  -8.739  1.00 39.74 ? 1   DA  A C2    1 
ATOM   1153 N  N3    . DA  B 2 1   ? 11.072  17.764  -9.669  1.00 44.76 ? 1   DA  A N3    1 
ATOM   1154 C  C4    . DA  B 2 1   ? 10.684  18.630  -10.616 1.00 41.47 ? 1   DA  A C4    1 
ATOM   1155 P  P     . DC  B 2 2   ? 15.279  16.318  -14.440 1.00 70.70 ? 2   DC  A P     1 
ATOM   1156 O  OP1   . DC  B 2 2   ? 16.630  15.718  -14.302 1.00 62.06 ? 2   DC  A OP1   1 
ATOM   1157 O  OP2   . DC  B 2 2   ? 14.666  16.557  -15.767 1.00 51.50 ? 2   DC  A OP2   1 
ATOM   1158 O  "O5'" . DC  B 2 2   ? 14.301  15.401  -13.574 1.00 63.47 ? 2   DC  A "O5'" 1 
ATOM   1159 C  "C5'" . DC  B 2 2   ? 14.673  15.091  -12.239 1.00 64.77 ? 2   DC  A "C5'" 1 
ATOM   1160 C  "C4'" . DC  B 2 2   ? 13.564  14.257  -11.650 1.00 62.22 ? 2   DC  A "C4'" 1 
ATOM   1161 O  "O4'" . DC  B 2 2   ? 12.399  15.085  -11.377 1.00 57.97 ? 2   DC  A "O4'" 1 
ATOM   1162 C  "C3'" . DC  B 2 2   ? 13.112  13.171  -12.620 1.00 59.21 ? 2   DC  A "C3'" 1 
ATOM   1163 O  "O3'" . DC  B 2 2   ? 13.244  11.936  -11.947 1.00 63.73 ? 2   DC  A "O3'" 1 
ATOM   1164 C  "C2'" . DC  B 2 2   ? 11.665  13.538  -12.951 1.00 55.84 ? 2   DC  A "C2'" 1 
ATOM   1165 C  "C1'" . DC  B 2 2   ? 11.259  14.317  -11.700 1.00 53.10 ? 2   DC  A "C1'" 1 
ATOM   1166 N  N1    . DC  B 2 2   ? 10.048  15.182  -11.886 1.00 43.53 ? 2   DC  A N1    1 
ATOM   1167 C  C2    . DC  B 2 2   ? 9.063   15.163  -10.897 1.00 43.52 ? 2   DC  A C2    1 
ATOM   1168 O  O2    . DC  B 2 2   ? 9.233   14.453  -9.893  1.00 45.61 ? 2   DC  A O2    1 
ATOM   1169 N  N3    . DC  B 2 2   ? 7.958   15.932  -11.057 1.00 40.55 ? 2   DC  A N3    1 
ATOM   1170 C  C4    . DC  B 2 2   ? 7.824   16.678  -12.150 1.00 40.96 ? 2   DC  A C4    1 
ATOM   1171 N  N4    . DC  B 2 2   ? 6.716   17.407  -12.252 1.00 40.43 ? 2   DC  A N4    1 
ATOM   1172 C  C5    . DC  B 2 2   ? 8.815   16.701  -13.180 1.00 41.98 ? 2   DC  A C5    1 
ATOM   1173 C  C6    . DC  B 2 2   ? 9.898   15.941  -13.006 1.00 40.35 ? 2   DC  A C6    1 
ATOM   1174 P  P     . DT  B 2 3   ? 13.005  10.537  -12.688 1.00 73.18 ? 3   DT  A P     1 
ATOM   1175 O  OP1   . DT  B 2 3   ? 14.268  9.770   -12.575 1.00 73.00 ? 3   DT  A OP1   1 
ATOM   1176 O  OP2   . DT  B 2 3   ? 12.363  10.781  -14.007 1.00 63.30 ? 3   DT  A OP2   1 
ATOM   1177 O  "O5'" . DT  B 2 3   ? 11.933  9.863   -11.717 1.00 57.56 ? 3   DT  A "O5'" 1 
ATOM   1178 C  "C5'" . DT  B 2 3   ? 12.207  9.860   -10.316 1.00 55.46 ? 3   DT  A "C5'" 1 
ATOM   1179 C  "C4'" . DT  B 2 3   ? 10.927  9.662   -9.521  1.00 58.66 ? 3   DT  A "C4'" 1 
ATOM   1180 O  "O4'" . DT  B 2 3   ? 9.967   10.720  -9.824  1.00 55.91 ? 3   DT  A "O4'" 1 
ATOM   1181 C  "C3'" . DT  B 2 3   ? 10.211  8.333   -9.783  1.00 52.06 ? 3   DT  A "C3'" 1 
ATOM   1182 O  "O3'" . DT  B 2 3   ? 9.790   7.799   -8.506  1.00 58.70 ? 3   DT  A "O3'" 1 
ATOM   1183 C  "C2'" . DT  B 2 3   ? 9.068   8.761   -10.714 1.00 53.43 ? 3   DT  A "C2'" 1 
ATOM   1184 C  "C1'" . DT  B 2 3   ? 8.711   10.133  -10.126 1.00 49.76 ? 3   DT  A "C1'" 1 
ATOM   1185 N  N1    . DT  B 2 3   ? 7.955   11.117  -10.981 1.00 42.19 ? 3   DT  A N1    1 
ATOM   1186 C  C2    . DT  B 2 3   ? 6.792   11.657  -10.476 1.00 40.42 ? 3   DT  A C2    1 
ATOM   1187 O  O2    . DT  B 2 3   ? 6.354   11.357  -9.385  1.00 41.76 ? 3   DT  A O2    1 
ATOM   1188 N  N3    . DT  B 2 3   ? 6.154   12.567  -11.282 1.00 38.00 ? 3   DT  A N3    1 
ATOM   1189 C  C4    . DT  B 2 3   ? 6.572   12.986  -12.526 1.00 38.56 ? 3   DT  A C4    1 
ATOM   1190 O  O4    . DT  B 2 3   ? 5.939   13.805  -13.186 1.00 40.57 ? 3   DT  A O4    1 
ATOM   1191 C  C5    . DT  B 2 3   ? 7.790   12.386  -13.001 1.00 39.37 ? 3   DT  A C5    1 
ATOM   1192 C  C7    . DT  B 2 3   ? 8.309   12.770  -14.358 1.00 44.02 ? 3   DT  A C7    1 
ATOM   1193 C  C6    . DT  B 2 3   ? 8.423   11.500  -12.220 1.00 41.01 ? 3   DT  A C6    1 
ATOM   1194 P  P     . DA  B 2 4   ? 9.675   6.224   -8.184  1.00 60.49 ? 4   DA  A P     1 
ATOM   1195 O  OP1   . DA  B 2 4   ? 10.191  5.933   -6.825  1.00 48.09 ? 4   DA  A OP1   1 
ATOM   1196 O  OP2   . DA  B 2 4   ? 10.166  5.470   -9.369  1.00 45.93 ? 4   DA  A OP2   1 
ATOM   1197 O  "O5'" . DA  B 2 4   ? 8.099   6.081   -8.143  1.00 49.38 ? 4   DA  A "O5'" 1 
ATOM   1198 C  "C5'" . DA  B 2 4   ? 7.490   6.282   -9.379  1.00 47.32 ? 4   DA  A "C5'" 1 
ATOM   1199 C  "C4'" . DA  B 2 4   ? 6.018   6.504   -9.199  1.00 41.03 ? 4   DA  A "C4'" 1 
ATOM   1200 O  "O4'" . DA  B 2 4   ? 5.716   7.769   -9.837  1.00 35.47 ? 4   DA  A "O4'" 1 
ATOM   1201 C  "C3'" . DA  B 2 4   ? 5.251   5.403   -9.911  1.00 34.32 ? 4   DA  A "C3'" 1 
ATOM   1202 O  "O3'" . DA  B 2 4   ? 4.284   4.813   -9.045  1.00 38.30 ? 4   DA  A "O3'" 1 
ATOM   1203 C  "C2'" . DA  B 2 4   ? 4.637   6.115   -11.123 1.00 33.82 ? 4   DA  A "C2'" 1 
ATOM   1204 C  "C1'" . DA  B 2 4   ? 4.611   7.580   -10.693 1.00 37.63 ? 4   DA  A "C1'" 1 
ATOM   1205 N  N9    . DA  B 2 4   ? 4.732   8.496   -11.825 1.00 39.79 ? 4   DA  A N9    1 
ATOM   1206 C  C8    . DA  B 2 4   ? 5.634   8.417   -12.844 1.00 37.53 ? 4   DA  A C8    1 
ATOM   1207 N  N7    . DA  B 2 4   ? 5.508   9.373   -13.722 1.00 37.51 ? 4   DA  A N7    1 
ATOM   1208 C  C5    . DA  B 2 4   ? 4.457   10.134  -13.246 1.00 38.16 ? 4   DA  A C5    1 
ATOM   1209 C  C6    . DA  B 2 4   ? 3.827   11.294  -13.735 1.00 36.87 ? 4   DA  A C6    1 
ATOM   1210 N  N6    . DA  B 2 4   ? 4.196   11.917  -14.866 1.00 37.36 ? 4   DA  A N6    1 
ATOM   1211 N  N1    . DA  B 2 4   ? 2.795   11.784  -13.022 1.00 34.64 ? 4   DA  A N1    1 
ATOM   1212 C  C2    . DA  B 2 4   ? 2.427   11.172  -11.889 1.00 36.42 ? 4   DA  A C2    1 
ATOM   1213 N  N3    . DA  B 2 4   ? 2.946   10.078  -11.334 1.00 35.66 ? 4   DA  A N3    1 
ATOM   1214 C  C4    . DA  B 2 4   ? 3.963   9.605   -12.074 1.00 35.05 ? 4   DA  A C4    1 
HETATM 1215 N  N1    . 5CM B 2 5   ? 1.601   -0.677  -7.904  1.00 31.51 ? 5   5CM A N1    1 
HETATM 1216 C  C2    . 5CM B 2 5   ? 1.083   -2.032  -7.422  1.00 26.52 ? 5   5CM A C2    1 
HETATM 1217 N  N3    . 5CM B 2 5   ? 1.871   -2.823  -6.361  1.00 32.92 ? 5   5CM A N3    1 
HETATM 1218 C  C4    . 5CM B 2 5   ? 3.042   -2.184  -5.670  1.00 28.63 ? 5   5CM A C4    1 
HETATM 1219 C  C5    . 5CM B 2 5   ? 3.477   -0.724  -6.045  1.00 32.32 ? 5   5CM A C5    1 
HETATM 1220 C  C5A   . 5CM B 2 5   ? 4.627   -0.017  -5.326  1.00 27.28 ? 5   5CM A C5A   1 
HETATM 1221 C  C6    . 5CM B 2 5   ? 2.762   0.007   -7.200  1.00 29.38 ? 5   5CM A C6    1 
HETATM 1222 O  O2    . 5CM B 2 5   ? 0.120   -2.666  -8.186  1.00 34.05 ? 5   5CM A O2    1 
HETATM 1223 N  N4    . 5CM B 2 5   ? 3.714   -2.938  -4.629  1.00 31.17 ? 5   5CM A N4    1 
HETATM 1224 C  "C1'" . 5CM B 2 5   ? 0.945   -0.082  -9.072  1.00 31.85 ? 5   5CM A "C1'" 1 
HETATM 1225 C  "C2'" . 5CM B 2 5   ? 0.221   1.240   -8.796  1.00 33.17 ? 5   5CM A "C2'" 1 
HETATM 1226 C  "C3'" . 5CM B 2 5   ? 0.319   1.933   -10.138 1.00 33.30 ? 5   5CM A "C3'" 1 
HETATM 1227 C  "C4'" . 5CM B 2 5   ? 1.683   1.475   -10.675 1.00 32.53 ? 5   5CM A "C4'" 1 
HETATM 1228 O  "O4'" . 5CM B 2 5   ? 1.999   0.196   -10.032 1.00 34.40 ? 5   5CM A "O4'" 1 
HETATM 1229 O  "O3'" . 5CM B 2 5   ? -0.670  1.371   -10.996 1.00 36.31 ? 5   5CM A "O3'" 1 
HETATM 1230 C  "C5'" . 5CM B 2 5   ? 2.824   2.466   -10.442 1.00 32.46 ? 5   5CM A "C5'" 1 
HETATM 1231 O  "O5'" . 5CM B 2 5   ? 3.107   2.508   -9.074  1.00 33.51 ? 5   5CM A "O5'" 1 
HETATM 1232 P  P     . 5CM B 2 5   ? 4.456   3.296   -8.528  1.00 30.60 ? 5   5CM A P     1 
HETATM 1233 O  OP1   . 5CM B 2 5   ? 4.446   3.309   -6.885  1.00 33.73 ? 5   5CM A OP1   1 
HETATM 1234 O  OP2   . 5CM B 2 5   ? 5.691   2.723   -9.042  1.00 28.47 ? 5   5CM A OP2   1 
ATOM   1235 P  P     . DG  B 2 6   ? -2.212  1.825   -11.110 1.00 45.43 ? 6   DG  A P     1 
ATOM   1236 O  OP1   . DG  B 2 6   ? -2.939  1.651   -9.833  1.00 36.99 ? 6   DG  A OP1   1 
ATOM   1237 O  OP2   . DG  B 2 6   ? -2.772  1.185   -12.331 1.00 45.22 ? 6   DG  A OP2   1 
ATOM   1238 O  "O5'" . DG  B 2 6   ? -2.038  3.406   -11.330 1.00 44.75 ? 6   DG  A "O5'" 1 
ATOM   1239 C  "C5'" . DG  B 2 6   ? -1.697  3.976   -12.574 1.00 37.61 ? 6   DG  A "C5'" 1 
ATOM   1240 C  "C4'" . DG  B 2 6   ? -2.752  5.044   -12.812 1.00 36.81 ? 6   DG  A "C4'" 1 
ATOM   1241 O  "O4'" . DG  B 2 6   ? -2.217  6.135   -13.599 1.00 37.90 ? 6   DG  A "O4'" 1 
ATOM   1242 C  "C3'" . DG  B 2 6   ? -3.935  4.551   -13.611 1.00 37.22 ? 6   DG  A "C3'" 1 
ATOM   1243 O  "O3'" . DG  B 2 6   ? -5.016  5.416   -13.367 1.00 38.62 ? 6   DG  A "O3'" 1 
ATOM   1244 C  "C2'" . DG  B 2 6   ? -3.382  4.713   -15.026 1.00 38.53 ? 6   DG  A "C2'" 1 
ATOM   1245 C  "C1'" . DG  B 2 6   ? -2.743  6.089   -14.911 1.00 35.14 ? 6   DG  A "C1'" 1 
ATOM   1246 N  N9    . DG  B 2 6   ? -1.642  6.344   -15.840 1.00 35.55 ? 6   DG  A N9    1 
ATOM   1247 C  C8    . DG  B 2 6   ? -0.392  5.770   -15.833 1.00 36.08 ? 6   DG  A C8    1 
ATOM   1248 N  N7    . DG  B 2 6   ? 0.396   6.201   -16.790 1.00 34.91 ? 6   DG  A N7    1 
ATOM   1249 C  C5    . DG  B 2 6   ? -0.385  7.132   -17.469 1.00 36.27 ? 6   DG  A C5    1 
ATOM   1250 C  C6    . DG  B 2 6   ? -0.081  7.942   -18.590 1.00 31.27 ? 6   DG  A C6    1 
ATOM   1251 O  O6    . DG  B 2 6   ? 0.964   8.004   -19.245 1.00 35.58 ? 6   DG  A O6    1 
ATOM   1252 N  N1    . DG  B 2 6   ? -1.152  8.738   -18.953 1.00 31.79 ? 6   DG  A N1    1 
ATOM   1253 C  C2    . DG  B 2 6   ? -2.368  8.764   -18.321 1.00 36.32 ? 6   DG  A C2    1 
ATOM   1254 N  N2    . DG  B 2 6   ? -3.290  9.604   -18.824 1.00 35.87 ? 6   DG  A N2    1 
ATOM   1255 N  N3    . DG  B 2 6   ? -2.663  8.021   -17.262 1.00 35.27 ? 6   DG  A N3    1 
ATOM   1256 C  C4    . DG  B 2 6   ? -1.631  7.235   -16.890 1.00 33.18 ? 6   DG  A C4    1 
ATOM   1257 P  P     . DT  B 2 7   ? -6.529  4.890   -13.377 1.00 40.99 ? 7   DT  A P     1 
ATOM   1258 O  OP1   . DT  B 2 7   ? -7.271  5.658   -12.362 1.00 47.68 ? 7   DT  A OP1   1 
ATOM   1259 O  OP2   . DT  B 2 7   ? -6.584  3.408   -13.377 1.00 40.90 ? 7   DT  A OP2   1 
ATOM   1260 O  "O5'" . DT  B 2 7   ? -7.011  5.412   -14.784 1.00 42.18 ? 7   DT  A "O5'" 1 
ATOM   1261 C  "C5'" . DT  B 2 7   ? -6.628  4.752   -15.931 1.00 41.89 ? 7   DT  A "C5'" 1 
ATOM   1262 C  "C4'" . DT  B 2 7   ? -7.151  5.583   -17.075 1.00 42.32 ? 7   DT  A "C4'" 1 
ATOM   1263 O  "O4'" . DT  B 2 7   ? -6.046  6.287   -17.676 1.00 35.51 ? 7   DT  A "O4'" 1 
ATOM   1264 C  "C3'" . DT  B 2 7   ? -7.766  4.695   -18.132 1.00 38.84 ? 7   DT  A "C3'" 1 
ATOM   1265 O  "O3'" . DT  B 2 7   ? -9.031  5.188   -18.441 1.00 47.73 ? 7   DT  A "O3'" 1 
ATOM   1266 C  "C2'" . DT  B 2 7   ? -6.859  4.784   -19.346 1.00 36.71 ? 7   DT  A "C2'" 1 
ATOM   1267 C  "C1'" . DT  B 2 7   ? -6.008  6.009   -19.056 1.00 36.81 ? 7   DT  A "C1'" 1 
ATOM   1268 N  N1    . DT  B 2 7   ? -4.621  5.759   -19.472 1.00 34.90 ? 7   DT  A N1    1 
ATOM   1269 C  C2    . DT  B 2 7   ? -4.171  6.474   -20.547 1.00 32.02 ? 7   DT  A C2    1 
ATOM   1270 O  O2    . DT  B 2 7   ? -4.875  7.284   -21.106 1.00 35.59 ? 7   DT  A O2    1 
ATOM   1271 N  N3    . DT  B 2 7   ? -2.891  6.211   -20.924 1.00 31.63 ? 7   DT  A N3    1 
ATOM   1272 C  C4    . DT  B 2 7   ? -2.045  5.314   -20.314 1.00 31.64 ? 7   DT  A C4    1 
ATOM   1273 O  O4    . DT  B 2 7   ? -0.917  5.155   -20.720 1.00 33.21 ? 7   DT  A O4    1 
ATOM   1274 C  C5    . DT  B 2 7   ? -2.580  4.582   -19.196 1.00 33.37 ? 7   DT  A C5    1 
ATOM   1275 C  C7    . DT  B 2 7   ? -1.733  3.570   -18.482 1.00 34.98 ? 7   DT  A C7    1 
ATOM   1276 C  C6    . DT  B 2 7   ? -3.841  4.831   -18.825 1.00 30.35 ? 7   DT  A C6    1 
ATOM   1277 P  P     . DA  B 2 8   ? -9.982  4.213   -19.262 1.00 47.40 ? 8   DA  A P     1 
ATOM   1278 O  OP1   . DA  B 2 8   ? -11.273 4.163   -18.546 1.00 48.02 ? 8   DA  A OP1   1 
ATOM   1279 O  OP2   . DA  B 2 8   ? -9.218  2.966   -19.531 1.00 41.32 ? 8   DA  A OP2   1 
ATOM   1280 O  "O5'" . DA  B 2 8   ? -10.153 4.986   -20.655 1.00 44.81 ? 8   DA  A "O5'" 1 
ATOM   1281 C  "C5'" . DA  B 2 8   ? -10.053 6.401   -20.753 1.00 41.56 ? 8   DA  A "C5'" 1 
ATOM   1282 C  "C4'" . DA  B 2 8   ? -10.012 6.782   -22.222 1.00 35.54 ? 8   DA  A "C4'" 1 
ATOM   1283 O  "O4'" . DA  B 2 8   ? -8.647  6.851   -22.710 1.00 35.59 ? 8   DA  A "O4'" 1 
ATOM   1284 C  "C3'" . DA  B 2 8   ? -10.730 5.785   -23.116 1.00 39.50 ? 8   DA  A "C3'" 1 
ATOM   1285 O  "O3'" . DA  B 2 8   ? -11.509 6.497   -24.060 1.00 41.20 ? 8   DA  A "O3'" 1 
ATOM   1286 C  "C2'" . DA  B 2 8   ? -9.609  4.987   -23.785 1.00 37.06 ? 8   DA  A "C2'" 1 
ATOM   1287 C  "C1'" . DA  B 2 8   ? -8.435  5.956   -23.786 1.00 35.90 ? 8   DA  A "C1'" 1 
ATOM   1288 N  N9    . DA  B 2 8   ? -7.151  5.335   -23.505 1.00 34.49 ? 8   DA  A N9    1 
ATOM   1289 C  C8    . DA  B 2 8   ? -6.881  4.453   -22.497 1.00 35.43 ? 8   DA  A C8    1 
ATOM   1290 N  N7    . DA  B 2 8   ? -5.633  4.065   -22.447 1.00 33.67 ? 8   DA  A N7    1 
ATOM   1291 C  C5    . DA  B 2 8   ? -5.041  4.740   -23.505 1.00 34.92 ? 8   DA  A C5    1 
ATOM   1292 C  C6    . DA  B 2 8   ? -3.725  4.756   -24.000 1.00 35.64 ? 8   DA  A C6    1 
ATOM   1293 N  N6    . DA  B 2 8   ? -2.732  4.047   -23.457 1.00 39.63 ? 8   DA  A N6    1 
ATOM   1294 N  N1    . DA  B 2 8   ? -3.457  5.540   -25.063 1.00 36.19 ? 8   DA  A N1    1 
ATOM   1295 C  C2    . DA  B 2 8   ? -4.454  6.249   -25.603 1.00 36.86 ? 8   DA  A C2    1 
ATOM   1296 N  N3    . DA  B 2 8   ? -5.734  6.313   -25.235 1.00 36.12 ? 8   DA  A N3    1 
ATOM   1297 C  C4    . DA  B 2 8   ? -5.962  5.532   -24.164 1.00 35.41 ? 8   DA  A C4    1 
ATOM   1298 P  P     . DG  B 2 9   ? -12.361 5.692   -25.136 1.00 39.91 ? 9   DG  A P     1 
ATOM   1299 O  OP1   . DG  B 2 9   ? -13.589 6.462   -25.436 1.00 40.43 ? 9   DG  A OP1   1 
ATOM   1300 O  OP2   . DG  B 2 9   ? -12.420 4.289   -24.683 1.00 43.26 ? 9   DG  A OP2   1 
ATOM   1301 O  "O5'" . DG  B 2 9   ? -11.435 5.736   -26.429 1.00 41.99 ? 9   DG  A "O5'" 1 
ATOM   1302 C  "C5'" . DG  B 2 9   ? -11.082 6.984   -26.984 1.00 36.85 ? 9   DG  A "C5'" 1 
ATOM   1303 C  "C4'" . DG  B 2 9   ? -10.044 6.755   -28.060 1.00 41.14 ? 9   DG  A "C4'" 1 
ATOM   1304 O  "O4'" . DG  B 2 9   ? -8.785  6.298   -27.502 1.00 40.80 ? 9   DG  A "O4'" 1 
ATOM   1305 C  "C3'" . DG  B 2 9   ? -10.471 5.709   -29.077 1.00 45.72 ? 9   DG  A "C3'" 1 
ATOM   1306 O  "O3'" . DG  B 2 9   ? -10.449 6.339   -30.337 1.00 54.01 ? 9   DG  A "O3'" 1 
ATOM   1307 C  "C2'" . DG  B 2 9   ? -9.415  4.615   -28.986 1.00 47.02 ? 9   DG  A "C2'" 1 
ATOM   1308 C  "C1'" . DG  B 2 9   ? -8.223  5.332   -28.363 1.00 43.35 ? 9   DG  A "C1'" 1 
ATOM   1309 N  N9    . DG  B 2 9   ? -7.417  4.413   -27.575 1.00 39.88 ? 9   DG  A N9    1 
ATOM   1310 C  C8    . DG  B 2 9   ? -7.868  3.604   -26.554 1.00 39.08 ? 9   DG  A C8    1 
ATOM   1311 N  N7    . DG  B 2 9   ? -6.919  2.879   -26.023 1.00 39.29 ? 9   DG  A N7    1 
ATOM   1312 C  C5    . DG  B 2 9   ? -5.777  3.225   -26.741 1.00 38.02 ? 9   DG  A C5    1 
ATOM   1313 C  C6    . DG  B 2 9   ? -4.443  2.762   -26.628 1.00 38.49 ? 9   DG  A C6    1 
ATOM   1314 O  O6    . DG  B 2 9   ? -3.978  1.924   -25.850 1.00 39.90 ? 9   DG  A O6    1 
ATOM   1315 N  N1    . DG  B 2 9   ? -3.602  3.381   -27.541 1.00 37.25 ? 9   DG  A N1    1 
ATOM   1316 C  C2    . DG  B 2 9   ? -3.993  4.313   -28.463 1.00 36.43 ? 9   DG  A C2    1 
ATOM   1317 N  N2    . DG  B 2 9   ? -3.037  4.792   -29.273 1.00 40.30 ? 9   DG  A N2    1 
ATOM   1318 N  N3    . DG  B 2 9   ? -5.235  4.744   -28.590 1.00 38.48 ? 9   DG  A N3    1 
ATOM   1319 C  C4    . DG  B 2 9   ? -6.070  4.167   -27.697 1.00 37.26 ? 9   DG  A C4    1 
ATOM   1320 P  P     . DT  B 2 10  ? -11.088 5.617   -31.608 1.00 60.17 ? 10  DT  A P     1 
ATOM   1321 O  OP1   . DT  B 2 10  ? -11.677 6.705   -32.433 1.00 55.78 ? 10  DT  A OP1   1 
ATOM   1322 O  OP2   . DT  B 2 10  ? -11.913 4.473   -31.141 1.00 51.75 ? 10  DT  A OP2   1 
ATOM   1323 O  "O5'" . DT  B 2 10  ? -9.777  5.078   -32.357 1.00 55.75 ? 10  DT  A "O5'" 1 
ATOM   1324 C  "C5'" . DT  B 2 10  ? -8.815  6.055   -32.758 1.00 51.09 ? 10  DT  A "C5'" 1 
ATOM   1325 C  "C4'" . DT  B 2 10  ? -7.544  5.422   -33.286 1.00 54.09 ? 10  DT  A "C4'" 1 
ATOM   1326 O  "O4'" . DT  B 2 10  ? -6.823  4.759   -32.214 1.00 52.61 ? 10  DT  A "O4'" 1 
ATOM   1327 C  "C3'" . DT  B 2 10  ? -7.751  4.363   -34.366 1.00 57.25 ? 10  DT  A "C3'" 1 
ATOM   1328 O  "O3'" . DT  B 2 10  ? -6.716  4.518   -35.340 1.00 54.79 ? 10  DT  A "O3'" 1 
ATOM   1329 C  "C2'" . DT  B 2 10  ? -7.623  3.053   -33.590 1.00 49.98 ? 10  DT  A "C2'" 1 
ATOM   1330 C  "C1'" . DT  B 2 10  ? -6.495  3.451   -32.641 1.00 50.65 ? 10  DT  A "C1'" 1 
ATOM   1331 N  N1    . DT  B 2 10  ? -6.350  2.591   -31.442 1.00 43.15 ? 10  DT  A N1    1 
ATOM   1332 C  C2    . DT  B 2 10  ? -5.084  2.221   -31.059 1.00 39.90 ? 10  DT  A C2    1 
ATOM   1333 O  O2    . DT  B 2 10  ? -4.075  2.566   -31.642 1.00 46.08 ? 10  DT  A O2    1 
ATOM   1334 N  N3    . DT  B 2 10  ? -5.031  1.429   -29.953 1.00 38.02 ? 10  DT  A N3    1 
ATOM   1335 C  C4    . DT  B 2 10  ? -6.098  0.973   -29.217 1.00 38.39 ? 10  DT  A C4    1 
ATOM   1336 O  O4    . DT  B 2 10  ? -5.933  0.262   -28.236 1.00 41.25 ? 10  DT  A O4    1 
ATOM   1337 C  C5    . DT  B 2 10  ? -7.404  1.385   -29.668 1.00 39.85 ? 10  DT  A C5    1 
ATOM   1338 C  C7    . DT  B 2 10  ? -8.627  0.934   -28.919 1.00 39.97 ? 10  DT  A C7    1 
ATOM   1339 C  C6    . DT  B 2 10  ? -7.472  2.170   -30.750 1.00 41.53 ? 10  DT  A C6    1 
HETATM 1340 O  O     . HOH C 3 .   ? -5.247  7.795   -6.429  1.00 37.81 ? 2   HOH X O     1 
HETATM 1341 O  O     . HOH C 3 .   ? 8.719   -12.860 -1.641  1.00 33.81 ? 3   HOH X O     1 
HETATM 1342 O  O     . HOH C 3 .   ? -0.411  -13.092 0.502   1.00 38.19 ? 4   HOH X O     1 
HETATM 1343 O  O     . HOH C 3 .   ? -4.803  -14.879 11.214  1.00 40.73 ? 6   HOH X O     1 
HETATM 1344 O  O     . HOH C 3 .   ? -12.736 4.480   5.021   1.00 44.96 ? 7   HOH X O     1 
HETATM 1345 O  O     . HOH C 3 .   ? -12.282 1.523   7.018   1.00 43.97 ? 8   HOH X O     1 
HETATM 1346 O  O     . HOH C 3 .   ? -5.755  -10.688 10.939  1.00 37.97 ? 10  HOH X O     1 
HETATM 1347 O  O     . HOH C 3 .   ? 6.087   7.678   -2.991  1.00 43.41 ? 12  HOH X O     1 
HETATM 1348 O  O     . HOH C 3 .   ? 18.805  -13.865 -6.238  1.00 48.60 ? 14  HOH X O     1 
HETATM 1349 O  O     . HOH C 3 .   ? 1.170   -16.784 -0.018  1.00 43.76 ? 15  HOH X O     1 
HETATM 1350 O  O     . HOH C 3 .   ? -21.287 5.918   2.301   1.00 55.91 ? 17  HOH X O     1 
HETATM 1351 O  O     . HOH C 3 .   ? 1.388   -15.342 12.798  1.00 39.25 ? 18  HOH X O     1 
HETATM 1352 O  O     . HOH C 3 .   ? 9.603   -7.653  -8.764  1.00 52.94 ? 20  HOH X O     1 
HETATM 1353 O  O     . HOH C 3 .   ? 1.390   -0.419  10.318  1.00 41.01 ? 21  HOH X O     1 
HETATM 1354 O  O     . HOH C 3 .   ? -17.557 1.522   -10.009 1.00 56.72 ? 22  HOH X O     1 
HETATM 1355 O  O     . HOH C 3 .   ? -11.789 -10.652 11.321  1.00 49.50 ? 23  HOH X O     1 
HETATM 1356 O  O     . HOH C 3 .   ? 2.133   4.397   -13.435 1.00 31.75 ? 24  HOH X O     1 
HETATM 1357 O  O     . HOH C 3 .   ? 21.430  0.004   -8.753  1.00 54.98 ? 25  HOH X O     1 
HETATM 1358 O  O     . HOH C 3 .   ? 2.643   11.092  -0.545  1.00 45.21 ? 26  HOH X O     1 
HETATM 1359 O  O     . HOH C 3 .   ? 2.928   -12.117 11.068  1.00 45.54 ? 27  HOH X O     1 
HETATM 1360 O  O     . HOH C 3 .   ? 18.557  -0.550  2.387   1.00 57.50 ? 28  HOH X O     1 
HETATM 1361 O  O     . HOH C 3 .   ? -4.228  5.271   7.149   1.00 37.92 ? 29  HOH X O     1 
HETATM 1362 O  O     . HOH C 3 .   ? -4.133  -11.433 0.803   1.00 46.17 ? 30  HOH X O     1 
HETATM 1363 O  O     . HOH C 3 .   ? -9.951  -8.765  2.074   1.00 51.38 ? 34  HOH X O     1 
HETATM 1364 O  O     . HOH C 3 .   ? -12.404 -0.644  8.449   1.00 47.31 ? 35  HOH X O     1 
HETATM 1365 O  O     . HOH C 3 .   ? -9.563  4.510   11.768  1.00 43.46 ? 36  HOH X O     1 
HETATM 1366 O  O     . HOH C 3 .   ? -6.897  -8.716  -0.627  1.00 63.00 ? 38  HOH X O     1 
HETATM 1367 O  O     . HOH C 3 .   ? 13.697  -11.453 -9.697  1.00 70.45 ? 40  HOH X O     1 
HETATM 1368 O  O     . HOH C 3 .   ? -21.141 -1.223  3.111   1.00 59.99 ? 41  HOH X O     1 
HETATM 1369 O  O     . HOH C 3 .   ? 4.326   -0.866  -13.143 1.00 52.39 ? 42  HOH X O     1 
HETATM 1370 O  O     . HOH C 3 .   ? 1.977   -5.779  14.267  1.00 54.61 ? 43  HOH X O     1 
HETATM 1371 O  O     . HOH C 3 .   ? 12.799  2.942   -5.053  1.00 41.18 ? 44  HOH X O     1 
HETATM 1372 O  O     . HOH C 3 .   ? 9.630   4.853   -2.328  1.00 38.12 ? 45  HOH X O     1 
HETATM 1373 O  O     . HOH C 3 .   ? 10.920  -5.673  9.681   1.00 44.06 ? 46  HOH X O     1 
HETATM 1374 O  O     . HOH C 3 .   ? -2.830  -6.434  11.705  1.00 39.16 ? 47  HOH X O     1 
HETATM 1375 O  O     . HOH C 3 .   ? -5.077  -6.701  -8.066  1.00 49.84 ? 48  HOH X O     1 
HETATM 1376 O  O     . HOH C 3 .   ? 2.982   -2.315  12.700  1.00 44.41 ? 50  HOH X O     1 
HETATM 1377 O  O     . HOH C 3 .   ? -1.093  -11.609 -6.553  1.00 50.97 ? 52  HOH X O     1 
HETATM 1378 O  O     . HOH C 3 .   ? 6.089   -10.069 11.384  1.00 46.32 ? 53  HOH X O     1 
HETATM 1379 O  O     . HOH C 3 .   ? -3.597  8.334   1.771   1.00 36.79 ? 54  HOH X O     1 
HETATM 1380 O  O     . HOH C 3 .   ? 10.807  2.523   -11.281 1.00 55.02 ? 55  HOH X O     1 
HETATM 1381 O  O     . HOH C 3 .   ? 5.523   -12.570 -5.851  1.00 42.76 ? 58  HOH X O     1 
HETATM 1382 O  O     . HOH C 3 .   ? -3.601  16.680  6.149   1.00 61.26 ? 59  HOH X O     1 
HETATM 1383 O  O     . HOH C 3 .   ? 5.547   -1.349  -16.762 1.00 54.83 ? 62  HOH X O     1 
HETATM 1384 O  O     . HOH D 3 .   ? -1.193  -1.351  -12.399 1.00 44.41 ? 11  HOH A O     1 
HETATM 1385 O  O     . HOH D 3 .   ? 8.781   6.573   -13.337 1.00 44.20 ? 12  HOH A O     1 
HETATM 1386 O  O     . HOH D 3 .   ? -4.674  -0.411  -13.177 1.00 47.86 ? 13  HOH A O     1 
HETATM 1387 O  O     . HOH D 3 .   ? -6.999  8.659   -25.851 1.00 33.53 ? 14  HOH A O     1 
HETATM 1388 O  O     . HOH D 3 .   ? 1.905   10.233  -21.053 1.00 43.30 ? 15  HOH A O     1 
HETATM 1389 O  O     . HOH D 3 .   ? 3.040   6.217   -20.293 1.00 50.89 ? 16  HOH A O     1 
HETATM 1390 O  O     . HOH D 3 .   ? -7.755  1.012   -24.161 1.00 46.61 ? 19  HOH A O     1 
HETATM 1391 O  O     . HOH D 3 .   ? 15.309  10.102  -10.306 1.00 68.48 ? 31  HOH A O     1 
HETATM 1392 O  O     . HOH D 3 .   ? 13.321  17.739  -17.254 1.00 63.16 ? 32  HOH A O     1 
HETATM 1393 O  O     . HOH D 3 .   ? -3.502  1.461   -21.835 1.00 49.73 ? 33  HOH A O     1 
HETATM 1394 O  O     . HOH D 3 .   ? -5.236  0.240   -23.936 1.00 46.43 ? 37  HOH A O     1 
HETATM 1395 O  O     . HOH D 3 .   ? 1.835   9.609   -8.784  1.00 29.23 ? 39  HOH A O     1 
HETATM 1396 O  O     . HOH D 3 .   ? 5.830   15.412  -15.421 1.00 46.61 ? 49  HOH A O     1 
HETATM 1397 O  O     . HOH D 3 .   ? -7.789  2.310   -38.199 1.00 59.58 ? 51  HOH A O     1 
HETATM 1398 O  O     . HOH D 3 .   ? -7.390  5.907   -37.018 1.00 53.81 ? 56  HOH A O     1 
HETATM 1399 O  O     . HOH D 3 .   ? 11.380  5.028   -4.696  1.00 40.00 ? 57  HOH A O     1 
HETATM 1400 O  O     . HOH D 3 .   ? -10.713 1.580   -35.358 1.00 58.68 ? 60  HOH A O     1 
HETATM 1401 O  O     . HOH D 3 .   ? 9.580   5.799   -11.500 1.00 51.93 ? 61  HOH A O     1 
HETATM 1402 O  O     . HOH D 3 .   ? -6.695  -1.936  -12.149 1.00 49.61 ? 63  HOH A O     1 
# 
